data_8I1B
# 
_entry.id   8I1B 
# 
_audit_conform.dict_name       mmcif_pdbx.dic 
_audit_conform.dict_version    5.386 
_audit_conform.dict_location   http://mmcif.pdb.org/dictionaries/ascii/mmcif_pdbx.dic 
# 
loop_
_database_2.database_id 
_database_2.database_code 
_database_2.pdbx_database_accession 
_database_2.pdbx_DOI 
PDB   8I1B         pdb_00008i1b 10.2210/pdb8i1b/pdb 
WWPDB D_1000179978 ?            ?                   
# 
loop_
_pdbx_audit_revision_history.ordinal 
_pdbx_audit_revision_history.data_content_type 
_pdbx_audit_revision_history.major_revision 
_pdbx_audit_revision_history.minor_revision 
_pdbx_audit_revision_history.revision_date 
1 'Structure model' 1 0 1992-07-15 
2 'Structure model' 1 1 2008-03-25 
3 'Structure model' 1 2 2011-07-13 
4 'Structure model' 1 3 2017-11-29 
5 'Structure model' 1 4 2024-02-14 
# 
_pdbx_audit_revision_details.ordinal             1 
_pdbx_audit_revision_details.revision_ordinal    1 
_pdbx_audit_revision_details.data_content_type   'Structure model' 
_pdbx_audit_revision_details.provider            repository 
_pdbx_audit_revision_details.type                'Initial release' 
_pdbx_audit_revision_details.description         ? 
_pdbx_audit_revision_details.details             ? 
# 
loop_
_pdbx_audit_revision_group.ordinal 
_pdbx_audit_revision_group.revision_ordinal 
_pdbx_audit_revision_group.data_content_type 
_pdbx_audit_revision_group.group 
1 2 'Structure model' 'Version format compliance' 
2 3 'Structure model' 'Version format compliance' 
3 4 'Structure model' 'Derived calculations'      
4 4 'Structure model' Other                       
5 5 'Structure model' 'Data collection'           
6 5 'Structure model' 'Database references'       
# 
loop_
_pdbx_audit_revision_category.ordinal 
_pdbx_audit_revision_category.revision_ordinal 
_pdbx_audit_revision_category.data_content_type 
_pdbx_audit_revision_category.category 
1 4 'Structure model' pdbx_database_status 
2 4 'Structure model' struct_conf          
3 4 'Structure model' struct_conf_type     
4 5 'Structure model' chem_comp_atom       
5 5 'Structure model' chem_comp_bond       
6 5 'Structure model' database_2           
# 
loop_
_pdbx_audit_revision_item.ordinal 
_pdbx_audit_revision_item.revision_ordinal 
_pdbx_audit_revision_item.data_content_type 
_pdbx_audit_revision_item.item 
1 4 'Structure model' '_pdbx_database_status.process_site'  
2 5 'Structure model' '_database_2.pdbx_DOI'                
3 5 'Structure model' '_database_2.pdbx_database_accession' 
# 
_pdbx_database_status.status_code                     REL 
_pdbx_database_status.entry_id                        8I1B 
_pdbx_database_status.recvd_initial_deposition_date   1991-01-29 
_pdbx_database_status.deposit_site                    ? 
_pdbx_database_status.process_site                    BNL 
_pdbx_database_status.SG_entry                        . 
_pdbx_database_status.pdb_format_compatible           Y 
_pdbx_database_status.status_code_mr                  ? 
_pdbx_database_status.status_code_sf                  ? 
_pdbx_database_status.status_code_cs                  ? 
_pdbx_database_status.methods_development_category    ? 
_pdbx_database_status.status_code_nmr_data            ? 
# 
loop_
_audit_author.name 
_audit_author.pdbx_ordinal 
'Ohlendorf, D.H.' 1 
'Weber, P.C.'     2 
'Salemme, F.R.'   3 
# 
_citation.id                        primary 
_citation.title                     'A Comparison of the High Resolution Structures of Human and Murine Interleukin-1B' 
_citation.journal_abbrev            'To be Published' 
_citation.journal_volume            ? 
_citation.page_first                ? 
_citation.page_last                 ? 
_citation.year                      ? 
_citation.journal_id_ASTM           ? 
_citation.country                   ? 
_citation.journal_id_ISSN           ? 
_citation.journal_id_CSD            0353 
_citation.book_publisher            ? 
_citation.pdbx_database_id_PubMed   ? 
_citation.pdbx_database_id_DOI      ? 
# 
loop_
_citation_author.citation_id 
_citation_author.name 
_citation_author.ordinal 
_citation_author.identifier_ORCID 
primary 'Ohlendorf, D.H.'  1 ? 
primary 'Treharne, A.C.'   2 ? 
primary 'Weber, P.C.'      3 ? 
primary 'Wendoloski, J.J.' 4 ? 
primary 'Salemme, F.R.'    5 ? 
# 
loop_
_entity.id 
_entity.type 
_entity.src_method 
_entity.pdbx_description 
_entity.formula_weight 
_entity.pdbx_number_of_molecules 
_entity.pdbx_ec 
_entity.pdbx_mutation 
_entity.pdbx_fragment 
_entity.details 
1 polymer man 'INTERLEUKIN-1 BETA' 17415.877 1  ? ? ? ? 
2 water   nat water                18.015    86 ? ? ? ? 
# 
_entity_poly.entity_id                      1 
_entity_poly.type                           'polypeptide(L)' 
_entity_poly.nstd_linkage                   no 
_entity_poly.nstd_monomer                   no 
_entity_poly.pdbx_seq_one_letter_code       
;VPIRQLHYRLRDEQQKSLVLSDPYELKALHLNGQNINQQVIFSMSFVQGEPSNDKIPVALGLKGKNLYLSCVMKDGTPTL
QLESVDPKQYPKKKMEKRFVFNKIEVKSKVEFESAEFPNWYISTSQAEHKPVFLGNNSGQDIIDFTMESVSS
;
_entity_poly.pdbx_seq_one_letter_code_can   
;VPIRQLHYRLRDEQQKSLVLSDPYELKALHLNGQNINQQVIFSMSFVQGEPSNDKIPVALGLKGKNLYLSCVMKDGTPTL
QLESVDPKQYPKKKMEKRFVFNKIEVKSKVEFESAEFPNWYISTSQAEHKPVFLGNNSGQDIIDFTMESVSS
;
_entity_poly.pdbx_strand_id                 A 
_entity_poly.pdbx_target_identifier         ? 
# 
_pdbx_entity_nonpoly.entity_id   2 
_pdbx_entity_nonpoly.name        water 
_pdbx_entity_nonpoly.comp_id     HOH 
# 
loop_
_entity_poly_seq.entity_id 
_entity_poly_seq.num 
_entity_poly_seq.mon_id 
_entity_poly_seq.hetero 
1 1   VAL n 
1 2   PRO n 
1 3   ILE n 
1 4   ARG n 
1 5   GLN n 
1 6   LEU n 
1 7   HIS n 
1 8   TYR n 
1 9   ARG n 
1 10  LEU n 
1 11  ARG n 
1 12  ASP n 
1 13  GLU n 
1 14  GLN n 
1 15  GLN n 
1 16  LYS n 
1 17  SER n 
1 18  LEU n 
1 19  VAL n 
1 20  LEU n 
1 21  SER n 
1 22  ASP n 
1 23  PRO n 
1 24  TYR n 
1 25  GLU n 
1 26  LEU n 
1 27  LYS n 
1 28  ALA n 
1 29  LEU n 
1 30  HIS n 
1 31  LEU n 
1 32  ASN n 
1 33  GLY n 
1 34  GLN n 
1 35  ASN n 
1 36  ILE n 
1 37  ASN n 
1 38  GLN n 
1 39  GLN n 
1 40  VAL n 
1 41  ILE n 
1 42  PHE n 
1 43  SER n 
1 44  MET n 
1 45  SER n 
1 46  PHE n 
1 47  VAL n 
1 48  GLN n 
1 49  GLY n 
1 50  GLU n 
1 51  PRO n 
1 52  SER n 
1 53  ASN n 
1 54  ASP n 
1 55  LYS n 
1 56  ILE n 
1 57  PRO n 
1 58  VAL n 
1 59  ALA n 
1 60  LEU n 
1 61  GLY n 
1 62  LEU n 
1 63  LYS n 
1 64  GLY n 
1 65  LYS n 
1 66  ASN n 
1 67  LEU n 
1 68  TYR n 
1 69  LEU n 
1 70  SER n 
1 71  CYS n 
1 72  VAL n 
1 73  MET n 
1 74  LYS n 
1 75  ASP n 
1 76  GLY n 
1 77  THR n 
1 78  PRO n 
1 79  THR n 
1 80  LEU n 
1 81  GLN n 
1 82  LEU n 
1 83  GLU n 
1 84  SER n 
1 85  VAL n 
1 86  ASP n 
1 87  PRO n 
1 88  LYS n 
1 89  GLN n 
1 90  TYR n 
1 91  PRO n 
1 92  LYS n 
1 93  LYS n 
1 94  LYS n 
1 95  MET n 
1 96  GLU n 
1 97  LYS n 
1 98  ARG n 
1 99  PHE n 
1 100 VAL n 
1 101 PHE n 
1 102 ASN n 
1 103 LYS n 
1 104 ILE n 
1 105 GLU n 
1 106 VAL n 
1 107 LYS n 
1 108 SER n 
1 109 LYS n 
1 110 VAL n 
1 111 GLU n 
1 112 PHE n 
1 113 GLU n 
1 114 SER n 
1 115 ALA n 
1 116 GLU n 
1 117 PHE n 
1 118 PRO n 
1 119 ASN n 
1 120 TRP n 
1 121 TYR n 
1 122 ILE n 
1 123 SER n 
1 124 THR n 
1 125 SER n 
1 126 GLN n 
1 127 ALA n 
1 128 GLU n 
1 129 HIS n 
1 130 LYS n 
1 131 PRO n 
1 132 VAL n 
1 133 PHE n 
1 134 LEU n 
1 135 GLY n 
1 136 ASN n 
1 137 ASN n 
1 138 SER n 
1 139 GLY n 
1 140 GLN n 
1 141 ASP n 
1 142 ILE n 
1 143 ILE n 
1 144 ASP n 
1 145 PHE n 
1 146 THR n 
1 147 MET n 
1 148 GLU n 
1 149 SER n 
1 150 VAL n 
1 151 SER n 
1 152 SER n 
# 
_entity_src_gen.entity_id                          1 
_entity_src_gen.pdbx_src_id                        1 
_entity_src_gen.pdbx_alt_source_flag               sample 
_entity_src_gen.pdbx_seq_type                      ? 
_entity_src_gen.pdbx_beg_seq_num                   ? 
_entity_src_gen.pdbx_end_seq_num                   ? 
_entity_src_gen.gene_src_common_name               'house mouse' 
_entity_src_gen.gene_src_genus                     Mus 
_entity_src_gen.pdbx_gene_src_gene                 ? 
_entity_src_gen.gene_src_species                   ? 
_entity_src_gen.gene_src_strain                    ? 
_entity_src_gen.gene_src_tissue                    ? 
_entity_src_gen.gene_src_tissue_fraction           ? 
_entity_src_gen.gene_src_details                   ? 
_entity_src_gen.pdbx_gene_src_fragment             ? 
_entity_src_gen.pdbx_gene_src_scientific_name      'Mus musculus' 
_entity_src_gen.pdbx_gene_src_ncbi_taxonomy_id     10090 
_entity_src_gen.pdbx_gene_src_variant              ? 
_entity_src_gen.pdbx_gene_src_cell_line            ? 
_entity_src_gen.pdbx_gene_src_atcc                 ? 
_entity_src_gen.pdbx_gene_src_organ                ? 
_entity_src_gen.pdbx_gene_src_organelle            ? 
_entity_src_gen.pdbx_gene_src_cell                 ? 
_entity_src_gen.pdbx_gene_src_cellular_location    ? 
_entity_src_gen.host_org_common_name               ? 
_entity_src_gen.pdbx_host_org_scientific_name      ? 
_entity_src_gen.pdbx_host_org_ncbi_taxonomy_id     ? 
_entity_src_gen.host_org_genus                     ? 
_entity_src_gen.pdbx_host_org_gene                 ? 
_entity_src_gen.pdbx_host_org_organ                ? 
_entity_src_gen.host_org_species                   ? 
_entity_src_gen.pdbx_host_org_tissue               ? 
_entity_src_gen.pdbx_host_org_tissue_fraction      ? 
_entity_src_gen.pdbx_host_org_strain               ? 
_entity_src_gen.pdbx_host_org_variant              ? 
_entity_src_gen.pdbx_host_org_cell_line            ? 
_entity_src_gen.pdbx_host_org_atcc                 ? 
_entity_src_gen.pdbx_host_org_culture_collection   ? 
_entity_src_gen.pdbx_host_org_cell                 ? 
_entity_src_gen.pdbx_host_org_organelle            ? 
_entity_src_gen.pdbx_host_org_cellular_location    ? 
_entity_src_gen.pdbx_host_org_vector_type          ? 
_entity_src_gen.pdbx_host_org_vector               ? 
_entity_src_gen.host_org_details                   ? 
_entity_src_gen.expression_system_id               ? 
_entity_src_gen.plasmid_name                       ? 
_entity_src_gen.plasmid_details                    ? 
_entity_src_gen.pdbx_description                   ? 
# 
loop_
_chem_comp.id 
_chem_comp.type 
_chem_comp.mon_nstd_flag 
_chem_comp.name 
_chem_comp.pdbx_synonyms 
_chem_comp.formula 
_chem_comp.formula_weight 
ALA 'L-peptide linking' y ALANINE         ? 'C3 H7 N O2'     89.093  
ARG 'L-peptide linking' y ARGININE        ? 'C6 H15 N4 O2 1' 175.209 
ASN 'L-peptide linking' y ASPARAGINE      ? 'C4 H8 N2 O3'    132.118 
ASP 'L-peptide linking' y 'ASPARTIC ACID' ? 'C4 H7 N O4'     133.103 
CYS 'L-peptide linking' y CYSTEINE        ? 'C3 H7 N O2 S'   121.158 
GLN 'L-peptide linking' y GLUTAMINE       ? 'C5 H10 N2 O3'   146.144 
GLU 'L-peptide linking' y 'GLUTAMIC ACID' ? 'C5 H9 N O4'     147.129 
GLY 'peptide linking'   y GLYCINE         ? 'C2 H5 N O2'     75.067  
HIS 'L-peptide linking' y HISTIDINE       ? 'C6 H10 N3 O2 1' 156.162 
HOH non-polymer         . WATER           ? 'H2 O'           18.015  
ILE 'L-peptide linking' y ISOLEUCINE      ? 'C6 H13 N O2'    131.173 
LEU 'L-peptide linking' y LEUCINE         ? 'C6 H13 N O2'    131.173 
LYS 'L-peptide linking' y LYSINE          ? 'C6 H15 N2 O2 1' 147.195 
MET 'L-peptide linking' y METHIONINE      ? 'C5 H11 N O2 S'  149.211 
PHE 'L-peptide linking' y PHENYLALANINE   ? 'C9 H11 N O2'    165.189 
PRO 'L-peptide linking' y PROLINE         ? 'C5 H9 N O2'     115.130 
SER 'L-peptide linking' y SERINE          ? 'C3 H7 N O3'     105.093 
THR 'L-peptide linking' y THREONINE       ? 'C4 H9 N O3'     119.119 
TRP 'L-peptide linking' y TRYPTOPHAN      ? 'C11 H12 N2 O2'  204.225 
TYR 'L-peptide linking' y TYROSINE        ? 'C9 H11 N O3'    181.189 
VAL 'L-peptide linking' y VALINE          ? 'C5 H11 N O2'    117.146 
# 
loop_
_pdbx_poly_seq_scheme.asym_id 
_pdbx_poly_seq_scheme.entity_id 
_pdbx_poly_seq_scheme.seq_id 
_pdbx_poly_seq_scheme.mon_id 
_pdbx_poly_seq_scheme.ndb_seq_num 
_pdbx_poly_seq_scheme.pdb_seq_num 
_pdbx_poly_seq_scheme.auth_seq_num 
_pdbx_poly_seq_scheme.pdb_mon_id 
_pdbx_poly_seq_scheme.auth_mon_id 
_pdbx_poly_seq_scheme.pdb_strand_id 
_pdbx_poly_seq_scheme.pdb_ins_code 
_pdbx_poly_seq_scheme.hetero 
A 1 1   VAL 1   1   ?   ?   ?   A . n 
A 1 2   PRO 2   2   ?   ?   ?   A . n 
A 1 3   ILE 3   3   ?   ?   ?   A . n 
A 1 4   ARG 4   4   ?   ?   ?   A . n 
A 1 5   GLN 5   5   5   GLN GLN A . n 
A 1 6   LEU 6   6   6   LEU LEU A . n 
A 1 7   HIS 7   7   7   HIS HIS A . n 
A 1 8   TYR 8   8   8   TYR TYR A . n 
A 1 9   ARG 9   9   9   ARG ARG A . n 
A 1 10  LEU 10  10  10  LEU LEU A . n 
A 1 11  ARG 11  11  11  ARG ARG A . n 
A 1 12  ASP 12  12  12  ASP ASP A . n 
A 1 13  GLU 13  13  13  GLU GLU A . n 
A 1 14  GLN 14  14  14  GLN GLN A . n 
A 1 15  GLN 15  15  15  GLN GLN A . n 
A 1 16  LYS 16  16  16  LYS LYS A . n 
A 1 17  SER 17  17  17  SER SER A . n 
A 1 18  LEU 18  18  18  LEU LEU A . n 
A 1 19  VAL 19  19  19  VAL VAL A . n 
A 1 20  LEU 20  20  20  LEU LEU A . n 
A 1 21  SER 21  21  21  SER SER A . n 
A 1 22  ASP 22  22  22  ASP ASP A . n 
A 1 23  PRO 23  23  23  PRO PRO A . n 
A 1 24  TYR 24  24  24  TYR TYR A . n 
A 1 25  GLU 25  25  25  GLU GLU A . n 
A 1 26  LEU 26  26  26  LEU LEU A . n 
A 1 27  LYS 27  27  27  LYS LYS A . n 
A 1 28  ALA 28  28  28  ALA ALA A . n 
A 1 29  LEU 29  29  29  LEU LEU A . n 
A 1 30  HIS 30  30  30  HIS HIS A . n 
A 1 31  LEU 31  31  31  LEU LEU A . n 
A 1 32  ASN 32  32  32  ASN ASN A . n 
A 1 33  GLY 33  33  33  GLY GLY A . n 
A 1 34  GLN 34  34  34  GLN GLN A . n 
A 1 35  ASN 35  35  35  ASN ASN A . n 
A 1 36  ILE 36  36  36  ILE ILE A . n 
A 1 37  ASN 37  37  37  ASN ASN A . n 
A 1 38  GLN 38  38  38  GLN GLN A . n 
A 1 39  GLN 39  39  39  GLN GLN A . n 
A 1 40  VAL 40  40  40  VAL VAL A . n 
A 1 41  ILE 41  41  41  ILE ILE A . n 
A 1 42  PHE 42  42  42  PHE PHE A . n 
A 1 43  SER 43  43  43  SER SER A . n 
A 1 44  MET 44  44  44  MET MET A . n 
A 1 45  SER 45  45  45  SER SER A . n 
A 1 46  PHE 46  46  46  PHE PHE A . n 
A 1 47  VAL 47  47  47  VAL VAL A . n 
A 1 48  GLN 48  48  48  GLN GLN A . n 
A 1 49  GLY 49  49  49  GLY GLY A . n 
A 1 50  GLU 50  50  50  GLU GLU A . n 
A 1 51  PRO 51  51  51  PRO PRO A . n 
A 1 52  SER 52  52  52  SER SER A . n 
A 1 53  ASN 53  53  53  ASN ASN A . n 
A 1 54  ASP 54  54  54  ASP ASP A . n 
A 1 55  LYS 55  55  55  LYS LYS A . n 
A 1 56  ILE 56  56  56  ILE ILE A . n 
A 1 57  PRO 57  57  57  PRO PRO A . n 
A 1 58  VAL 58  58  58  VAL VAL A . n 
A 1 59  ALA 59  59  59  ALA ALA A . n 
A 1 60  LEU 60  60  60  LEU LEU A . n 
A 1 61  GLY 61  61  61  GLY GLY A . n 
A 1 62  LEU 62  62  62  LEU LEU A . n 
A 1 63  LYS 63  63  63  LYS LYS A . n 
A 1 64  GLY 64  64  64  GLY GLY A . n 
A 1 65  LYS 65  65  65  LYS LYS A . n 
A 1 66  ASN 66  66  66  ASN ASN A . n 
A 1 67  LEU 67  67  67  LEU LEU A . n 
A 1 68  TYR 68  68  68  TYR TYR A . n 
A 1 69  LEU 69  69  69  LEU LEU A . n 
A 1 70  SER 70  70  70  SER SER A . n 
A 1 71  CYS 71  71  71  CYS CYS A . n 
A 1 72  VAL 72  72  72  VAL VAL A . n 
A 1 73  MET 73  73  73  MET MET A . n 
A 1 74  LYS 74  74  74  LYS LYS A . n 
A 1 75  ASP 75  75  75  ASP ASP A . n 
A 1 76  GLY 76  76  76  GLY GLY A . n 
A 1 77  THR 77  77  77  THR THR A . n 
A 1 78  PRO 78  78  78  PRO PRO A . n 
A 1 79  THR 79  79  79  THR THR A . n 
A 1 80  LEU 80  80  80  LEU LEU A . n 
A 1 81  GLN 81  81  81  GLN GLN A . n 
A 1 82  LEU 82  82  82  LEU LEU A . n 
A 1 83  GLU 83  83  83  GLU GLU A . n 
A 1 84  SER 84  84  84  SER SER A . n 
A 1 85  VAL 85  85  85  VAL VAL A . n 
A 1 86  ASP 86  86  86  ASP ASP A . n 
A 1 87  PRO 87  87  87  PRO PRO A . n 
A 1 88  LYS 88  88  88  LYS LYS A . n 
A 1 89  GLN 89  89  89  GLN GLN A . n 
A 1 90  TYR 90  90  90  TYR TYR A . n 
A 1 91  PRO 91  91  91  PRO PRO A . n 
A 1 92  LYS 92  92  92  LYS LYS A . n 
A 1 93  LYS 93  93  93  LYS LYS A . n 
A 1 94  LYS 94  94  94  LYS LYS A . n 
A 1 95  MET 95  95  95  MET MET A . n 
A 1 96  GLU 96  96  96  GLU GLU A . n 
A 1 97  LYS 97  97  97  LYS LYS A . n 
A 1 98  ARG 98  98  98  ARG ARG A . n 
A 1 99  PHE 99  99  99  PHE PHE A . n 
A 1 100 VAL 100 100 100 VAL VAL A . n 
A 1 101 PHE 101 101 101 PHE PHE A . n 
A 1 102 ASN 102 102 102 ASN ASN A . n 
A 1 103 LYS 103 103 103 LYS LYS A . n 
A 1 104 ILE 104 104 104 ILE ILE A . n 
A 1 105 GLU 105 105 105 GLU GLU A . n 
A 1 106 VAL 106 106 106 VAL VAL A . n 
A 1 107 LYS 107 107 107 LYS LYS A . n 
A 1 108 SER 108 108 108 SER SER A . n 
A 1 109 LYS 109 109 109 LYS LYS A . n 
A 1 110 VAL 110 110 110 VAL VAL A . n 
A 1 111 GLU 111 111 111 GLU GLU A . n 
A 1 112 PHE 112 112 112 PHE PHE A . n 
A 1 113 GLU 113 113 113 GLU GLU A . n 
A 1 114 SER 114 114 114 SER SER A . n 
A 1 115 ALA 115 115 115 ALA ALA A . n 
A 1 116 GLU 116 116 116 GLU GLU A . n 
A 1 117 PHE 117 117 117 PHE PHE A . n 
A 1 118 PRO 118 118 118 PRO PRO A . n 
A 1 119 ASN 119 119 119 ASN ASN A . n 
A 1 120 TRP 120 120 120 TRP TRP A . n 
A 1 121 TYR 121 121 121 TYR TYR A . n 
A 1 122 ILE 122 122 122 ILE ILE A . n 
A 1 123 SER 123 123 123 SER SER A . n 
A 1 124 THR 124 124 124 THR THR A . n 
A 1 125 SER 125 125 125 SER SER A . n 
A 1 126 GLN 126 126 126 GLN GLN A . n 
A 1 127 ALA 127 127 127 ALA ALA A . n 
A 1 128 GLU 128 128 128 GLU GLU A . n 
A 1 129 HIS 129 129 129 HIS HIS A . n 
A 1 130 LYS 130 130 130 LYS LYS A . n 
A 1 131 PRO 131 131 131 PRO PRO A . n 
A 1 132 VAL 132 132 132 VAL VAL A . n 
A 1 133 PHE 133 133 133 PHE PHE A . n 
A 1 134 LEU 134 134 134 LEU LEU A . n 
A 1 135 GLY 135 135 135 GLY GLY A . n 
A 1 136 ASN 136 136 136 ASN ASN A . n 
A 1 137 ASN 137 137 137 ASN ASN A . n 
A 1 138 SER 138 138 138 SER SER A . n 
A 1 139 GLY 139 139 139 GLY GLY A . n 
A 1 140 GLN 140 141 141 GLN GLN A . n 
A 1 141 ASP 141 142 142 ASP ASP A . n 
A 1 142 ILE 142 143 143 ILE ILE A . n 
A 1 143 ILE 143 144 144 ILE ILE A . n 
A 1 144 ASP 144 145 145 ASP ASP A . n 
A 1 145 PHE 145 146 146 PHE PHE A . n 
A 1 146 THR 146 147 147 THR THR A . n 
A 1 147 MET 147 148 148 MET MET A . n 
A 1 148 GLU 148 149 149 GLU GLU A . n 
A 1 149 SER 149 150 150 SER SER A . n 
A 1 150 VAL 150 151 151 VAL VAL A . n 
A 1 151 SER 151 152 ?   ?   ?   A . n 
A 1 152 SER 152 153 ?   ?   ?   A . n 
# 
loop_
_pdbx_nonpoly_scheme.asym_id 
_pdbx_nonpoly_scheme.entity_id 
_pdbx_nonpoly_scheme.mon_id 
_pdbx_nonpoly_scheme.ndb_seq_num 
_pdbx_nonpoly_scheme.pdb_seq_num 
_pdbx_nonpoly_scheme.auth_seq_num 
_pdbx_nonpoly_scheme.pdb_mon_id 
_pdbx_nonpoly_scheme.auth_mon_id 
_pdbx_nonpoly_scheme.pdb_strand_id 
_pdbx_nonpoly_scheme.pdb_ins_code 
B 2 HOH 1  201 201 HOH HOH A . 
B 2 HOH 2  202 202 HOH HOH A . 
B 2 HOH 3  203 203 HOH HOH A . 
B 2 HOH 4  204 204 HOH HOH A . 
B 2 HOH 5  205 205 HOH HOH A . 
B 2 HOH 6  206 206 HOH HOH A . 
B 2 HOH 7  207 207 HOH HOH A . 
B 2 HOH 8  208 208 HOH HOH A . 
B 2 HOH 9  211 211 HOH HOH A . 
B 2 HOH 10 212 212 HOH HOH A . 
B 2 HOH 11 213 213 HOH HOH A . 
B 2 HOH 12 215 215 HOH HOH A . 
B 2 HOH 13 216 216 HOH HOH A . 
B 2 HOH 14 217 217 HOH HOH A . 
B 2 HOH 15 218 218 HOH HOH A . 
B 2 HOH 16 219 219 HOH HOH A . 
B 2 HOH 17 221 221 HOH HOH A . 
B 2 HOH 18 223 223 HOH HOH A . 
B 2 HOH 19 224 224 HOH HOH A . 
B 2 HOH 20 226 226 HOH HOH A . 
B 2 HOH 21 227 227 HOH HOH A . 
B 2 HOH 22 228 228 HOH HOH A . 
B 2 HOH 23 229 229 HOH HOH A . 
B 2 HOH 24 232 232 HOH HOH A . 
B 2 HOH 25 233 233 HOH HOH A . 
B 2 HOH 26 234 234 HOH HOH A . 
B 2 HOH 27 235 235 HOH HOH A . 
B 2 HOH 28 240 240 HOH HOH A . 
B 2 HOH 29 242 242 HOH HOH A . 
B 2 HOH 30 248 248 HOH HOH A . 
B 2 HOH 31 249 249 HOH HOH A . 
B 2 HOH 32 250 250 HOH HOH A . 
B 2 HOH 33 257 257 HOH HOH A . 
B 2 HOH 34 259 259 HOH HOH A . 
B 2 HOH 35 260 260 HOH HOH A . 
B 2 HOH 36 263 263 HOH HOH A . 
B 2 HOH 37 266 266 HOH HOH A . 
B 2 HOH 38 270 270 HOH HOH A . 
B 2 HOH 39 301 301 HOH HOH A . 
B 2 HOH 40 302 302 HOH HOH A . 
B 2 HOH 41 303 303 HOH HOH A . 
B 2 HOH 42 305 305 HOH HOH A . 
B 2 HOH 43 308 308 HOH HOH A . 
B 2 HOH 44 311 311 HOH HOH A . 
B 2 HOH 45 314 314 HOH HOH A . 
B 2 HOH 46 319 319 HOH HOH A . 
B 2 HOH 47 324 324 HOH HOH A . 
B 2 HOH 48 325 325 HOH HOH A . 
B 2 HOH 49 326 326 HOH HOH A . 
B 2 HOH 50 328 328 HOH HOH A . 
B 2 HOH 51 331 331 HOH HOH A . 
B 2 HOH 52 334 334 HOH HOH A . 
B 2 HOH 53 343 343 HOH HOH A . 
B 2 HOH 54 352 352 HOH HOH A . 
B 2 HOH 55 355 355 HOH HOH A . 
B 2 HOH 56 357 357 HOH HOH A . 
B 2 HOH 57 359 359 HOH HOH A . 
B 2 HOH 58 363 363 HOH HOH A . 
B 2 HOH 59 365 365 HOH HOH A . 
B 2 HOH 60 366 366 HOH HOH A . 
B 2 HOH 61 372 372 HOH HOH A . 
B 2 HOH 62 373 373 HOH HOH A . 
B 2 HOH 63 374 374 HOH HOH A . 
B 2 HOH 64 378 378 HOH HOH A . 
B 2 HOH 65 379 379 HOH HOH A . 
B 2 HOH 66 381 381 HOH HOH A . 
B 2 HOH 67 400 400 HOH HOH A . 
B 2 HOH 68 401 401 HOH HOH A . 
B 2 HOH 69 402 402 HOH HOH A . 
B 2 HOH 70 406 406 HOH HOH A . 
B 2 HOH 71 436 436 HOH HOH A . 
B 2 HOH 72 438 438 HOH HOH A . 
B 2 HOH 73 440 440 HOH HOH A . 
B 2 HOH 74 441 441 HOH HOH A . 
B 2 HOH 75 451 451 HOH HOH A . 
B 2 HOH 76 453 453 HOH HOH A . 
B 2 HOH 77 466 466 HOH HOH A . 
B 2 HOH 78 467 467 HOH HOH A . 
B 2 HOH 79 474 474 HOH HOH A . 
B 2 HOH 80 503 503 HOH HOH A . 
B 2 HOH 81 506 506 HOH HOH A . 
B 2 HOH 82 511 511 HOH HOH A . 
B 2 HOH 83 514 514 HOH HOH A . 
B 2 HOH 84 526 526 HOH HOH A . 
B 2 HOH 85 527 527 HOH HOH A . 
B 2 HOH 86 550 550 HOH HOH A . 
# 
_software.name             PROLSQ 
_software.classification   refinement 
_software.version          . 
_software.citation_id      ? 
_software.pdbx_ordinal     1 
# 
_cell.entry_id           8I1B 
_cell.length_a           55.710 
_cell.length_b           55.710 
_cell.length_c           79.000 
_cell.angle_alpha        90.00 
_cell.angle_beta         90.00 
_cell.angle_gamma        90.00 
_cell.Z_PDB              4 
_cell.pdbx_unique_axis   ? 
# 
_symmetry.entry_id                         8I1B 
_symmetry.space_group_name_H-M             'P 43' 
_symmetry.pdbx_full_space_group_name_H-M   ? 
_symmetry.cell_setting                     ? 
_symmetry.Int_Tables_number                78 
# 
_exptl.entry_id          8I1B 
_exptl.method            'X-RAY DIFFRACTION' 
_exptl.crystals_number   ? 
# 
_exptl_crystal.id                    1 
_exptl_crystal.density_meas          ? 
_exptl_crystal.density_Matthews      3.52 
_exptl_crystal.density_percent_sol   65.03 
_exptl_crystal.description           ? 
# 
_refine.entry_id                                 8I1B 
_refine.ls_number_reflns_obs                     6771 
_refine.ls_number_reflns_all                     ? 
_refine.pdbx_ls_sigma_I                          ? 
_refine.pdbx_ls_sigma_F                          ? 
_refine.pdbx_data_cutoff_high_absF               ? 
_refine.pdbx_data_cutoff_low_absF                ? 
_refine.pdbx_data_cutoff_high_rms_absF           ? 
_refine.ls_d_res_low                             5.0 
_refine.ls_d_res_high                            2.4 
_refine.ls_percent_reflns_obs                    ? 
_refine.ls_R_factor_obs                          0.1590000 
_refine.ls_R_factor_all                          ? 
_refine.ls_R_factor_R_work                       ? 
_refine.ls_R_factor_R_free                       ? 
_refine.ls_R_factor_R_free_error                 ? 
_refine.ls_R_factor_R_free_error_details         ? 
_refine.ls_percent_reflns_R_free                 ? 
_refine.ls_number_reflns_R_free                  ? 
_refine.ls_number_parameters                     ? 
_refine.ls_number_restraints                     ? 
_refine.occupancy_min                            ? 
_refine.occupancy_max                            ? 
_refine.B_iso_mean                               ? 
_refine.aniso_B[1][1]                            ? 
_refine.aniso_B[2][2]                            ? 
_refine.aniso_B[3][3]                            ? 
_refine.aniso_B[1][2]                            ? 
_refine.aniso_B[1][3]                            ? 
_refine.aniso_B[2][3]                            ? 
_refine.solvent_model_details                    ? 
_refine.solvent_model_param_ksol                 ? 
_refine.solvent_model_param_bsol                 ? 
_refine.pdbx_ls_cross_valid_method               ? 
_refine.details                                  ? 
_refine.pdbx_starting_model                      ? 
_refine.pdbx_method_to_determine_struct          ? 
_refine.pdbx_isotropic_thermal_model             ? 
_refine.pdbx_stereochemistry_target_values       ? 
_refine.pdbx_stereochem_target_val_spec_case     ? 
_refine.pdbx_R_Free_selection_details            ? 
_refine.pdbx_overall_ESU_R                       ? 
_refine.pdbx_overall_ESU_R_Free                  ? 
_refine.overall_SU_ML                            ? 
_refine.overall_SU_B                             ? 
_refine.pdbx_refine_id                           'X-RAY DIFFRACTION' 
_refine.pdbx_diffrn_id                           1 
_refine.pdbx_TLS_residual_ADP_flag               ? 
_refine.correlation_coeff_Fo_to_Fc               ? 
_refine.correlation_coeff_Fo_to_Fc_free          ? 
_refine.pdbx_solvent_vdw_probe_radii             ? 
_refine.pdbx_solvent_ion_probe_radii             ? 
_refine.pdbx_solvent_shrinkage_radii             ? 
_refine.pdbx_overall_phase_error                 ? 
_refine.overall_SU_R_Cruickshank_DPI             ? 
_refine.pdbx_overall_SU_R_free_Cruickshank_DPI   ? 
_refine.pdbx_overall_SU_R_Blow_DPI               ? 
_refine.pdbx_overall_SU_R_free_Blow_DPI          ? 
# 
_refine_hist.pdbx_refine_id                   'X-RAY DIFFRACTION' 
_refine_hist.cycle_id                         LAST 
_refine_hist.pdbx_number_atoms_protein        1190 
_refine_hist.pdbx_number_atoms_nucleic_acid   0 
_refine_hist.pdbx_number_atoms_ligand         0 
_refine_hist.number_atoms_solvent             86 
_refine_hist.number_atoms_total               1276 
_refine_hist.d_res_high                       2.4 
_refine_hist.d_res_low                        5.0 
# 
loop_
_refine_ls_restr.type 
_refine_ls_restr.dev_ideal 
_refine_ls_restr.dev_ideal_target 
_refine_ls_restr.weight 
_refine_ls_restr.number 
_refine_ls_restr.pdbx_refine_id 
_refine_ls_restr.pdbx_restraint_function 
p_bond_d            0.021 0.030 ? ? 'X-RAY DIFFRACTION' ? 
p_angle_d           0.038 0.040 ? ? 'X-RAY DIFFRACTION' ? 
p_angle_deg         ?     ?     ? ? 'X-RAY DIFFRACTION' ? 
p_planar_d          0.038 0.050 ? ? 'X-RAY DIFFRACTION' ? 
p_hb_or_metal_coord ?     ?     ? ? 'X-RAY DIFFRACTION' ? 
p_mcbond_it         1.047 1.000 ? ? 'X-RAY DIFFRACTION' ? 
p_mcangle_it        1.917 2.000 ? ? 'X-RAY DIFFRACTION' ? 
p_scbond_it         1.521 1.500 ? ? 'X-RAY DIFFRACTION' ? 
p_scangle_it        2.551 3.000 ? ? 'X-RAY DIFFRACTION' ? 
p_plane_restr       0.015 0.030 ? ? 'X-RAY DIFFRACTION' ? 
p_chiral_restr      0.260 0.300 ? ? 'X-RAY DIFFRACTION' ? 
p_singtor_nbd       0.217 0.500 ? ? 'X-RAY DIFFRACTION' ? 
p_multtor_nbd       0.253 0.500 ? ? 'X-RAY DIFFRACTION' ? 
p_xhyhbond_nbd      0.220 0.500 ? ? 'X-RAY DIFFRACTION' ? 
p_xyhbond_nbd       ?     ?     ? ? 'X-RAY DIFFRACTION' ? 
p_planar_tor        ?     ?     ? ? 'X-RAY DIFFRACTION' ? 
p_staggered_tor     ?     ?     ? ? 'X-RAY DIFFRACTION' ? 
p_orthonormal_tor   ?     ?     ? ? 'X-RAY DIFFRACTION' ? 
p_transverse_tor    ?     ?     ? ? 'X-RAY DIFFRACTION' ? 
p_special_tor       ?     ?     ? ? 'X-RAY DIFFRACTION' ? 
# 
loop_
_struct_ncs_oper.id 
_struct_ncs_oper.code 
_struct_ncs_oper.details 
_struct_ncs_oper.matrix[1][1] 
_struct_ncs_oper.matrix[1][2] 
_struct_ncs_oper.matrix[1][3] 
_struct_ncs_oper.matrix[2][1] 
_struct_ncs_oper.matrix[2][2] 
_struct_ncs_oper.matrix[2][3] 
_struct_ncs_oper.matrix[3][1] 
_struct_ncs_oper.matrix[3][2] 
_struct_ncs_oper.matrix[3][3] 
_struct_ncs_oper.vector[1] 
_struct_ncs_oper.vector[2] 
_struct_ncs_oper.vector[3] 
1 given ? -0.49183887 -0.86916990 -0.05144778 0.80408300  -0.43075182 -0.40975520 0.33398473  -0.24289744 0.91074069 0.75923  1.67184 0.30927 
2 given ? -0.49225492 0.80374894  0.33428430  -0.86950397 -0.43102006 -0.24265689 -0.05114820 -0.40951465 0.91052498 -1.07589 1.45442 0.44390 
# 
_struct.entry_id                  8I1B 
_struct.title                     'A COMPARISON OF THE HIGH RESOLUTION STRUCTURES OF HUMAN AND MURINE INTERLEUKIN-1B' 
_struct.pdbx_model_details        ? 
_struct.pdbx_CASP_flag            ? 
_struct.pdbx_model_type_details   ? 
# 
_struct_keywords.entry_id        8I1B 
_struct_keywords.pdbx_keywords   CYTOKINE 
_struct_keywords.text            CYTOKINE 
# 
loop_
_struct_asym.id 
_struct_asym.pdbx_blank_PDB_chainid_flag 
_struct_asym.pdbx_modified 
_struct_asym.entity_id 
_struct_asym.details 
A N N 1 ? 
B N N 2 ? 
# 
_struct_ref.id                         1 
_struct_ref.db_name                    UNP 
_struct_ref.db_code                    IL1B_MOUSE 
_struct_ref.entity_id                  1 
_struct_ref.pdbx_db_accession          P10749 
_struct_ref.pdbx_align_begin           1 
_struct_ref.pdbx_seq_one_letter_code   
;MATVPELNCEMPPFDSDENDLFFEVDGPQKMKGCFQTFDLGCPDESIQLQISQQHINKSFRQAVSLIVAVEKLWQLPVSF
PWTFQDEDMSTFFSFIFEEEPILCDSWDDDDNLLVCDVPIRQLHYRLRDEQQKSLVLSDPYELKALHLNGQNINQQVIFS
MSFVQGEPSNDKIPVALGLKGKNLYLSCVMKDGTPTLQLESVDPKQYPKKKMEKRFVFNKIEVKSKVEFESAEFPNWYIS
TSQAEHKPVFLGNNSGQDIIDFTMESVSS
;
_struct_ref.pdbx_db_isoform            ? 
# 
_struct_ref_seq.align_id                      1 
_struct_ref_seq.ref_id                        1 
_struct_ref_seq.pdbx_PDB_id_code              8I1B 
_struct_ref_seq.pdbx_strand_id                A 
_struct_ref_seq.seq_align_beg                 1 
_struct_ref_seq.pdbx_seq_align_beg_ins_code   ? 
_struct_ref_seq.seq_align_end                 152 
_struct_ref_seq.pdbx_seq_align_end_ins_code   ? 
_struct_ref_seq.pdbx_db_accession             P10749 
_struct_ref_seq.db_align_beg                  118 
_struct_ref_seq.pdbx_db_align_beg_ins_code    ? 
_struct_ref_seq.db_align_end                  269 
_struct_ref_seq.pdbx_db_align_end_ins_code    ? 
_struct_ref_seq.pdbx_auth_seq_align_beg       1 
_struct_ref_seq.pdbx_auth_seq_align_end       153 
# 
_pdbx_struct_assembly.id                   1 
_pdbx_struct_assembly.details              author_defined_assembly 
_pdbx_struct_assembly.method_details       ? 
_pdbx_struct_assembly.oligomeric_details   monomeric 
_pdbx_struct_assembly.oligomeric_count     1 
# 
_pdbx_struct_assembly_gen.assembly_id       1 
_pdbx_struct_assembly_gen.oper_expression   1 
_pdbx_struct_assembly_gen.asym_id_list      A,B 
# 
_pdbx_struct_oper_list.id                   1 
_pdbx_struct_oper_list.type                 'identity operation' 
_pdbx_struct_oper_list.name                 1_555 
_pdbx_struct_oper_list.symmetry_operation   x,y,z 
_pdbx_struct_oper_list.matrix[1][1]         1.0000000000 
_pdbx_struct_oper_list.matrix[1][2]         0.0000000000 
_pdbx_struct_oper_list.matrix[1][3]         0.0000000000 
_pdbx_struct_oper_list.vector[1]            0.0000000000 
_pdbx_struct_oper_list.matrix[2][1]         0.0000000000 
_pdbx_struct_oper_list.matrix[2][2]         1.0000000000 
_pdbx_struct_oper_list.matrix[2][3]         0.0000000000 
_pdbx_struct_oper_list.vector[2]            0.0000000000 
_pdbx_struct_oper_list.matrix[3][1]         0.0000000000 
_pdbx_struct_oper_list.matrix[3][2]         0.0000000000 
_pdbx_struct_oper_list.matrix[3][3]         1.0000000000 
_pdbx_struct_oper_list.vector[3]            0.0000000000 
# 
_struct_biol.id   1 
# 
_struct_conf.conf_type_id            HELX_P 
_struct_conf.id                      HELX_P1 
_struct_conf.pdbx_PDB_helix_id       HA 
_struct_conf.beg_label_comp_id       GLY 
_struct_conf.beg_label_asym_id       A 
_struct_conf.beg_label_seq_id        33 
_struct_conf.pdbx_beg_PDB_ins_code   ? 
_struct_conf.end_label_comp_id       GLN 
_struct_conf.end_label_asym_id       A 
_struct_conf.end_label_seq_id        38 
_struct_conf.pdbx_end_PDB_ins_code   ? 
_struct_conf.beg_auth_comp_id        GLY 
_struct_conf.beg_auth_asym_id        A 
_struct_conf.beg_auth_seq_id         33 
_struct_conf.end_auth_comp_id        GLN 
_struct_conf.end_auth_asym_id        A 
_struct_conf.end_auth_seq_id         38 
_struct_conf.pdbx_PDB_helix_class    5 
_struct_conf.details                 'MOTIF A LOOP 3 (KINKED)' 
_struct_conf.pdbx_PDB_helix_length   6 
# 
_struct_conf_type.id          HELX_P 
_struct_conf_type.criteria    ? 
_struct_conf_type.reference   ? 
# 
_struct_mon_prot_cis.pdbx_id                1 
_struct_mon_prot_cis.label_comp_id          TYR 
_struct_mon_prot_cis.label_seq_id           90 
_struct_mon_prot_cis.label_asym_id          A 
_struct_mon_prot_cis.label_alt_id           . 
_struct_mon_prot_cis.pdbx_PDB_ins_code      ? 
_struct_mon_prot_cis.auth_comp_id           TYR 
_struct_mon_prot_cis.auth_seq_id            90 
_struct_mon_prot_cis.auth_asym_id           A 
_struct_mon_prot_cis.pdbx_label_comp_id_2   PRO 
_struct_mon_prot_cis.pdbx_label_seq_id_2    91 
_struct_mon_prot_cis.pdbx_label_asym_id_2   A 
_struct_mon_prot_cis.pdbx_PDB_ins_code_2    ? 
_struct_mon_prot_cis.pdbx_auth_comp_id_2    PRO 
_struct_mon_prot_cis.pdbx_auth_seq_id_2     91 
_struct_mon_prot_cis.pdbx_auth_asym_id_2    A 
_struct_mon_prot_cis.pdbx_PDB_model_num     1 
_struct_mon_prot_cis.pdbx_omega_angle       0.29 
# 
loop_
_struct_sheet.id 
_struct_sheet.type 
_struct_sheet.number_strands 
_struct_sheet.details 
SA1 ? 1 ? 
SA2 ? 1 ? 
SA3 ? 1 ? 
SA4 ? 1 ? 
SB1 ? 1 ? 
SB2 ? 1 ? 
SB3 ? 1 ? 
SB4 ? 1 ? 
SC1 ? 1 ? 
SC2 ? 1 ? 
SC3 ? 1 ? 
SC4 ? 1 ? 
# 
loop_
_struct_sheet_range.sheet_id 
_struct_sheet_range.id 
_struct_sheet_range.beg_label_comp_id 
_struct_sheet_range.beg_label_asym_id 
_struct_sheet_range.beg_label_seq_id 
_struct_sheet_range.pdbx_beg_PDB_ins_code 
_struct_sheet_range.end_label_comp_id 
_struct_sheet_range.end_label_asym_id 
_struct_sheet_range.end_label_seq_id 
_struct_sheet_range.pdbx_end_PDB_ins_code 
_struct_sheet_range.beg_auth_comp_id 
_struct_sheet_range.beg_auth_asym_id 
_struct_sheet_range.beg_auth_seq_id 
_struct_sheet_range.end_auth_comp_id 
_struct_sheet_range.end_auth_asym_id 
_struct_sheet_range.end_auth_seq_id 
SA1 1 LEU A 6   ? ASP A 12  ? LEU A 6   ASP A 12  
SA2 1 SER A 17  ? SER A 21  ? SER A 17  SER A 21  
SA3 1 GLU A 25  ? LEU A 29  ? GLU A 25  LEU A 29  
SA4 1 PHE A 42  ? PHE A 46  ? PHE A 42  PHE A 46  
SB1 1 LYS A 55  ? LEU A 62  ? LYS A 55  LEU A 62  
SB2 1 LEU A 67  ? LYS A 74  ? LEU A 67  LYS A 74  
SB3 1 THR A 77  ? SER A 84  ? THR A 77  SER A 84  
SB4 1 VAL A 100 ? VAL A 106 ? VAL A 100 VAL A 106 
SC1 1 LYS A 109 ? SER A 114 ? LYS A 109 SER A 114 
SC2 1 TYR A 121 ? SER A 123 ? TYR A 121 SER A 123 
SC3 1 LYS A 130 ? GLY A 135 ? LYS A 130 GLY A 135 
SC4 1 PHE A 145 ? SER A 149 ? PHE A 146 SER A 150 
# 
_pdbx_validate_close_contact.id               1 
_pdbx_validate_close_contact.PDB_model_num    1 
_pdbx_validate_close_contact.auth_atom_id_1   OE2 
_pdbx_validate_close_contact.auth_asym_id_1   A 
_pdbx_validate_close_contact.auth_comp_id_1   GLU 
_pdbx_validate_close_contact.auth_seq_id_1    111 
_pdbx_validate_close_contact.PDB_ins_code_1   ? 
_pdbx_validate_close_contact.label_alt_id_1   ? 
_pdbx_validate_close_contact.auth_atom_id_2   OD1 
_pdbx_validate_close_contact.auth_asym_id_2   A 
_pdbx_validate_close_contact.auth_comp_id_2   ASP 
_pdbx_validate_close_contact.auth_seq_id_2    145 
_pdbx_validate_close_contact.PDB_ins_code_2   ? 
_pdbx_validate_close_contact.label_alt_id_2   ? 
_pdbx_validate_close_contact.dist             2.19 
# 
loop_
_pdbx_validate_rmsd_angle.id 
_pdbx_validate_rmsd_angle.PDB_model_num 
_pdbx_validate_rmsd_angle.auth_atom_id_1 
_pdbx_validate_rmsd_angle.auth_asym_id_1 
_pdbx_validate_rmsd_angle.auth_comp_id_1 
_pdbx_validate_rmsd_angle.auth_seq_id_1 
_pdbx_validate_rmsd_angle.PDB_ins_code_1 
_pdbx_validate_rmsd_angle.label_alt_id_1 
_pdbx_validate_rmsd_angle.auth_atom_id_2 
_pdbx_validate_rmsd_angle.auth_asym_id_2 
_pdbx_validate_rmsd_angle.auth_comp_id_2 
_pdbx_validate_rmsd_angle.auth_seq_id_2 
_pdbx_validate_rmsd_angle.PDB_ins_code_2 
_pdbx_validate_rmsd_angle.label_alt_id_2 
_pdbx_validate_rmsd_angle.auth_atom_id_3 
_pdbx_validate_rmsd_angle.auth_asym_id_3 
_pdbx_validate_rmsd_angle.auth_comp_id_3 
_pdbx_validate_rmsd_angle.auth_seq_id_3 
_pdbx_validate_rmsd_angle.PDB_ins_code_3 
_pdbx_validate_rmsd_angle.label_alt_id_3 
_pdbx_validate_rmsd_angle.angle_value 
_pdbx_validate_rmsd_angle.angle_target_value 
_pdbx_validate_rmsd_angle.angle_deviation 
_pdbx_validate_rmsd_angle.angle_standard_deviation 
_pdbx_validate_rmsd_angle.linker_flag 
1  1 NE  A ARG 9   ? ? CZ A ARG 9   ? ? NH1 A ARG 9   ? ? 125.12 120.30 4.82   0.50 N 
2  1 NE  A ARG 9   ? ? CZ A ARG 9   ? ? NH2 A ARG 9   ? ? 115.22 120.30 -5.08  0.50 N 
3  1 NE  A ARG 11  ? ? CZ A ARG 11  ? ? NH1 A ARG 11  ? ? 124.24 120.30 3.94   0.50 N 
4  1 NE  A ARG 11  ? ? CZ A ARG 11  ? ? NH2 A ARG 11  ? ? 114.60 120.30 -5.70  0.50 N 
5  1 N   A LYS 27  ? ? CA A LYS 27  ? ? CB  A LYS 27  ? ? 122.59 110.60 11.99  1.80 N 
6  1 CB  A ILE 36  ? ? CA A ILE 36  ? ? C   A ILE 36  ? ? 124.77 111.60 13.17  2.00 N 
7  1 N   A SER 43  ? ? CA A SER 43  ? ? CB  A SER 43  ? ? 121.44 110.50 10.94  1.50 N 
8  1 C   A GLU 50  ? ? N  A PRO 51  ? ? CA  A PRO 51  ? ? 128.76 119.30 9.46   1.50 Y 
9  1 CB  A ASP 54  ? ? CG A ASP 54  ? ? OD1 A ASP 54  ? ? 123.99 118.30 5.69   0.90 N 
10 1 N   A SER 70  ? ? CA A SER 70  ? ? CB  A SER 70  ? ? 98.83  110.50 -11.67 1.50 N 
11 1 CA  A LYS 92  ? ? CB A LYS 92  ? ? CG  A LYS 92  ? ? 128.30 113.40 14.90  2.20 N 
12 1 CA  A MET 95  ? ? CB A MET 95  ? ? CG  A MET 95  ? ? 126.72 113.30 13.42  1.70 N 
13 1 OE1 A GLU 128 ? ? CD A GLU 128 ? ? OE2 A GLU 128 ? ? 130.63 123.30 7.33   1.20 N 
14 1 CA  A THR 147 ? ? CB A THR 147 ? ? CG2 A THR 147 ? ? 123.95 112.40 11.55  1.40 N 
# 
loop_
_pdbx_validate_torsion.id 
_pdbx_validate_torsion.PDB_model_num 
_pdbx_validate_torsion.auth_comp_id 
_pdbx_validate_torsion.auth_asym_id 
_pdbx_validate_torsion.auth_seq_id 
_pdbx_validate_torsion.PDB_ins_code 
_pdbx_validate_torsion.label_alt_id 
_pdbx_validate_torsion.phi 
_pdbx_validate_torsion.psi 
1  1 ASP A 22  ? ? -4.02  -63.29  
2  1 PRO A 23  ? ? -70.25 37.89   
3  1 ASN A 35  ? ? -93.35 43.94   
4  1 PRO A 51  ? ? -16.18 136.79  
5  1 SER A 52  ? ? -54.18 -168.36 
6  1 ASN A 53  ? ? 138.79 22.66   
7  1 ASP A 54  ? ? 76.15  37.31   
8  1 ASN A 66  ? ? -92.56 48.73   
9  1 SER A 108 ? ? 79.58  -14.94  
10 1 GLN A 141 ? ? 78.43  -36.28  
# 
_pdbx_database_remark.id     700 
_pdbx_database_remark.text   
;SHEET
THE ARRANGEMENT OF THE STRANDS IN IL-1 MAKES A SHEET
DESIGNATION MEANINGLESS.  THE 12 STRANDS HAVE BEEN
PRESENTED AS 12 SHEETS OF ONE STRAND EACH ON THE SHEET
RECORDS BELOW.  THE FIRST GROUP OF FOUR STRANDS ARE PART OF
MOTIF A.  THE SECOND GROUP OF FOUR STRANDS ARE PART OF
MOTIF B.  THE THIRD GROUP OF FOUR STRANDS ARE PART OF MOTIF
C.
;
# 
_pdbx_entry_details.entry_id                 8I1B 
_pdbx_entry_details.compound_details         
;THE MOLECULE CAN BE DIVIDED INTO THREE SIMILAR MOTIFS,
(RESIDUES 1 - 55, RESIDUES 56 - 107, AND RESIDUES 108 -
153).  THESE MOTIFS ARE RELATED BY A LOCAL THREE-FOLD AXIS.
THE TRANSFORMATION PRESENTED IN MTRIX 1 PRODUCES MOTIFS BCA
FROM MOTIFS ABC.  THE TRANSFORMATION PRESENTED IN MTRIX 2
PRODUCES MOTIFS CAB FROM MOTIFS ABC.
;
_pdbx_entry_details.source_details           ? 
_pdbx_entry_details.nonpolymer_details       
;SOLVENT MOLECULES 201, 202 AND 204 COORDINATE THE 
INTERSECTIONS OF THREE BETA STRANDS.
;
_pdbx_entry_details.sequence_details         
;RESIDUES HAVE BEEN NUMBERED TO AGREE WITH HUMAN IL-1BETA.
THIS MEANS THERE IS NO RESIDUE 140.
;
_pdbx_entry_details.has_ligand_of_interest   ? 
# 
loop_
_pdbx_unobs_or_zero_occ_residues.id 
_pdbx_unobs_or_zero_occ_residues.PDB_model_num 
_pdbx_unobs_or_zero_occ_residues.polymer_flag 
_pdbx_unobs_or_zero_occ_residues.occupancy_flag 
_pdbx_unobs_or_zero_occ_residues.auth_asym_id 
_pdbx_unobs_or_zero_occ_residues.auth_comp_id 
_pdbx_unobs_or_zero_occ_residues.auth_seq_id 
_pdbx_unobs_or_zero_occ_residues.PDB_ins_code 
_pdbx_unobs_or_zero_occ_residues.label_asym_id 
_pdbx_unobs_or_zero_occ_residues.label_comp_id 
_pdbx_unobs_or_zero_occ_residues.label_seq_id 
1 1 Y 1 A VAL 1   ? A VAL 1   
2 1 Y 1 A PRO 2   ? A PRO 2   
3 1 Y 1 A ILE 3   ? A ILE 3   
4 1 Y 1 A ARG 4   ? A ARG 4   
5 1 Y 1 A SER 152 ? A SER 151 
6 1 Y 1 A SER 153 ? A SER 152 
# 
loop_
_chem_comp_atom.comp_id 
_chem_comp_atom.atom_id 
_chem_comp_atom.type_symbol 
_chem_comp_atom.pdbx_aromatic_flag 
_chem_comp_atom.pdbx_stereo_config 
_chem_comp_atom.pdbx_ordinal 
ALA N    N N N 1   
ALA CA   C N S 2   
ALA C    C N N 3   
ALA O    O N N 4   
ALA CB   C N N 5   
ALA OXT  O N N 6   
ALA H    H N N 7   
ALA H2   H N N 8   
ALA HA   H N N 9   
ALA HB1  H N N 10  
ALA HB2  H N N 11  
ALA HB3  H N N 12  
ALA HXT  H N N 13  
ARG N    N N N 14  
ARG CA   C N S 15  
ARG C    C N N 16  
ARG O    O N N 17  
ARG CB   C N N 18  
ARG CG   C N N 19  
ARG CD   C N N 20  
ARG NE   N N N 21  
ARG CZ   C N N 22  
ARG NH1  N N N 23  
ARG NH2  N N N 24  
ARG OXT  O N N 25  
ARG H    H N N 26  
ARG H2   H N N 27  
ARG HA   H N N 28  
ARG HB2  H N N 29  
ARG HB3  H N N 30  
ARG HG2  H N N 31  
ARG HG3  H N N 32  
ARG HD2  H N N 33  
ARG HD3  H N N 34  
ARG HE   H N N 35  
ARG HH11 H N N 36  
ARG HH12 H N N 37  
ARG HH21 H N N 38  
ARG HH22 H N N 39  
ARG HXT  H N N 40  
ASN N    N N N 41  
ASN CA   C N S 42  
ASN C    C N N 43  
ASN O    O N N 44  
ASN CB   C N N 45  
ASN CG   C N N 46  
ASN OD1  O N N 47  
ASN ND2  N N N 48  
ASN OXT  O N N 49  
ASN H    H N N 50  
ASN H2   H N N 51  
ASN HA   H N N 52  
ASN HB2  H N N 53  
ASN HB3  H N N 54  
ASN HD21 H N N 55  
ASN HD22 H N N 56  
ASN HXT  H N N 57  
ASP N    N N N 58  
ASP CA   C N S 59  
ASP C    C N N 60  
ASP O    O N N 61  
ASP CB   C N N 62  
ASP CG   C N N 63  
ASP OD1  O N N 64  
ASP OD2  O N N 65  
ASP OXT  O N N 66  
ASP H    H N N 67  
ASP H2   H N N 68  
ASP HA   H N N 69  
ASP HB2  H N N 70  
ASP HB3  H N N 71  
ASP HD2  H N N 72  
ASP HXT  H N N 73  
CYS N    N N N 74  
CYS CA   C N R 75  
CYS C    C N N 76  
CYS O    O N N 77  
CYS CB   C N N 78  
CYS SG   S N N 79  
CYS OXT  O N N 80  
CYS H    H N N 81  
CYS H2   H N N 82  
CYS HA   H N N 83  
CYS HB2  H N N 84  
CYS HB3  H N N 85  
CYS HG   H N N 86  
CYS HXT  H N N 87  
GLN N    N N N 88  
GLN CA   C N S 89  
GLN C    C N N 90  
GLN O    O N N 91  
GLN CB   C N N 92  
GLN CG   C N N 93  
GLN CD   C N N 94  
GLN OE1  O N N 95  
GLN NE2  N N N 96  
GLN OXT  O N N 97  
GLN H    H N N 98  
GLN H2   H N N 99  
GLN HA   H N N 100 
GLN HB2  H N N 101 
GLN HB3  H N N 102 
GLN HG2  H N N 103 
GLN HG3  H N N 104 
GLN HE21 H N N 105 
GLN HE22 H N N 106 
GLN HXT  H N N 107 
GLU N    N N N 108 
GLU CA   C N S 109 
GLU C    C N N 110 
GLU O    O N N 111 
GLU CB   C N N 112 
GLU CG   C N N 113 
GLU CD   C N N 114 
GLU OE1  O N N 115 
GLU OE2  O N N 116 
GLU OXT  O N N 117 
GLU H    H N N 118 
GLU H2   H N N 119 
GLU HA   H N N 120 
GLU HB2  H N N 121 
GLU HB3  H N N 122 
GLU HG2  H N N 123 
GLU HG3  H N N 124 
GLU HE2  H N N 125 
GLU HXT  H N N 126 
GLY N    N N N 127 
GLY CA   C N N 128 
GLY C    C N N 129 
GLY O    O N N 130 
GLY OXT  O N N 131 
GLY H    H N N 132 
GLY H2   H N N 133 
GLY HA2  H N N 134 
GLY HA3  H N N 135 
GLY HXT  H N N 136 
HIS N    N N N 137 
HIS CA   C N S 138 
HIS C    C N N 139 
HIS O    O N N 140 
HIS CB   C N N 141 
HIS CG   C Y N 142 
HIS ND1  N Y N 143 
HIS CD2  C Y N 144 
HIS CE1  C Y N 145 
HIS NE2  N Y N 146 
HIS OXT  O N N 147 
HIS H    H N N 148 
HIS H2   H N N 149 
HIS HA   H N N 150 
HIS HB2  H N N 151 
HIS HB3  H N N 152 
HIS HD1  H N N 153 
HIS HD2  H N N 154 
HIS HE1  H N N 155 
HIS HE2  H N N 156 
HIS HXT  H N N 157 
HOH O    O N N 158 
HOH H1   H N N 159 
HOH H2   H N N 160 
ILE N    N N N 161 
ILE CA   C N S 162 
ILE C    C N N 163 
ILE O    O N N 164 
ILE CB   C N S 165 
ILE CG1  C N N 166 
ILE CG2  C N N 167 
ILE CD1  C N N 168 
ILE OXT  O N N 169 
ILE H    H N N 170 
ILE H2   H N N 171 
ILE HA   H N N 172 
ILE HB   H N N 173 
ILE HG12 H N N 174 
ILE HG13 H N N 175 
ILE HG21 H N N 176 
ILE HG22 H N N 177 
ILE HG23 H N N 178 
ILE HD11 H N N 179 
ILE HD12 H N N 180 
ILE HD13 H N N 181 
ILE HXT  H N N 182 
LEU N    N N N 183 
LEU CA   C N S 184 
LEU C    C N N 185 
LEU O    O N N 186 
LEU CB   C N N 187 
LEU CG   C N N 188 
LEU CD1  C N N 189 
LEU CD2  C N N 190 
LEU OXT  O N N 191 
LEU H    H N N 192 
LEU H2   H N N 193 
LEU HA   H N N 194 
LEU HB2  H N N 195 
LEU HB3  H N N 196 
LEU HG   H N N 197 
LEU HD11 H N N 198 
LEU HD12 H N N 199 
LEU HD13 H N N 200 
LEU HD21 H N N 201 
LEU HD22 H N N 202 
LEU HD23 H N N 203 
LEU HXT  H N N 204 
LYS N    N N N 205 
LYS CA   C N S 206 
LYS C    C N N 207 
LYS O    O N N 208 
LYS CB   C N N 209 
LYS CG   C N N 210 
LYS CD   C N N 211 
LYS CE   C N N 212 
LYS NZ   N N N 213 
LYS OXT  O N N 214 
LYS H    H N N 215 
LYS H2   H N N 216 
LYS HA   H N N 217 
LYS HB2  H N N 218 
LYS HB3  H N N 219 
LYS HG2  H N N 220 
LYS HG3  H N N 221 
LYS HD2  H N N 222 
LYS HD3  H N N 223 
LYS HE2  H N N 224 
LYS HE3  H N N 225 
LYS HZ1  H N N 226 
LYS HZ2  H N N 227 
LYS HZ3  H N N 228 
LYS HXT  H N N 229 
MET N    N N N 230 
MET CA   C N S 231 
MET C    C N N 232 
MET O    O N N 233 
MET CB   C N N 234 
MET CG   C N N 235 
MET SD   S N N 236 
MET CE   C N N 237 
MET OXT  O N N 238 
MET H    H N N 239 
MET H2   H N N 240 
MET HA   H N N 241 
MET HB2  H N N 242 
MET HB3  H N N 243 
MET HG2  H N N 244 
MET HG3  H N N 245 
MET HE1  H N N 246 
MET HE2  H N N 247 
MET HE3  H N N 248 
MET HXT  H N N 249 
PHE N    N N N 250 
PHE CA   C N S 251 
PHE C    C N N 252 
PHE O    O N N 253 
PHE CB   C N N 254 
PHE CG   C Y N 255 
PHE CD1  C Y N 256 
PHE CD2  C Y N 257 
PHE CE1  C Y N 258 
PHE CE2  C Y N 259 
PHE CZ   C Y N 260 
PHE OXT  O N N 261 
PHE H    H N N 262 
PHE H2   H N N 263 
PHE HA   H N N 264 
PHE HB2  H N N 265 
PHE HB3  H N N 266 
PHE HD1  H N N 267 
PHE HD2  H N N 268 
PHE HE1  H N N 269 
PHE HE2  H N N 270 
PHE HZ   H N N 271 
PHE HXT  H N N 272 
PRO N    N N N 273 
PRO CA   C N S 274 
PRO C    C N N 275 
PRO O    O N N 276 
PRO CB   C N N 277 
PRO CG   C N N 278 
PRO CD   C N N 279 
PRO OXT  O N N 280 
PRO H    H N N 281 
PRO HA   H N N 282 
PRO HB2  H N N 283 
PRO HB3  H N N 284 
PRO HG2  H N N 285 
PRO HG3  H N N 286 
PRO HD2  H N N 287 
PRO HD3  H N N 288 
PRO HXT  H N N 289 
SER N    N N N 290 
SER CA   C N S 291 
SER C    C N N 292 
SER O    O N N 293 
SER CB   C N N 294 
SER OG   O N N 295 
SER OXT  O N N 296 
SER H    H N N 297 
SER H2   H N N 298 
SER HA   H N N 299 
SER HB2  H N N 300 
SER HB3  H N N 301 
SER HG   H N N 302 
SER HXT  H N N 303 
THR N    N N N 304 
THR CA   C N S 305 
THR C    C N N 306 
THR O    O N N 307 
THR CB   C N R 308 
THR OG1  O N N 309 
THR CG2  C N N 310 
THR OXT  O N N 311 
THR H    H N N 312 
THR H2   H N N 313 
THR HA   H N N 314 
THR HB   H N N 315 
THR HG1  H N N 316 
THR HG21 H N N 317 
THR HG22 H N N 318 
THR HG23 H N N 319 
THR HXT  H N N 320 
TRP N    N N N 321 
TRP CA   C N S 322 
TRP C    C N N 323 
TRP O    O N N 324 
TRP CB   C N N 325 
TRP CG   C Y N 326 
TRP CD1  C Y N 327 
TRP CD2  C Y N 328 
TRP NE1  N Y N 329 
TRP CE2  C Y N 330 
TRP CE3  C Y N 331 
TRP CZ2  C Y N 332 
TRP CZ3  C Y N 333 
TRP CH2  C Y N 334 
TRP OXT  O N N 335 
TRP H    H N N 336 
TRP H2   H N N 337 
TRP HA   H N N 338 
TRP HB2  H N N 339 
TRP HB3  H N N 340 
TRP HD1  H N N 341 
TRP HE1  H N N 342 
TRP HE3  H N N 343 
TRP HZ2  H N N 344 
TRP HZ3  H N N 345 
TRP HH2  H N N 346 
TRP HXT  H N N 347 
TYR N    N N N 348 
TYR CA   C N S 349 
TYR C    C N N 350 
TYR O    O N N 351 
TYR CB   C N N 352 
TYR CG   C Y N 353 
TYR CD1  C Y N 354 
TYR CD2  C Y N 355 
TYR CE1  C Y N 356 
TYR CE2  C Y N 357 
TYR CZ   C Y N 358 
TYR OH   O N N 359 
TYR OXT  O N N 360 
TYR H    H N N 361 
TYR H2   H N N 362 
TYR HA   H N N 363 
TYR HB2  H N N 364 
TYR HB3  H N N 365 
TYR HD1  H N N 366 
TYR HD2  H N N 367 
TYR HE1  H N N 368 
TYR HE2  H N N 369 
TYR HH   H N N 370 
TYR HXT  H N N 371 
VAL N    N N N 372 
VAL CA   C N S 373 
VAL C    C N N 374 
VAL O    O N N 375 
VAL CB   C N N 376 
VAL CG1  C N N 377 
VAL CG2  C N N 378 
VAL OXT  O N N 379 
VAL H    H N N 380 
VAL H2   H N N 381 
VAL HA   H N N 382 
VAL HB   H N N 383 
VAL HG11 H N N 384 
VAL HG12 H N N 385 
VAL HG13 H N N 386 
VAL HG21 H N N 387 
VAL HG22 H N N 388 
VAL HG23 H N N 389 
VAL HXT  H N N 390 
# 
loop_
_chem_comp_bond.comp_id 
_chem_comp_bond.atom_id_1 
_chem_comp_bond.atom_id_2 
_chem_comp_bond.value_order 
_chem_comp_bond.pdbx_aromatic_flag 
_chem_comp_bond.pdbx_stereo_config 
_chem_comp_bond.pdbx_ordinal 
ALA N   CA   sing N N 1   
ALA N   H    sing N N 2   
ALA N   H2   sing N N 3   
ALA CA  C    sing N N 4   
ALA CA  CB   sing N N 5   
ALA CA  HA   sing N N 6   
ALA C   O    doub N N 7   
ALA C   OXT  sing N N 8   
ALA CB  HB1  sing N N 9   
ALA CB  HB2  sing N N 10  
ALA CB  HB3  sing N N 11  
ALA OXT HXT  sing N N 12  
ARG N   CA   sing N N 13  
ARG N   H    sing N N 14  
ARG N   H2   sing N N 15  
ARG CA  C    sing N N 16  
ARG CA  CB   sing N N 17  
ARG CA  HA   sing N N 18  
ARG C   O    doub N N 19  
ARG C   OXT  sing N N 20  
ARG CB  CG   sing N N 21  
ARG CB  HB2  sing N N 22  
ARG CB  HB3  sing N N 23  
ARG CG  CD   sing N N 24  
ARG CG  HG2  sing N N 25  
ARG CG  HG3  sing N N 26  
ARG CD  NE   sing N N 27  
ARG CD  HD2  sing N N 28  
ARG CD  HD3  sing N N 29  
ARG NE  CZ   sing N N 30  
ARG NE  HE   sing N N 31  
ARG CZ  NH1  sing N N 32  
ARG CZ  NH2  doub N N 33  
ARG NH1 HH11 sing N N 34  
ARG NH1 HH12 sing N N 35  
ARG NH2 HH21 sing N N 36  
ARG NH2 HH22 sing N N 37  
ARG OXT HXT  sing N N 38  
ASN N   CA   sing N N 39  
ASN N   H    sing N N 40  
ASN N   H2   sing N N 41  
ASN CA  C    sing N N 42  
ASN CA  CB   sing N N 43  
ASN CA  HA   sing N N 44  
ASN C   O    doub N N 45  
ASN C   OXT  sing N N 46  
ASN CB  CG   sing N N 47  
ASN CB  HB2  sing N N 48  
ASN CB  HB3  sing N N 49  
ASN CG  OD1  doub N N 50  
ASN CG  ND2  sing N N 51  
ASN ND2 HD21 sing N N 52  
ASN ND2 HD22 sing N N 53  
ASN OXT HXT  sing N N 54  
ASP N   CA   sing N N 55  
ASP N   H    sing N N 56  
ASP N   H2   sing N N 57  
ASP CA  C    sing N N 58  
ASP CA  CB   sing N N 59  
ASP CA  HA   sing N N 60  
ASP C   O    doub N N 61  
ASP C   OXT  sing N N 62  
ASP CB  CG   sing N N 63  
ASP CB  HB2  sing N N 64  
ASP CB  HB3  sing N N 65  
ASP CG  OD1  doub N N 66  
ASP CG  OD2  sing N N 67  
ASP OD2 HD2  sing N N 68  
ASP OXT HXT  sing N N 69  
CYS N   CA   sing N N 70  
CYS N   H    sing N N 71  
CYS N   H2   sing N N 72  
CYS CA  C    sing N N 73  
CYS CA  CB   sing N N 74  
CYS CA  HA   sing N N 75  
CYS C   O    doub N N 76  
CYS C   OXT  sing N N 77  
CYS CB  SG   sing N N 78  
CYS CB  HB2  sing N N 79  
CYS CB  HB3  sing N N 80  
CYS SG  HG   sing N N 81  
CYS OXT HXT  sing N N 82  
GLN N   CA   sing N N 83  
GLN N   H    sing N N 84  
GLN N   H2   sing N N 85  
GLN CA  C    sing N N 86  
GLN CA  CB   sing N N 87  
GLN CA  HA   sing N N 88  
GLN C   O    doub N N 89  
GLN C   OXT  sing N N 90  
GLN CB  CG   sing N N 91  
GLN CB  HB2  sing N N 92  
GLN CB  HB3  sing N N 93  
GLN CG  CD   sing N N 94  
GLN CG  HG2  sing N N 95  
GLN CG  HG3  sing N N 96  
GLN CD  OE1  doub N N 97  
GLN CD  NE2  sing N N 98  
GLN NE2 HE21 sing N N 99  
GLN NE2 HE22 sing N N 100 
GLN OXT HXT  sing N N 101 
GLU N   CA   sing N N 102 
GLU N   H    sing N N 103 
GLU N   H2   sing N N 104 
GLU CA  C    sing N N 105 
GLU CA  CB   sing N N 106 
GLU CA  HA   sing N N 107 
GLU C   O    doub N N 108 
GLU C   OXT  sing N N 109 
GLU CB  CG   sing N N 110 
GLU CB  HB2  sing N N 111 
GLU CB  HB3  sing N N 112 
GLU CG  CD   sing N N 113 
GLU CG  HG2  sing N N 114 
GLU CG  HG3  sing N N 115 
GLU CD  OE1  doub N N 116 
GLU CD  OE2  sing N N 117 
GLU OE2 HE2  sing N N 118 
GLU OXT HXT  sing N N 119 
GLY N   CA   sing N N 120 
GLY N   H    sing N N 121 
GLY N   H2   sing N N 122 
GLY CA  C    sing N N 123 
GLY CA  HA2  sing N N 124 
GLY CA  HA3  sing N N 125 
GLY C   O    doub N N 126 
GLY C   OXT  sing N N 127 
GLY OXT HXT  sing N N 128 
HIS N   CA   sing N N 129 
HIS N   H    sing N N 130 
HIS N   H2   sing N N 131 
HIS CA  C    sing N N 132 
HIS CA  CB   sing N N 133 
HIS CA  HA   sing N N 134 
HIS C   O    doub N N 135 
HIS C   OXT  sing N N 136 
HIS CB  CG   sing N N 137 
HIS CB  HB2  sing N N 138 
HIS CB  HB3  sing N N 139 
HIS CG  ND1  sing Y N 140 
HIS CG  CD2  doub Y N 141 
HIS ND1 CE1  doub Y N 142 
HIS ND1 HD1  sing N N 143 
HIS CD2 NE2  sing Y N 144 
HIS CD2 HD2  sing N N 145 
HIS CE1 NE2  sing Y N 146 
HIS CE1 HE1  sing N N 147 
HIS NE2 HE2  sing N N 148 
HIS OXT HXT  sing N N 149 
HOH O   H1   sing N N 150 
HOH O   H2   sing N N 151 
ILE N   CA   sing N N 152 
ILE N   H    sing N N 153 
ILE N   H2   sing N N 154 
ILE CA  C    sing N N 155 
ILE CA  CB   sing N N 156 
ILE CA  HA   sing N N 157 
ILE C   O    doub N N 158 
ILE C   OXT  sing N N 159 
ILE CB  CG1  sing N N 160 
ILE CB  CG2  sing N N 161 
ILE CB  HB   sing N N 162 
ILE CG1 CD1  sing N N 163 
ILE CG1 HG12 sing N N 164 
ILE CG1 HG13 sing N N 165 
ILE CG2 HG21 sing N N 166 
ILE CG2 HG22 sing N N 167 
ILE CG2 HG23 sing N N 168 
ILE CD1 HD11 sing N N 169 
ILE CD1 HD12 sing N N 170 
ILE CD1 HD13 sing N N 171 
ILE OXT HXT  sing N N 172 
LEU N   CA   sing N N 173 
LEU N   H    sing N N 174 
LEU N   H2   sing N N 175 
LEU CA  C    sing N N 176 
LEU CA  CB   sing N N 177 
LEU CA  HA   sing N N 178 
LEU C   O    doub N N 179 
LEU C   OXT  sing N N 180 
LEU CB  CG   sing N N 181 
LEU CB  HB2  sing N N 182 
LEU CB  HB3  sing N N 183 
LEU CG  CD1  sing N N 184 
LEU CG  CD2  sing N N 185 
LEU CG  HG   sing N N 186 
LEU CD1 HD11 sing N N 187 
LEU CD1 HD12 sing N N 188 
LEU CD1 HD13 sing N N 189 
LEU CD2 HD21 sing N N 190 
LEU CD2 HD22 sing N N 191 
LEU CD2 HD23 sing N N 192 
LEU OXT HXT  sing N N 193 
LYS N   CA   sing N N 194 
LYS N   H    sing N N 195 
LYS N   H2   sing N N 196 
LYS CA  C    sing N N 197 
LYS CA  CB   sing N N 198 
LYS CA  HA   sing N N 199 
LYS C   O    doub N N 200 
LYS C   OXT  sing N N 201 
LYS CB  CG   sing N N 202 
LYS CB  HB2  sing N N 203 
LYS CB  HB3  sing N N 204 
LYS CG  CD   sing N N 205 
LYS CG  HG2  sing N N 206 
LYS CG  HG3  sing N N 207 
LYS CD  CE   sing N N 208 
LYS CD  HD2  sing N N 209 
LYS CD  HD3  sing N N 210 
LYS CE  NZ   sing N N 211 
LYS CE  HE2  sing N N 212 
LYS CE  HE3  sing N N 213 
LYS NZ  HZ1  sing N N 214 
LYS NZ  HZ2  sing N N 215 
LYS NZ  HZ3  sing N N 216 
LYS OXT HXT  sing N N 217 
MET N   CA   sing N N 218 
MET N   H    sing N N 219 
MET N   H2   sing N N 220 
MET CA  C    sing N N 221 
MET CA  CB   sing N N 222 
MET CA  HA   sing N N 223 
MET C   O    doub N N 224 
MET C   OXT  sing N N 225 
MET CB  CG   sing N N 226 
MET CB  HB2  sing N N 227 
MET CB  HB3  sing N N 228 
MET CG  SD   sing N N 229 
MET CG  HG2  sing N N 230 
MET CG  HG3  sing N N 231 
MET SD  CE   sing N N 232 
MET CE  HE1  sing N N 233 
MET CE  HE2  sing N N 234 
MET CE  HE3  sing N N 235 
MET OXT HXT  sing N N 236 
PHE N   CA   sing N N 237 
PHE N   H    sing N N 238 
PHE N   H2   sing N N 239 
PHE CA  C    sing N N 240 
PHE CA  CB   sing N N 241 
PHE CA  HA   sing N N 242 
PHE C   O    doub N N 243 
PHE C   OXT  sing N N 244 
PHE CB  CG   sing N N 245 
PHE CB  HB2  sing N N 246 
PHE CB  HB3  sing N N 247 
PHE CG  CD1  doub Y N 248 
PHE CG  CD2  sing Y N 249 
PHE CD1 CE1  sing Y N 250 
PHE CD1 HD1  sing N N 251 
PHE CD2 CE2  doub Y N 252 
PHE CD2 HD2  sing N N 253 
PHE CE1 CZ   doub Y N 254 
PHE CE1 HE1  sing N N 255 
PHE CE2 CZ   sing Y N 256 
PHE CE2 HE2  sing N N 257 
PHE CZ  HZ   sing N N 258 
PHE OXT HXT  sing N N 259 
PRO N   CA   sing N N 260 
PRO N   CD   sing N N 261 
PRO N   H    sing N N 262 
PRO CA  C    sing N N 263 
PRO CA  CB   sing N N 264 
PRO CA  HA   sing N N 265 
PRO C   O    doub N N 266 
PRO C   OXT  sing N N 267 
PRO CB  CG   sing N N 268 
PRO CB  HB2  sing N N 269 
PRO CB  HB3  sing N N 270 
PRO CG  CD   sing N N 271 
PRO CG  HG2  sing N N 272 
PRO CG  HG3  sing N N 273 
PRO CD  HD2  sing N N 274 
PRO CD  HD3  sing N N 275 
PRO OXT HXT  sing N N 276 
SER N   CA   sing N N 277 
SER N   H    sing N N 278 
SER N   H2   sing N N 279 
SER CA  C    sing N N 280 
SER CA  CB   sing N N 281 
SER CA  HA   sing N N 282 
SER C   O    doub N N 283 
SER C   OXT  sing N N 284 
SER CB  OG   sing N N 285 
SER CB  HB2  sing N N 286 
SER CB  HB3  sing N N 287 
SER OG  HG   sing N N 288 
SER OXT HXT  sing N N 289 
THR N   CA   sing N N 290 
THR N   H    sing N N 291 
THR N   H2   sing N N 292 
THR CA  C    sing N N 293 
THR CA  CB   sing N N 294 
THR CA  HA   sing N N 295 
THR C   O    doub N N 296 
THR C   OXT  sing N N 297 
THR CB  OG1  sing N N 298 
THR CB  CG2  sing N N 299 
THR CB  HB   sing N N 300 
THR OG1 HG1  sing N N 301 
THR CG2 HG21 sing N N 302 
THR CG2 HG22 sing N N 303 
THR CG2 HG23 sing N N 304 
THR OXT HXT  sing N N 305 
TRP N   CA   sing N N 306 
TRP N   H    sing N N 307 
TRP N   H2   sing N N 308 
TRP CA  C    sing N N 309 
TRP CA  CB   sing N N 310 
TRP CA  HA   sing N N 311 
TRP C   O    doub N N 312 
TRP C   OXT  sing N N 313 
TRP CB  CG   sing N N 314 
TRP CB  HB2  sing N N 315 
TRP CB  HB3  sing N N 316 
TRP CG  CD1  doub Y N 317 
TRP CG  CD2  sing Y N 318 
TRP CD1 NE1  sing Y N 319 
TRP CD1 HD1  sing N N 320 
TRP CD2 CE2  doub Y N 321 
TRP CD2 CE3  sing Y N 322 
TRP NE1 CE2  sing Y N 323 
TRP NE1 HE1  sing N N 324 
TRP CE2 CZ2  sing Y N 325 
TRP CE3 CZ3  doub Y N 326 
TRP CE3 HE3  sing N N 327 
TRP CZ2 CH2  doub Y N 328 
TRP CZ2 HZ2  sing N N 329 
TRP CZ3 CH2  sing Y N 330 
TRP CZ3 HZ3  sing N N 331 
TRP CH2 HH2  sing N N 332 
TRP OXT HXT  sing N N 333 
TYR N   CA   sing N N 334 
TYR N   H    sing N N 335 
TYR N   H2   sing N N 336 
TYR CA  C    sing N N 337 
TYR CA  CB   sing N N 338 
TYR CA  HA   sing N N 339 
TYR C   O    doub N N 340 
TYR C   OXT  sing N N 341 
TYR CB  CG   sing N N 342 
TYR CB  HB2  sing N N 343 
TYR CB  HB3  sing N N 344 
TYR CG  CD1  doub Y N 345 
TYR CG  CD2  sing Y N 346 
TYR CD1 CE1  sing Y N 347 
TYR CD1 HD1  sing N N 348 
TYR CD2 CE2  doub Y N 349 
TYR CD2 HD2  sing N N 350 
TYR CE1 CZ   doub Y N 351 
TYR CE1 HE1  sing N N 352 
TYR CE2 CZ   sing Y N 353 
TYR CE2 HE2  sing N N 354 
TYR CZ  OH   sing N N 355 
TYR OH  HH   sing N N 356 
TYR OXT HXT  sing N N 357 
VAL N   CA   sing N N 358 
VAL N   H    sing N N 359 
VAL N   H2   sing N N 360 
VAL CA  C    sing N N 361 
VAL CA  CB   sing N N 362 
VAL CA  HA   sing N N 363 
VAL C   O    doub N N 364 
VAL C   OXT  sing N N 365 
VAL CB  CG1  sing N N 366 
VAL CB  CG2  sing N N 367 
VAL CB  HB   sing N N 368 
VAL CG1 HG11 sing N N 369 
VAL CG1 HG12 sing N N 370 
VAL CG1 HG13 sing N N 371 
VAL CG2 HG21 sing N N 372 
VAL CG2 HG22 sing N N 373 
VAL CG2 HG23 sing N N 374 
VAL OXT HXT  sing N N 375 
# 
_atom_sites.entry_id                    8I1B 
_atom_sites.fract_transf_matrix[1][1]   0.00656868 
_atom_sites.fract_transf_matrix[1][2]   -0.01491938 
_atom_sites.fract_transf_matrix[1][3]   -0.00751445 
_atom_sites.fract_transf_matrix[2][1]   0.01140650 
_atom_sites.fract_transf_matrix[2][2]   -0.00189330 
_atom_sites.fract_transf_matrix[2][3]   0.01372988 
_atom_sites.fract_transf_matrix[3][1]   -0.00860629 
_atom_sites.fract_transf_matrix[3][2]   -0.00691041 
_atom_sites.fract_transf_matrix[3][3]   0.00619700 
_atom_sites.fract_transf_vector[1]      0.217934 
_atom_sites.fract_transf_vector[2]      0.301003 
_atom_sites.fract_transf_vector[3]      -0.028917 
# 
loop_
_atom_sites_footnote.id 
_atom_sites_footnote.text 
1 'PRO 91 IS A CIS PROLINE.'                                                                                           
2 'SOLVENT MOLECULES 201, 202 AND 204 COORDINATE THE INTERSECTIONS OF THREE BETA STRANDS.'                             
3 'GLN 14, ILE 36, LYS 93 AND VAL 110 SIDECHAINS HAVE BEEN MODELED IN TWO ALTERNATE CONFORMATIONS OF EQUAL OCCUPANCY.' 
# 
loop_
_atom_type.symbol 
C 
N 
O 
S 
# 
loop_
_atom_site.group_PDB 
_atom_site.id 
_atom_site.type_symbol 
_atom_site.label_atom_id 
_atom_site.label_alt_id 
_atom_site.label_comp_id 
_atom_site.label_asym_id 
_atom_site.label_entity_id 
_atom_site.label_seq_id 
_atom_site.pdbx_PDB_ins_code 
_atom_site.Cartn_x 
_atom_site.Cartn_y 
_atom_site.Cartn_z 
_atom_site.occupancy 
_atom_site.B_iso_or_equiv 
_atom_site.pdbx_formal_charge 
_atom_site.auth_seq_id 
_atom_site.auth_comp_id 
_atom_site.auth_asym_id 
_atom_site.auth_atom_id 
_atom_site.pdbx_PDB_model_num 
ATOM   1    N N   . GLN A 1 5   ? -7.673  -7.995  11.257  1.00 29.76 ? 5   GLN A N   1 
ATOM   2    C CA  . GLN A 1 5   ? -7.783  -6.811  10.350  1.00 29.92 ? 5   GLN A CA  1 
ATOM   3    C C   . GLN A 1 5   ? -7.795  -5.476  11.089  1.00 29.22 ? 5   GLN A C   1 
ATOM   4    O O   . GLN A 1 5   ? -8.736  -5.190  11.805  1.00 29.59 ? 5   GLN A O   1 
ATOM   5    C CB  . GLN A 1 5   ? -8.861  -6.901  9.299   1.00 31.02 ? 5   GLN A CB  1 
ATOM   6    C CG  . GLN A 1 5   ? -8.612  -7.982  8.244   1.00 32.03 ? 5   GLN A CG  1 
ATOM   7    C CD  . GLN A 1 5   ? -9.616  -7.913  7.112   1.00 33.27 ? 5   GLN A CD  1 
ATOM   8    O OE1 . GLN A 1 5   ? -10.841 -7.996  7.301   1.00 34.30 ? 5   GLN A OE1 1 
ATOM   9    N NE2 . GLN A 1 5   ? -9.036  -7.768  5.900   1.00 32.46 ? 5   GLN A NE2 1 
ATOM   10   N N   . LEU A 1 6   ? -6.708  -4.731  10.958  1.00 28.17 ? 6   LEU A N   1 
ATOM   11   C CA  . LEU A 1 6   ? -6.533  -3.411  11.554  1.00 27.76 ? 6   LEU A CA  1 
ATOM   12   C C   . LEU A 1 6   ? -6.865  -2.415  10.400  1.00 27.09 ? 6   LEU A C   1 
ATOM   13   O O   . LEU A 1 6   ? -6.507  -2.752  9.277   1.00 26.38 ? 6   LEU A O   1 
ATOM   14   C CB  . LEU A 1 6   ? -5.123  -3.268  12.109  1.00 27.84 ? 6   LEU A CB  1 
ATOM   15   C CG  . LEU A 1 6   ? -4.634  -4.284  13.115  1.00 28.30 ? 6   LEU A CG  1 
ATOM   16   C CD1 . LEU A 1 6   ? -3.200  -3.799  13.546  1.00 28.94 ? 6   LEU A CD1 1 
ATOM   17   C CD2 . LEU A 1 6   ? -5.503  -4.247  14.372  1.00 27.15 ? 6   LEU A CD2 1 
ATOM   18   N N   . HIS A 1 7   ? -7.524  -1.333  10.716  1.00 26.49 ? 7   HIS A N   1 
ATOM   19   C CA  . HIS A 1 7   ? -7.932  -0.332  9.735   1.00 25.75 ? 7   HIS A CA  1 
ATOM   20   C C   . HIS A 1 7   ? -7.112  0.950   9.857   1.00 24.66 ? 7   HIS A C   1 
ATOM   21   O O   . HIS A 1 7   ? -6.815  1.338   10.965  1.00 23.88 ? 7   HIS A O   1 
ATOM   22   C CB  . HIS A 1 7   ? -9.471  -0.003  9.834   1.00 26.45 ? 7   HIS A CB  1 
ATOM   23   C CG  . HIS A 1 7   ? -10.183 -1.268  9.479   1.00 28.41 ? 7   HIS A CG  1 
ATOM   24   N ND1 . HIS A 1 7   ? -10.919 -2.049  10.330  1.00 29.04 ? 7   HIS A ND1 1 
ATOM   25   C CD2 . HIS A 1 7   ? -10.100 -1.982  8.325   1.00 29.39 ? 7   HIS A CD2 1 
ATOM   26   C CE1 . HIS A 1 7   ? -11.282 -3.145  9.763   1.00 28.47 ? 7   HIS A CE1 1 
ATOM   27   N NE2 . HIS A 1 7   ? -10.827 -3.141  8.546   1.00 29.10 ? 7   HIS A NE2 1 
ATOM   28   N N   . TYR A 1 8   ? -6.708  1.484   8.685   1.00 24.00 ? 8   TYR A N   1 
ATOM   29   C CA  . TYR A 1 8   ? -5.926  2.697   8.672   1.00 24.04 ? 8   TYR A CA  1 
ATOM   30   C C   . TYR A 1 8   ? -6.048  3.518   7.395   1.00 23.42 ? 8   TYR A C   1 
ATOM   31   O O   . TYR A 1 8   ? -6.525  3.000   6.380   1.00 23.69 ? 8   TYR A O   1 
ATOM   32   C CB  . TYR A 1 8   ? -4.445  2.436   8.840   1.00 27.10 ? 8   TYR A CB  1 
ATOM   33   C CG  . TYR A 1 8   ? -3.967  1.551   9.925   1.00 28.80 ? 8   TYR A CG  1 
ATOM   34   C CD1 . TYR A 1 8   ? -3.887  0.182   9.726   1.00 28.95 ? 8   TYR A CD1 1 
ATOM   35   C CD2 . TYR A 1 8   ? -3.498  2.099   11.135  1.00 30.88 ? 8   TYR A CD2 1 
ATOM   36   C CE1 . TYR A 1 8   ? -3.403  -0.664  10.713  1.00 30.23 ? 8   TYR A CE1 1 
ATOM   37   C CE2 . TYR A 1 8   ? -2.958  1.251   12.140  1.00 31.42 ? 8   TYR A CE2 1 
ATOM   38   C CZ  . TYR A 1 8   ? -2.927  -0.119  11.898  1.00 31.04 ? 8   TYR A CZ  1 
ATOM   39   O OH  . TYR A 1 8   ? -2.473  -0.938  12.874  1.00 32.27 ? 8   TYR A OH  1 
ATOM   40   N N   . ARG A 1 9   ? -5.662  4.758   7.512   1.00 22.99 ? 9   ARG A N   1 
ATOM   41   C CA  . ARG A 1 9   ? -5.597  5.728   6.402   1.00 22.58 ? 9   ARG A CA  1 
ATOM   42   C C   . ARG A 1 9   ? -4.074  5.983   6.308   1.00 22.09 ? 9   ARG A C   1 
ATOM   43   O O   . ARG A 1 9   ? -3.350  5.870   7.324   1.00 21.93 ? 9   ARG A O   1 
ATOM   44   C CB  . ARG A 1 9   ? -6.324  6.977   6.590   1.00 25.33 ? 9   ARG A CB  1 
ATOM   45   C CG  . ARG A 1 9   ? -7.766  7.036   7.020   1.00 29.63 ? 9   ARG A CG  1 
ATOM   46   C CD  . ARG A 1 9   ? -8.402  8.403   6.704   1.00 32.25 ? 9   ARG A CD  1 
ATOM   47   N NE  . ARG A 1 9   ? -9.821  8.375   7.016   1.00 34.68 ? 9   ARG A NE  1 
ATOM   48   C CZ  . ARG A 1 9   ? -10.427 8.368   8.212   1.00 35.56 ? 9   ARG A CZ  1 
ATOM   49   N NH1 . ARG A 1 9   ? -9.802  8.446   9.389   1.00 34.66 ? 9   ARG A NH1 1 
ATOM   50   N NH2 . ARG A 1 9   ? -11.767 8.061   8.188   1.00 35.37 ? 9   ARG A NH2 1 
ATOM   51   N N   . LEU A 1 10  ? -3.613  6.204   5.113   1.00 21.78 ? 10  LEU A N   1 
ATOM   52   C CA  . LEU A 1 10  ? -2.172  6.439   4.881   1.00 20.72 ? 10  LEU A CA  1 
ATOM   53   C C   . LEU A 1 10  ? -1.983  7.837   4.322   1.00 19.88 ? 10  LEU A C   1 
ATOM   54   O O   . LEU A 1 10  ? -2.879  8.265   3.579   1.00 20.54 ? 10  LEU A O   1 
ATOM   55   C CB  . LEU A 1 10  ? -1.715  5.400   3.832   1.00 20.82 ? 10  LEU A CB  1 
ATOM   56   C CG  . LEU A 1 10  ? -1.607  3.945   4.286   1.00 21.53 ? 10  LEU A CG  1 
ATOM   57   C CD1 . LEU A 1 10  ? -1.059  3.151   3.065   1.00 22.04 ? 10  LEU A CD1 1 
ATOM   58   C CD2 . LEU A 1 10  ? -0.542  3.913   5.387   1.00 21.48 ? 10  LEU A CD2 1 
ATOM   59   N N   . ARG A 1 11  ? -0.876  8.411   4.669   1.00 19.42 ? 11  ARG A N   1 
ATOM   60   C CA  . ARG A 1 11  ? -0.451  9.737   4.201   1.00 19.48 ? 11  ARG A CA  1 
ATOM   61   C C   . ARG A 1 11  ? 1.046   9.636   3.901   1.00 19.17 ? 11  ARG A C   1 
ATOM   62   O O   . ARG A 1 11  ? 1.691   8.907   4.732   1.00 19.36 ? 11  ARG A O   1 
ATOM   63   C CB  . ARG A 1 11  ? -0.773  10.961  5.013   1.00 19.30 ? 11  ARG A CB  1 
ATOM   64   C CG  . ARG A 1 11  ? -2.220  11.334  5.000   1.00 21.95 ? 11  ARG A CG  1 
ATOM   65   C CD  . ARG A 1 11  ? -2.527  12.777  5.291   1.00 24.99 ? 11  ARG A CD  1 
ATOM   66   N NE  . ARG A 1 11  ? -2.877  12.838  6.707   1.00 27.56 ? 11  ARG A NE  1 
ATOM   67   C CZ  . ARG A 1 11  ? -4.031  12.361  7.182   1.00 28.42 ? 11  ARG A CZ  1 
ATOM   68   N NH1 . ARG A 1 11  ? -5.001  11.902  6.434   1.00 29.03 ? 11  ARG A NH1 1 
ATOM   69   N NH2 . ARG A 1 11  ? -4.050  12.162  8.507   1.00 29.22 ? 11  ARG A NH2 1 
ATOM   70   N N   . ASP A 1 12  ? 1.459   10.273  2.848   1.00 18.69 ? 12  ASP A N   1 
ATOM   71   C CA  . ASP A 1 12  ? 2.867   10.259  2.445   1.00 19.90 ? 12  ASP A CA  1 
ATOM   72   C C   . ASP A 1 12  ? 3.654   11.258  3.263   1.00 21.12 ? 12  ASP A C   1 
ATOM   73   O O   . ASP A 1 12  ? 3.060   12.050  4.069   1.00 21.71 ? 12  ASP A O   1 
ATOM   74   C CB  . ASP A 1 12  ? 3.102   10.172  0.937   1.00 19.59 ? 12  ASP A CB  1 
ATOM   75   C CG  . ASP A 1 12  ? 3.015   11.570  0.288   1.00 20.44 ? 12  ASP A CG  1 
ATOM   76   O OD1 . ASP A 1 12  ? 3.062   12.589  1.017   1.00 20.03 ? 12  ASP A OD1 1 
ATOM   77   O OD2 . ASP A 1 12  ? 2.915   11.594  -0.958  1.00 20.38 ? 12  ASP A OD2 1 
ATOM   78   N N   . GLU A 1 13  ? 4.986   11.224  3.178   1.00 21.91 ? 13  GLU A N   1 
ATOM   79   C CA  . GLU A 1 13  ? 5.841   12.108  3.972   1.00 22.88 ? 13  GLU A CA  1 
ATOM   80   C C   . GLU A 1 13  ? 5.532   13.571  3.729   1.00 22.34 ? 13  GLU A C   1 
ATOM   81   O O   . GLU A 1 13  ? 5.648   14.392  4.668   1.00 22.49 ? 13  GLU A O   1 
ATOM   82   C CB  . GLU A 1 13  ? 7.292   11.853  3.986   1.00 26.35 ? 13  GLU A CB  1 
ATOM   83   C CG  . GLU A 1 13  ? 8.187   12.132  2.798   1.00 31.04 ? 13  GLU A CG  1 
ATOM   84   C CD  . GLU A 1 13  ? 9.619   11.730  3.067   1.00 35.34 ? 13  GLU A CD  1 
ATOM   85   O OE1 . GLU A 1 13  ? 9.989   11.439  4.219   1.00 37.89 ? 13  GLU A OE1 1 
ATOM   86   O OE2 . GLU A 1 13  ? 10.357  11.707  2.046   1.00 36.52 ? 13  GLU A OE2 1 
ATOM   87   N N   . GLN A 1 14  ? 5.097   13.887  2.547   1.00 21.97 ? 14  GLN A N   1 
ATOM   88   C CA  . GLN A 1 14  ? 4.712   15.224  2.152   1.00 22.06 ? 14  GLN A CA  1 
ATOM   89   C C   . GLN A 1 14  ? 3.269   15.519  2.509   1.00 22.03 ? 14  GLN A C   1 
ATOM   90   O O   . GLN A 1 14  ? 2.785   16.518  1.960   1.00 21.97 ? 14  GLN A O   1 
ATOM   91   C CB  . GLN A 1 14  ? 4.949   15.541  0.663   1.00 22.80 ? 14  GLN A CB  1 
ATOM   92   C CG  A GLN A 1 14  ? 6.409   15.199  0.317   0.50 25.37 ? 14  GLN A CG  1 
ATOM   93   C CG  B GLN A 1 14  ? 6.422   15.352  0.300   0.50 22.27 ? 14  GLN A CG  1 
ATOM   94   C CD  A GLN A 1 14  ? 6.991   16.317  -0.527  0.50 27.04 ? 14  GLN A CD  1 
ATOM   95   C CD  B GLN A 1 14  ? 7.302   16.396  0.944   0.50 21.63 ? 14  GLN A CD  1 
ATOM   96   O OE1 A GLN A 1 14  ? 6.648   17.473  -0.284  0.50 27.68 ? 14  GLN A OE1 1 
ATOM   97   O OE1 B GLN A 1 14  ? 6.841   17.497  1.241   0.50 21.91 ? 14  GLN A OE1 1 
ATOM   98   N NE2 A GLN A 1 14  ? 7.824   15.941  -1.476  0.50 28.48 ? 14  GLN A NE2 1 
ATOM   99   N NE2 B GLN A 1 14  ? 8.557   16.061  1.171   0.50 21.42 ? 14  GLN A NE2 1 
ATOM   100  N N   . GLN A 1 15  ? 2.621   14.720  3.304   1.00 22.18 ? 15  GLN A N   1 
ATOM   101  C CA  . GLN A 1 15  ? 1.242   14.923  3.703   1.00 22.74 ? 15  GLN A CA  1 
ATOM   102  C C   . GLN A 1 15  ? 0.191   14.789  2.618   1.00 22.31 ? 15  GLN A C   1 
ATOM   103  O O   . GLN A 1 15  ? -0.907  15.381  2.770   1.00 21.66 ? 15  GLN A O   1 
ATOM   104  C CB  . GLN A 1 15  ? 1.095   16.244  4.472   1.00 26.09 ? 15  GLN A CB  1 
ATOM   105  C CG  . GLN A 1 15  ? 1.961   16.374  5.700   1.00 29.41 ? 15  GLN A CG  1 
ATOM   106  C CD  . GLN A 1 15  ? 1.462   15.642  6.926   1.00 32.03 ? 15  GLN A CD  1 
ATOM   107  O OE1 . GLN A 1 15  ? 0.612   14.700  6.916   1.00 32.76 ? 15  GLN A OE1 1 
ATOM   108  N NE2 . GLN A 1 15  ? 2.008   16.114  8.058   1.00 32.45 ? 15  GLN A NE2 1 
ATOM   109  N N   . LYS A 1 16  ? 0.435   14.045  1.571   1.00 22.27 ? 16  LYS A N   1 
ATOM   110  C CA  . LYS A 1 16  ? -0.599  13.787  0.518   1.00 22.88 ? 16  LYS A CA  1 
ATOM   111  C C   . LYS A 1 16  ? -1.452  12.599  1.040   1.00 22.86 ? 16  LYS A C   1 
ATOM   112  O O   . LYS A 1 16  ? -0.920  11.760  1.777   1.00 22.57 ? 16  LYS A O   1 
ATOM   113  C CB  . LYS A 1 16  ? -0.080  13.453  -0.889  1.00 21.85 ? 16  LYS A CB  1 
ATOM   114  C CG  . LYS A 1 16  ? 0.757   14.693  -1.404  1.00 21.64 ? 16  LYS A CG  1 
ATOM   115  C CD  . LYS A 1 16  ? 0.837   14.719  -2.892  1.00 22.99 ? 16  LYS A CD  1 
ATOM   116  C CE  . LYS A 1 16  ? 1.633   13.578  -3.542  1.00 22.65 ? 16  LYS A CE  1 
ATOM   117  N NZ  . LYS A 1 16  ? 2.975   13.442  -2.949  1.00 21.40 ? 16  LYS A NZ  1 
ATOM   118  N N   . SER A 1 17  ? -2.722  12.598  0.736   1.00 22.88 ? 17  SER A N   1 
ATOM   119  C CA  . SER A 1 17  ? -3.670  11.561  1.172   1.00 23.11 ? 17  SER A CA  1 
ATOM   120  C C   . SER A 1 17  ? -4.001  10.682  -0.025  1.00 23.63 ? 17  SER A C   1 
ATOM   121  O O   . SER A 1 17  ? -3.940  11.138  -1.201  1.00 23.42 ? 17  SER A O   1 
ATOM   122  C CB  . SER A 1 17  ? -4.905  12.212  1.735   1.00 23.21 ? 17  SER A CB  1 
ATOM   123  O OG  . SER A 1 17  ? -4.605  12.989  2.891   1.00 23.99 ? 17  SER A OG  1 
ATOM   124  N N   . LEU A 1 18  ? -4.411  9.458   0.304   1.00 24.12 ? 18  LEU A N   1 
ATOM   125  C CA  . LEU A 1 18  ? -4.718  8.448   -0.738  1.00 24.50 ? 18  LEU A CA  1 
ATOM   126  C C   . LEU A 1 18  ? -6.186  8.353   -1.034  1.00 25.71 ? 18  LEU A C   1 
ATOM   127  O O   . LEU A 1 18  ? -7.001  8.290   -0.128  1.00 25.83 ? 18  LEU A O   1 
ATOM   128  C CB  . LEU A 1 18  ? -3.972  7.159   -0.413  1.00 22.53 ? 18  LEU A CB  1 
ATOM   129  C CG  . LEU A 1 18  ? -2.592  6.853   -0.904  1.00 21.04 ? 18  LEU A CG  1 
ATOM   130  C CD1 . LEU A 1 18  ? -1.564  7.929   -0.763  1.00 19.85 ? 18  LEU A CD1 1 
ATOM   131  C CD2 . LEU A 1 18  ? -2.025  5.617   -0.125  1.00 20.71 ? 18  LEU A CD2 1 
ATOM   132  N N   . VAL A 1 19  ? -6.520  8.330   -2.316  1.00 27.43 ? 19  VAL A N   1 
ATOM   133  C CA  . VAL A 1 19  ? -7.918  8.198   -2.770  1.00 29.57 ? 19  VAL A CA  1 
ATOM   134  C C   . VAL A 1 19  ? -8.021  7.155   -3.889  1.00 31.17 ? 19  VAL A C   1 
ATOM   135  O O   . VAL A 1 19  ? -7.044  6.860   -4.599  1.00 30.95 ? 19  VAL A O   1 
ATOM   136  C CB  . VAL A 1 19  ? -8.470  9.603   -3.124  1.00 29.03 ? 19  VAL A CB  1 
ATOM   137  C CG1 . VAL A 1 19  ? -8.377  10.603  -2.003  1.00 28.18 ? 19  VAL A CG1 1 
ATOM   138  C CG2 . VAL A 1 19  ? -7.870  10.162  -4.384  1.00 29.53 ? 19  VAL A CG2 1 
ATOM   139  N N   . LEU A 1 20  ? -9.200  6.612   -4.071  1.00 32.93 ? 20  LEU A N   1 
ATOM   140  C CA  . LEU A 1 20  ? -9.514  5.619   -5.109  1.00 34.88 ? 20  LEU A CA  1 
ATOM   141  C C   . LEU A 1 20  ? -10.079 6.337   -6.335  1.00 36.89 ? 20  LEU A C   1 
ATOM   142  O O   . LEU A 1 20  ? -11.014 7.140   -6.181  1.00 37.54 ? 20  LEU A O   1 
ATOM   143  C CB  . LEU A 1 20  ? -10.431 4.543   -4.468  1.00 33.39 ? 20  LEU A CB  1 
ATOM   144  C CG  . LEU A 1 20  ? -10.830 3.311   -5.268  1.00 33.03 ? 20  LEU A CG  1 
ATOM   145  C CD1 . LEU A 1 20  ? -9.640  2.512   -5.808  1.00 31.82 ? 20  LEU A CD1 1 
ATOM   146  C CD2 . LEU A 1 20  ? -11.737 2.379   -4.492  1.00 31.76 ? 20  LEU A CD2 1 
ATOM   147  N N   . SER A 1 21  ? -9.568  6.095   -7.509  1.00 38.88 ? 21  SER A N   1 
ATOM   148  C CA  . SER A 1 21  ? -10.048 6.655   -8.784  1.00 41.55 ? 21  SER A CA  1 
ATOM   149  C C   . SER A 1 21  ? -10.471 5.518   -9.740  1.00 43.04 ? 21  SER A C   1 
ATOM   150  O O   . SER A 1 21  ? -9.759  4.501   -9.922  1.00 42.94 ? 21  SER A O   1 
ATOM   151  C CB  . SER A 1 21  ? -9.022  7.573   -9.416  1.00 42.92 ? 21  SER A CB  1 
ATOM   152  O OG  . SER A 1 21  ? -7.700  6.993   -9.213  1.00 43.81 ? 21  SER A OG  1 
ATOM   153  N N   . ASP A 1 22  ? -11.646 5.666   -10.301 1.00 44.45 ? 22  ASP A N   1 
ATOM   154  C CA  . ASP A 1 22  ? -12.431 4.875   -11.186 1.00 45.66 ? 22  ASP A CA  1 
ATOM   155  C C   . ASP A 1 22  ? -11.860 3.581   -11.731 1.00 45.66 ? 22  ASP A C   1 
ATOM   156  O O   . ASP A 1 22  ? -12.410 2.473   -11.519 1.00 45.26 ? 22  ASP A O   1 
ATOM   157  C CB  . ASP A 1 22  ? -13.163 5.672   -12.266 1.00 48.74 ? 22  ASP A CB  1 
ATOM   158  C CG  . ASP A 1 22  ? -14.665 5.723   -12.152 1.00 50.62 ? 22  ASP A CG  1 
ATOM   159  O OD1 . ASP A 1 22  ? -15.244 5.737   -11.052 1.00 51.44 ? 22  ASP A OD1 1 
ATOM   160  O OD2 . ASP A 1 22  ? -15.329 5.704   -13.248 1.00 51.51 ? 22  ASP A OD2 1 
ATOM   161  N N   . PRO A 1 23  ? -10.788 3.724   -12.491 1.00 45.69 ? 23  PRO A N   1 
ATOM   162  C CA  . PRO A 1 23  ? -10.093 2.578   -13.083 1.00 45.49 ? 23  PRO A CA  1 
ATOM   163  C C   . PRO A 1 23  ? -9.339  1.703   -12.098 1.00 45.13 ? 23  PRO A C   1 
ATOM   164  O O   . PRO A 1 23  ? -8.226  1.224   -12.506 1.00 45.41 ? 23  PRO A O   1 
ATOM   165  C CB  . PRO A 1 23  ? -9.146  3.238   -14.101 1.00 45.70 ? 23  PRO A CB  1 
ATOM   166  C CG  . PRO A 1 23  ? -8.818  4.567   -13.455 1.00 45.85 ? 23  PRO A CG  1 
ATOM   167  C CD  . PRO A 1 23  ? -10.130 5.025   -12.788 1.00 45.80 ? 23  PRO A CD  1 
ATOM   168  N N   . TYR A 1 24  ? -9.856  1.457   -10.877 1.00 43.79 ? 24  TYR A N   1 
ATOM   169  C CA  . TYR A 1 24  ? -9.118  0.557   -9.940  1.00 41.67 ? 24  TYR A CA  1 
ATOM   170  C C   . TYR A 1 24  ? -7.715  1.147   -9.700  1.00 40.30 ? 24  TYR A C   1 
ATOM   171  O O   . TYR A 1 24  ? -6.691  0.420   -9.792  1.00 39.58 ? 24  TYR A O   1 
ATOM   172  C CB  . TYR A 1 24  ? -8.840  -0.737  -10.765 1.00 42.24 ? 24  TYR A CB  1 
ATOM   173  C CG  . TYR A 1 24  ? -9.932  -1.755  -10.733 1.00 43.18 ? 24  TYR A CG  1 
ATOM   174  C CD1 . TYR A 1 24  ? -10.092 -2.527  -9.576  1.00 43.41 ? 24  TYR A CD1 1 
ATOM   175  C CD2 . TYR A 1 24  ? -10.806 -1.986  -11.806 1.00 42.91 ? 24  TYR A CD2 1 
ATOM   176  C CE1 . TYR A 1 24  ? -11.092 -3.491  -9.473  1.00 42.97 ? 24  TYR A CE1 1 
ATOM   177  C CE2 . TYR A 1 24  ? -11.794 -2.949  -11.723 1.00 42.45 ? 24  TYR A CE2 1 
ATOM   178  C CZ  . TYR A 1 24  ? -11.949 -3.695  -10.558 1.00 41.79 ? 24  TYR A CZ  1 
ATOM   179  O OH  . TYR A 1 24  ? -12.924 -4.644  -10.382 1.00 37.83 ? 24  TYR A OH  1 
ATOM   180  N N   . GLU A 1 25  ? -7.703  2.431   -9.466  1.00 39.13 ? 25  GLU A N   1 
ATOM   181  C CA  . GLU A 1 25  ? -6.429  3.155   -9.258  1.00 37.12 ? 25  GLU A CA  1 
ATOM   182  C C   . GLU A 1 25  ? -6.435  4.040   -8.024  1.00 35.01 ? 25  GLU A C   1 
ATOM   183  O O   . GLU A 1 25  ? -7.474  4.638   -7.684  1.00 35.89 ? 25  GLU A O   1 
ATOM   184  C CB  . GLU A 1 25  ? -6.282  4.069   -10.483 1.00 38.36 ? 25  GLU A CB  1 
ATOM   185  C CG  . GLU A 1 25  ? -4.996  4.784   -10.668 1.00 40.68 ? 25  GLU A CG  1 
ATOM   186  C CD  . GLU A 1 25  ? -4.750  5.328   -12.057 1.00 42.30 ? 25  GLU A CD  1 
ATOM   187  O OE1 . GLU A 1 25  ? -5.296  6.357   -12.439 1.00 42.25 ? 25  GLU A OE1 1 
ATOM   188  O OE2 . GLU A 1 25  ? -3.926  4.613   -12.674 1.00 42.41 ? 25  GLU A OE2 1 
ATOM   189  N N   . LEU A 1 26  ? -5.295  4.067   -7.330  1.00 31.84 ? 26  LEU A N   1 
ATOM   190  C CA  . LEU A 1 26  ? -5.071  4.857   -6.152  1.00 28.95 ? 26  LEU A CA  1 
ATOM   191  C C   . LEU A 1 26  ? -4.212  6.056   -6.635  1.00 27.34 ? 26  LEU A C   1 
ATOM   192  O O   . LEU A 1 26  ? -3.387  5.821   -7.480  1.00 26.00 ? 26  LEU A O   1 
ATOM   193  C CB  . LEU A 1 26  ? -4.461  4.155   -4.986  1.00 27.88 ? 26  LEU A CB  1 
ATOM   194  C CG  . LEU A 1 26  ? -4.991  2.962   -4.269  1.00 27.22 ? 26  LEU A CG  1 
ATOM   195  C CD1 . LEU A 1 26  ? -3.834  2.167   -3.592  1.00 25.66 ? 26  LEU A CD1 1 
ATOM   196  C CD2 . LEU A 1 26  ? -6.037  3.372   -3.242  1.00 26.82 ? 26  LEU A CD2 1 
ATOM   197  N N   . LYS A 1 27  ? -4.550  7.204   -6.102  1.00 27.31 ? 27  LYS A N   1 
ATOM   198  C CA  . LYS A 1 27  ? -3.859  8.454   -6.391  1.00 27.32 ? 27  LYS A CA  1 
ATOM   199  C C   . LYS A 1 27  ? -3.629  9.126   -4.990  1.00 25.93 ? 27  LYS A C   1 
ATOM   200  O O   . LYS A 1 27  ? -4.365  8.852   -4.058  1.00 25.79 ? 27  LYS A O   1 
ATOM   201  C CB  . LYS A 1 27  ? -4.463  9.534   -7.234  1.00 30.17 ? 27  LYS A CB  1 
ATOM   202  C CG  . LYS A 1 27  ? -5.361  9.253   -8.400  1.00 32.47 ? 27  LYS A CG  1 
ATOM   203  C CD  . LYS A 1 27  ? -4.895  9.980   -9.669  1.00 34.39 ? 27  LYS A CD  1 
ATOM   204  C CE  . LYS A 1 27  ? -5.314  9.087   -10.882 1.00 36.54 ? 27  LYS A CE  1 
ATOM   205  N NZ  . LYS A 1 27  ? -4.304  9.338   -12.006 1.00 37.62 ? 27  LYS A NZ  1 
ATOM   206  N N   . ALA A 1 28  ? -2.659  9.973   -5.018  1.00 24.90 ? 28  ALA A N   1 
ATOM   207  C CA  . ALA A 1 28  ? -2.293  10.720  -3.787  1.00 24.29 ? 28  ALA A CA  1 
ATOM   208  C C   . ALA A 1 28  ? -2.490  12.212  -4.149  1.00 24.44 ? 28  ALA A C   1 
ATOM   209  O O   . ALA A 1 28  ? -1.975  12.616  -5.230  1.00 24.92 ? 28  ALA A O   1 
ATOM   210  C CB  . ALA A 1 28  ? -0.850  10.415  -3.398  1.00 21.19 ? 28  ALA A CB  1 
ATOM   211  N N   . LEU A 1 29  ? -3.206  12.905  -3.299  1.00 23.97 ? 29  LEU A N   1 
ATOM   212  C CA  . LEU A 1 29  ? -3.408  14.340  -3.520  1.00 24.79 ? 29  LEU A CA  1 
ATOM   213  C C   . LEU A 1 29  ? -3.409  15.115  -2.197  1.00 24.30 ? 29  LEU A C   1 
ATOM   214  O O   . LEU A 1 29  ? -3.508  14.507  -1.143  1.00 24.15 ? 29  LEU A O   1 
ATOM   215  C CB  . LEU A 1 29  ? -4.592  14.547  -4.442  1.00 26.54 ? 29  LEU A CB  1 
ATOM   216  C CG  . LEU A 1 29  ? -6.031  14.309  -4.100  1.00 26.73 ? 29  LEU A CG  1 
ATOM   217  C CD1 . LEU A 1 29  ? -6.746  13.769  -5.368  1.00 27.07 ? 29  LEU A CD1 1 
ATOM   218  C CD2 . LEU A 1 29  ? -6.160  13.176  -3.095  1.00 27.52 ? 29  LEU A CD2 1 
ATOM   219  N N   . HIS A 1 30  ? -3.303  16.441  -2.315  1.00 23.87 ? 30  HIS A N   1 
ATOM   220  C CA  . HIS A 1 30  ? -3.310  17.301  -1.146  1.00 23.29 ? 30  HIS A CA  1 
ATOM   221  C C   . HIS A 1 30  ? -4.745  17.531  -0.736  1.00 23.52 ? 30  HIS A C   1 
ATOM   222  O O   . HIS A 1 30  ? -5.450  18.080  -1.588  1.00 24.16 ? 30  HIS A O   1 
ATOM   223  C CB  . HIS A 1 30  ? -2.509  18.598  -1.182  1.00 20.81 ? 30  HIS A CB  1 
ATOM   224  C CG  . HIS A 1 30  ? -1.038  18.374  -0.950  1.00 19.25 ? 30  HIS A CG  1 
ATOM   225  N ND1 . HIS A 1 30  ? -0.137  18.431  -1.983  1.00 19.19 ? 30  HIS A ND1 1 
ATOM   226  C CD2 . HIS A 1 30  ? -0.328  18.150  0.170   1.00 18.91 ? 30  HIS A CD2 1 
ATOM   227  C CE1 . HIS A 1 30  ? 1.100   18.247  -1.501  1.00 19.48 ? 30  HIS A CE1 1 
ATOM   228  N NE2 . HIS A 1 30  ? 1.027   18.094  -0.206  1.00 20.60 ? 30  HIS A NE2 1 
ATOM   229  N N   . LEU A 1 31  ? -5.138  17.073  0.409   1.00 23.68 ? 31  LEU A N   1 
ATOM   230  C CA  . LEU A 1 31  ? -6.472  17.214  0.960   1.00 24.78 ? 31  LEU A CA  1 
ATOM   231  C C   . LEU A 1 31  ? -6.373  17.897  2.313   1.00 26.13 ? 31  LEU A C   1 
ATOM   232  O O   . LEU A 1 31  ? -5.345  17.782  3.018   1.00 26.29 ? 31  LEU A O   1 
ATOM   233  C CB  . LEU A 1 31  ? -7.206  15.880  1.008   1.00 24.67 ? 31  LEU A CB  1 
ATOM   234  C CG  . LEU A 1 31  ? -7.487  15.143  -0.288  1.00 24.20 ? 31  LEU A CG  1 
ATOM   235  C CD1 . LEU A 1 31  ? -8.288  13.857  -0.020  1.00 22.94 ? 31  LEU A CD1 1 
ATOM   236  C CD2 . LEU A 1 31  ? -8.155  16.063  -1.291  1.00 22.61 ? 31  LEU A CD2 1 
ATOM   237  N N   . ASN A 1 32  ? -7.379  18.652  2.657   1.00 28.06 ? 32  ASN A N   1 
ATOM   238  C CA  . ASN A 1 32  ? -7.382  19.396  3.953   1.00 30.17 ? 32  ASN A CA  1 
ATOM   239  C C   . ASN A 1 32  ? -8.240  18.636  4.934   1.00 31.32 ? 32  ASN A C   1 
ATOM   240  O O   . ASN A 1 32  ? -8.804  17.589  4.611   1.00 31.54 ? 32  ASN A O   1 
ATOM   241  C CB  . ASN A 1 32  ? -7.616  20.846  3.685   1.00 32.16 ? 32  ASN A CB  1 
ATOM   242  C CG  . ASN A 1 32  ? -9.037  21.282  3.390   1.00 34.33 ? 32  ASN A CG  1 
ATOM   243  O OD1 . ASN A 1 32  ? -9.976  20.505  3.187   1.00 35.85 ? 32  ASN A OD1 1 
ATOM   244  N ND2 . ASN A 1 32  ? -9.254  22.616  3.407   1.00 35.12 ? 32  ASN A ND2 1 
ATOM   245  N N   . GLY A 1 33  ? -8.338  19.141  6.138   1.00 32.93 ? 33  GLY A N   1 
ATOM   246  C CA  . GLY A 1 33  ? -9.118  18.564  7.227   1.00 34.54 ? 33  GLY A CA  1 
ATOM   247  C C   . GLY A 1 33  ? -10.557 18.339  6.874   1.00 36.25 ? 33  GLY A C   1 
ATOM   248  O O   . GLY A 1 33  ? -11.174 17.406  7.411   1.00 37.10 ? 33  GLY A O   1 
ATOM   249  N N   . GLN A 1 34  ? -11.138 19.096  5.985   1.00 37.57 ? 34  GLN A N   1 
ATOM   250  C CA  . GLN A 1 34  ? -12.524 19.026  5.526   1.00 39.27 ? 34  GLN A CA  1 
ATOM   251  C C   . GLN A 1 34  ? -12.737 17.884  4.549   1.00 40.31 ? 34  GLN A C   1 
ATOM   252  O O   . GLN A 1 34  ? -13.797 17.209  4.534   1.00 41.29 ? 34  GLN A O   1 
ATOM   253  C CB  . GLN A 1 34  ? -12.909 20.350  4.784   1.00 40.66 ? 34  GLN A CB  1 
ATOM   254  C CG  . GLN A 1 34  ? -12.934 21.549  5.704   1.00 42.94 ? 34  GLN A CG  1 
ATOM   255  C CD  . GLN A 1 34  ? -12.686 22.884  5.021   1.00 44.44 ? 34  GLN A CD  1 
ATOM   256  O OE1 . GLN A 1 34  ? -12.392 23.881  5.710   1.00 44.44 ? 34  GLN A OE1 1 
ATOM   257  N NE2 . GLN A 1 34  ? -12.788 22.967  3.688   1.00 43.79 ? 34  GLN A NE2 1 
ATOM   258  N N   . ASN A 1 35  ? -11.749 17.694  3.677   1.00 40.49 ? 35  ASN A N   1 
ATOM   259  C CA  . ASN A 1 35  ? -11.894 16.610  2.666   1.00 41.78 ? 35  ASN A CA  1 
ATOM   260  C C   . ASN A 1 35  ? -11.305 15.311  3.061   1.00 41.62 ? 35  ASN A C   1 
ATOM   261  O O   . ASN A 1 35  ? -10.646 14.628  2.271   1.00 42.30 ? 35  ASN A O   1 
ATOM   262  C CB  . ASN A 1 35  ? -11.480 17.238  1.305   1.00 44.58 ? 35  ASN A CB  1 
ATOM   263  C CG  . ASN A 1 35  ? -12.756 17.971  0.844   1.00 46.64 ? 35  ASN A CG  1 
ATOM   264  O OD1 . ASN A 1 35  ? -12.688 18.943  0.129   1.00 48.59 ? 35  ASN A OD1 1 
ATOM   265  N ND2 . ASN A 1 35  ? -13.913 17.484  1.358   1.00 46.86 ? 35  ASN A ND2 1 
ATOM   266  N N   . ILE A 1 36  ? -11.510 14.886  4.266   1.00 41.52 ? 36  ILE A N   1 
ATOM   267  C CA  . ILE A 1 36  ? -10.920 13.639  4.815   1.00 41.09 ? 36  ILE A CA  1 
ATOM   268  C C   . ILE A 1 36  ? -11.782 12.475  4.499   1.00 40.67 ? 36  ILE A C   1 
ATOM   269  O O   . ILE A 1 36  ? -11.351 11.293  4.416   1.00 40.34 ? 36  ILE A O   1 
ATOM   270  C CB  . ILE A 1 36  ? -10.436 14.027  6.248   1.00 42.17 ? 36  ILE A CB  1 
ATOM   271  C CG1 . ILE A 1 36  ? -8.876  14.125  6.322   1.00 42.21 ? 36  ILE A CG1 1 
ATOM   272  C CG2 . ILE A 1 36  ? -11.039 13.240  7.412   1.00 42.29 ? 36  ILE A CG2 1 
ATOM   273  C CD1 A ILE A 1 36  ? -8.315  14.287  7.759   0.50 41.79 ? 36  ILE A CD1 1 
ATOM   274  C CD1 B ILE A 1 36  ? -8.163  14.621  5.041   0.50 41.46 ? 36  ILE A CD1 1 
ATOM   275  N N   . ASN A 1 37  ? -13.021 12.699  4.165   1.00 40.47 ? 37  ASN A N   1 
ATOM   276  C CA  . ASN A 1 37  ? -14.049 11.728  3.813   1.00 40.29 ? 37  ASN A CA  1 
ATOM   277  C C   . ASN A 1 37  ? -13.690 10.826  2.659   1.00 39.33 ? 37  ASN A C   1 
ATOM   278  O O   . ASN A 1 37  ? -13.995 9.612   2.670   1.00 39.03 ? 37  ASN A O   1 
ATOM   279  C CB  . ASN A 1 37  ? -15.400 12.487  3.682   1.00 42.84 ? 37  ASN A CB  1 
ATOM   280  C CG  . ASN A 1 37  ? -15.193 13.978  3.395   1.00 44.72 ? 37  ASN A CG  1 
ATOM   281  O OD1 . ASN A 1 37  ? -15.399 14.448  2.236   1.00 46.39 ? 37  ASN A OD1 1 
ATOM   282  N ND2 . ASN A 1 37  ? -14.755 14.756  4.410   1.00 43.75 ? 37  ASN A ND2 1 
ATOM   283  N N   . GLN A 1 38  ? -13.084 11.346  1.616   1.00 38.54 ? 38  GLN A N   1 
ATOM   284  C CA  . GLN A 1 38  ? -12.676 10.692  0.405   1.00 37.31 ? 38  GLN A CA  1 
ATOM   285  C C   . GLN A 1 38  ? -11.511 9.697   0.430   1.00 35.33 ? 38  GLN A C   1 
ATOM   286  O O   . GLN A 1 38  ? -11.328 8.955   -0.571  1.00 34.59 ? 38  GLN A O   1 
ATOM   287  C CB  . GLN A 1 38  ? -12.203 11.761  -0.633  1.00 39.47 ? 38  GLN A CB  1 
ATOM   288  C CG  . GLN A 1 38  ? -12.835 13.092  -0.452  1.00 42.17 ? 38  GLN A CG  1 
ATOM   289  C CD  . GLN A 1 38  ? -12.672 13.940  -1.697  1.00 44.40 ? 38  GLN A CD  1 
ATOM   290  O OE1 . GLN A 1 38  ? -13.458 14.865  -1.925  1.00 46.05 ? 38  GLN A OE1 1 
ATOM   291  N NE2 . GLN A 1 38  ? -11.665 13.575  -2.507  1.00 44.95 ? 38  GLN A NE2 1 
ATOM   292  N N   . GLN A 1 39  ? -10.659 9.776   1.414   1.00 33.95 ? 39  GLN A N   1 
ATOM   293  C CA  . GLN A 1 39  ? -9.484  8.918   1.570   1.00 31.70 ? 39  GLN A CA  1 
ATOM   294  C C   . GLN A 1 39  ? -9.860  7.430   1.678   1.00 29.91 ? 39  GLN A C   1 
ATOM   295  O O   . GLN A 1 39  ? -10.808 7.107   2.398   1.00 30.22 ? 39  GLN A O   1 
ATOM   296  C CB  . GLN A 1 39  ? -8.875  9.212   2.987   1.00 31.90 ? 39  GLN A CB  1 
ATOM   297  C CG  . GLN A 1 39  ? -8.132  10.527  2.989   1.00 32.49 ? 39  GLN A CG  1 
ATOM   298  C CD  . GLN A 1 39  ? -6.962  10.417  3.982   1.00 32.36 ? 39  GLN A CD  1 
ATOM   299  O OE1 . GLN A 1 39  ? -6.966  11.157  4.934   1.00 32.56 ? 39  GLN A OE1 1 
ATOM   300  N NE2 . GLN A 1 39  ? -5.988  9.522   3.684   1.00 30.39 ? 39  GLN A NE2 1 
ATOM   301  N N   . VAL A 1 40  ? -9.066  6.587   1.121   1.00 28.29 ? 40  VAL A N   1 
ATOM   302  C CA  . VAL A 1 40  ? -9.189  5.135   1.205   1.00 27.18 ? 40  VAL A CA  1 
ATOM   303  C C   . VAL A 1 40  ? -8.771  4.646   2.611   1.00 25.83 ? 40  VAL A C   1 
ATOM   304  O O   . VAL A 1 40  ? -7.743  5.037   3.194   1.00 25.44 ? 40  VAL A O   1 
ATOM   305  C CB  . VAL A 1 40  ? -8.195  4.474   0.173   1.00 27.75 ? 40  VAL A CB  1 
ATOM   306  C CG1 . VAL A 1 40  ? -8.460  2.963   0.046   1.00 28.70 ? 40  VAL A CG1 1 
ATOM   307  C CG2 . VAL A 1 40  ? -8.500  5.048   -1.204  1.00 29.74 ? 40  VAL A CG2 1 
ATOM   308  N N   . ILE A 1 41  ? -9.600  3.767   3.134   1.00 24.61 ? 41  ILE A N   1 
ATOM   309  C CA  . ILE A 1 41  ? -9.297  3.086   4.386   1.00 23.56 ? 41  ILE A CA  1 
ATOM   310  C C   . ILE A 1 41  ? -8.829  1.660   3.946   1.00 23.14 ? 41  ILE A C   1 
ATOM   311  O O   . ILE A 1 41  ? -9.513  0.943   3.198   1.00 22.95 ? 41  ILE A O   1 
ATOM   312  C CB  . ILE A 1 41  ? -10.443 2.993   5.412   1.00 22.77 ? 41  ILE A CB  1 
ATOM   313  C CG1 . ILE A 1 41  ? -10.899 4.444   5.781   1.00 23.10 ? 41  ILE A CG1 1 
ATOM   314  C CG2 . ILE A 1 41  ? -10.068 2.172   6.669   1.00 21.87 ? 41  ILE A CG2 1 
ATOM   315  C CD1 . ILE A 1 41  ? -12.322 4.506   6.396   1.00 22.68 ? 41  ILE A CD1 1 
ATOM   316  N N   . PHE A 1 42  ? -7.694  1.323   4.496   1.00 22.33 ? 42  PHE A N   1 
ATOM   317  C CA  . PHE A 1 42  ? -7.041  0.036   4.289   1.00 21.44 ? 42  PHE A CA  1 
ATOM   318  C C   . PHE A 1 42  ? -7.199  -0.849  5.553   1.00 21.42 ? 42  PHE A C   1 
ATOM   319  O O   . PHE A 1 42  ? -7.251  -0.360  6.696   1.00 21.34 ? 42  PHE A O   1 
ATOM   320  C CB  . PHE A 1 42  ? -5.540  0.290   4.036   1.00 19.93 ? 42  PHE A CB  1 
ATOM   321  C CG  . PHE A 1 42  ? -5.114  1.148   2.903   1.00 17.81 ? 42  PHE A CG  1 
ATOM   322  C CD1 . PHE A 1 42  ? -4.874  0.579   1.646   1.00 17.40 ? 42  PHE A CD1 1 
ATOM   323  C CD2 . PHE A 1 42  ? -4.875  2.492   3.055   1.00 17.13 ? 42  PHE A CD2 1 
ATOM   324  C CE1 . PHE A 1 42  ? -4.380  1.353   0.588   1.00 16.28 ? 42  PHE A CE1 1 
ATOM   325  C CE2 . PHE A 1 42  ? -4.431  3.289   2.018   1.00 16.01 ? 42  PHE A CE2 1 
ATOM   326  C CZ  . PHE A 1 42  ? -4.149  2.717   0.794   1.00 15.39 ? 42  PHE A CZ  1 
ATOM   327  N N   . SER A 1 43  ? -7.239  -2.136  5.280   1.00 21.48 ? 43  SER A N   1 
ATOM   328  C CA  . SER A 1 43  ? -7.320  -3.218  6.204   1.00 21.90 ? 43  SER A CA  1 
ATOM   329  C C   . SER A 1 43  ? -5.969  -3.951  6.166   1.00 21.84 ? 43  SER A C   1 
ATOM   330  O O   . SER A 1 43  ? -5.746  -4.532  5.118   1.00 22.11 ? 43  SER A O   1 
ATOM   331  C CB  . SER A 1 43  ? -8.385  -4.291  6.074   1.00 22.57 ? 43  SER A CB  1 
ATOM   332  O OG  . SER A 1 43  ? -9.635  -3.594  5.978   1.00 25.71 ? 43  SER A OG  1 
ATOM   333  N N   . MET A 1 44  ? -5.257  -3.886  7.270   1.00 21.85 ? 44  MET A N   1 
ATOM   334  C CA  . MET A 1 44  ? -3.946  -4.552  7.352   1.00 21.83 ? 44  MET A CA  1 
ATOM   335  C C   . MET A 1 44  ? -4.108  -5.840  8.121   1.00 21.86 ? 44  MET A C   1 
ATOM   336  O O   . MET A 1 44  ? -4.942  -5.904  9.063   1.00 22.79 ? 44  MET A O   1 
ATOM   337  C CB  . MET A 1 44  ? -2.972  -3.546  7.854   1.00 22.88 ? 44  MET A CB  1 
ATOM   338  C CG  . MET A 1 44  ? -1.566  -4.055  7.798   1.00 25.47 ? 44  MET A CG  1 
ATOM   339  S SD  . MET A 1 44  ? -0.524  -3.003  8.854   1.00 28.61 ? 44  MET A SD  1 
ATOM   340  C CE  . MET A 1 44  ? -0.574  -1.436  7.974   1.00 28.52 ? 44  MET A CE  1 
ATOM   341  N N   . SER A 1 45  ? -3.439  -6.889  7.742   1.00 21.13 ? 45  SER A N   1 
ATOM   342  C CA  . SER A 1 45  ? -3.502  -8.196  8.398   1.00 21.03 ? 45  SER A CA  1 
ATOM   343  C C   . SER A 1 45  ? -2.138  -8.860  8.251   1.00 22.07 ? 45  SER A C   1 
ATOM   344  O O   . SER A 1 45  ? -1.483  -8.701  7.216   1.00 22.65 ? 45  SER A O   1 
ATOM   345  C CB  . SER A 1 45  ? -4.635  -9.055  7.949   1.00 19.84 ? 45  SER A CB  1 
ATOM   346  O OG  . SER A 1 45  ? -4.551  -9.614  6.690   1.00 20.48 ? 45  SER A OG  1 
ATOM   347  N N   . PHE A 1 46  ? -1.716  -9.554  9.259   1.00 22.59 ? 46  PHE A N   1 
ATOM   348  C CA  . PHE A 1 46  ? -0.468  -10.297 9.367   1.00 22.53 ? 46  PHE A CA  1 
ATOM   349  C C   . PHE A 1 46  ? -0.590  -11.532 8.469   1.00 23.17 ? 46  PHE A C   1 
ATOM   350  O O   . PHE A 1 46  ? -1.605  -12.186 8.450   1.00 23.18 ? 46  PHE A O   1 
ATOM   351  C CB  . PHE A 1 46  ? -0.221  -10.666 10.848  1.00 20.41 ? 46  PHE A CB  1 
ATOM   352  C CG  . PHE A 1 46  ? 0.892   -11.642 11.105  1.00 19.40 ? 46  PHE A CG  1 
ATOM   353  C CD1 . PHE A 1 46  ? 0.717   -13.009 10.995  1.00 18.61 ? 46  PHE A CD1 1 
ATOM   354  C CD2 . PHE A 1 46  ? 2.163   -11.158 11.456  1.00 19.07 ? 46  PHE A CD2 1 
ATOM   355  C CE1 . PHE A 1 46  ? 1.776   -13.899 11.204  1.00 17.62 ? 46  PHE A CE1 1 
ATOM   356  C CE2 . PHE A 1 46  ? 3.236   -12.000 11.678  1.00 18.80 ? 46  PHE A CE2 1 
ATOM   357  C CZ  . PHE A 1 46  ? 3.015   -13.377 11.581  1.00 17.92 ? 46  PHE A CZ  1 
ATOM   358  N N   . VAL A 1 47  ? 0.437   -11.849 7.765   1.00 24.70 ? 47  VAL A N   1 
ATOM   359  C CA  . VAL A 1 47  ? 0.712   -12.904 6.879   1.00 27.25 ? 47  VAL A CA  1 
ATOM   360  C C   . VAL A 1 47  ? 1.866   -13.793 7.331   1.00 30.27 ? 47  VAL A C   1 
ATOM   361  O O   . VAL A 1 47  ? 2.914   -13.297 7.765   1.00 30.73 ? 47  VAL A O   1 
ATOM   362  C CB  . VAL A 1 47  ? 1.066   -12.326 5.447   1.00 25.73 ? 47  VAL A CB  1 
ATOM   363  C CG1 . VAL A 1 47  ? 1.449   -13.541 4.526   1.00 26.00 ? 47  VAL A CG1 1 
ATOM   364  C CG2 . VAL A 1 47  ? -0.175  -11.682 4.899   1.00 24.85 ? 47  VAL A CG2 1 
ATOM   365  N N   . GLN A 1 48  ? 1.658   -15.106 7.193   1.00 33.96 ? 48  GLN A N   1 
ATOM   366  C CA  . GLN A 1 48  ? 2.828   -16.000 7.572   1.00 37.93 ? 48  GLN A CA  1 
ATOM   367  C C   . GLN A 1 48  ? 3.950   -15.575 6.619   1.00 41.05 ? 48  GLN A C   1 
ATOM   368  O O   . GLN A 1 48  ? 3.723   -15.591 5.362   1.00 41.87 ? 48  GLN A O   1 
ATOM   369  C CB  . GLN A 1 48  ? 2.445   -17.440 7.568   1.00 38.86 ? 48  GLN A CB  1 
ATOM   370  C CG  . GLN A 1 48  ? 1.180   -17.746 8.384   1.00 40.73 ? 48  GLN A CG  1 
ATOM   371  C CD  . GLN A 1 48  ? 1.009   -19.213 8.723   1.00 42.22 ? 48  GLN A CD  1 
ATOM   372  O OE1 . GLN A 1 48  ? 1.800   -20.088 8.333   1.00 43.14 ? 48  GLN A OE1 1 
ATOM   373  N NE2 . GLN A 1 48  ? -0.057  -19.532 9.496   1.00 41.69 ? 48  GLN A NE2 1 
ATOM   374  N N   . GLY A 1 49  ? 5.056   -15.048 7.132   1.00 43.05 ? 49  GLY A N   1 
ATOM   375  C CA  . GLY A 1 49  ? 6.180   -14.622 6.199   1.00 46.22 ? 49  GLY A CA  1 
ATOM   376  C C   . GLY A 1 49  ? 7.513   -14.945 6.833   1.00 48.23 ? 49  GLY A C   1 
ATOM   377  O O   . GLY A 1 49  ? 7.500   -15.890 7.676   1.00 49.43 ? 49  GLY A O   1 
ATOM   378  N N   . GLU A 1 50  ? 8.610   -14.260 6.572   1.00 49.71 ? 50  GLU A N   1 
ATOM   379  C CA  . GLU A 1 50  ? 9.879   -14.668 7.265   1.00 51.59 ? 50  GLU A CA  1 
ATOM   380  C C   . GLU A 1 50  ? 10.682  -13.553 7.837   1.00 52.87 ? 50  GLU A C   1 
ATOM   381  O O   . GLU A 1 50  ? 10.205  -12.376 7.908   1.00 53.17 ? 50  GLU A O   1 
ATOM   382  C CB  . GLU A 1 50  ? 10.646  -15.674 6.467   1.00 52.24 ? 50  GLU A CB  1 
ATOM   383  C CG  . GLU A 1 50  ? 10.913  -15.363 5.015   1.00 52.96 ? 50  GLU A CG  1 
ATOM   384  C CD  . GLU A 1 50  ? 9.733   -15.087 4.121   1.00 53.20 ? 50  GLU A CD  1 
ATOM   385  O OE1 . GLU A 1 50  ? 8.616   -15.383 4.623   1.00 52.57 ? 50  GLU A OE1 1 
ATOM   386  O OE2 . GLU A 1 50  ? 9.914   -14.572 2.995   1.00 52.21 ? 50  GLU A OE2 1 
ATOM   387  N N   . PRO A 1 51  ? 11.883  -13.857 8.339   1.00 53.66 ? 51  PRO A N   1 
ATOM   388  C CA  . PRO A 1 51  ? 12.827  -12.996 8.995   1.00 53.76 ? 51  PRO A CA  1 
ATOM   389  C C   . PRO A 1 51  ? 12.775  -11.495 8.935   1.00 53.56 ? 51  PRO A C   1 
ATOM   390  O O   . PRO A 1 51  ? 12.583  -10.807 7.925   1.00 53.40 ? 51  PRO A O   1 
ATOM   391  C CB  . PRO A 1 51  ? 14.214  -13.568 8.697   1.00 53.86 ? 51  PRO A CB  1 
ATOM   392  C CG  . PRO A 1 51  ? 13.992  -14.996 8.314   1.00 53.90 ? 51  PRO A CG  1 
ATOM   393  C CD  . PRO A 1 51  ? 12.480  -15.225 8.340   1.00 54.07 ? 51  PRO A CD  1 
ATOM   394  N N   . SER A 1 52  ? 13.004  -10.953 10.134  1.00 53.11 ? 52  SER A N   1 
ATOM   395  C CA  . SER A 1 52  ? 13.077  -9.601  10.538  1.00 52.57 ? 52  SER A CA  1 
ATOM   396  C C   . SER A 1 52  ? 14.076  -8.769  9.728   1.00 52.60 ? 52  SER A C   1 
ATOM   397  O O   . SER A 1 52  ? 14.626  -9.159  8.696   1.00 52.97 ? 52  SER A O   1 
ATOM   398  C CB  . SER A 1 52  ? 13.305  -9.378  12.024  1.00 52.38 ? 52  SER A CB  1 
ATOM   399  O OG  . SER A 1 52  ? 13.958  -10.422 12.729  1.00 50.84 ? 52  SER A OG  1 
ATOM   400  N N   . ASN A 1 53  ? 14.291  -7.602  10.288  1.00 52.20 ? 53  ASN A N   1 
ATOM   401  C CA  . ASN A 1 53  ? 15.147  -6.529  9.706   1.00 51.77 ? 53  ASN A CA  1 
ATOM   402  C C   . ASN A 1 53  ? 14.222  -5.286  10.054  1.00 51.07 ? 53  ASN A C   1 
ATOM   403  O O   . ASN A 1 53  ? 14.181  -4.249  9.398   1.00 51.45 ? 53  ASN A O   1 
ATOM   404  C CB  . ASN A 1 53  ? 15.170  -6.641  8.189   1.00 52.05 ? 53  ASN A CB  1 
ATOM   405  C CG  . ASN A 1 53  ? 16.352  -7.318  7.597   1.00 52.87 ? 53  ASN A CG  1 
ATOM   406  O OD1 . ASN A 1 53  ? 17.253  -7.770  8.342   1.00 54.25 ? 53  ASN A OD1 1 
ATOM   407  N ND2 . ASN A 1 53  ? 16.371  -7.400  6.272   1.00 52.08 ? 53  ASN A ND2 1 
ATOM   408  N N   . ASP A 1 54  ? 13.453  -5.688  11.078  1.00 49.62 ? 54  ASP A N   1 
ATOM   409  C CA  . ASP A 1 54  ? 12.438  -4.757  11.575  1.00 48.23 ? 54  ASP A CA  1 
ATOM   410  C C   . ASP A 1 54  ? 11.295  -4.826  10.504  1.00 45.39 ? 54  ASP A C   1 
ATOM   411  O O   . ASP A 1 54  ? 10.780  -3.686  10.326  1.00 46.01 ? 54  ASP A O   1 
ATOM   412  C CB  . ASP A 1 54  ? 12.887  -3.291  11.643  1.00 51.34 ? 54  ASP A CB  1 
ATOM   413  C CG  . ASP A 1 54  ? 14.354  -3.007  11.778  1.00 53.87 ? 54  ASP A CG  1 
ATOM   414  O OD1 . ASP A 1 54  ? 15.125  -3.648  12.527  1.00 54.28 ? 54  ASP A OD1 1 
ATOM   415  O OD2 . ASP A 1 54  ? 14.773  -2.062  11.016  1.00 54.84 ? 54  ASP A OD2 1 
ATOM   416  N N   . LYS A 1 55  ? 11.034  -6.002  9.957   1.00 41.48 ? 55  LYS A N   1 
ATOM   417  C CA  . LYS A 1 55  ? 9.926   -6.050  8.961   1.00 37.30 ? 55  LYS A CA  1 
ATOM   418  C C   . LYS A 1 55  ? 8.851   -7.102  9.313   1.00 33.56 ? 55  LYS A C   1 
ATOM   419  O O   . LYS A 1 55  ? 9.212   -8.265  9.504   1.00 33.26 ? 55  LYS A O   1 
ATOM   420  C CB  . LYS A 1 55  ? 10.380  -6.407  7.586   1.00 37.74 ? 55  LYS A CB  1 
ATOM   421  C CG  . LYS A 1 55  ? 11.739  -5.948  7.068   1.00 38.43 ? 55  LYS A CG  1 
ATOM   422  C CD  . LYS A 1 55  ? 11.953  -6.599  5.735   1.00 38.53 ? 55  LYS A CD  1 
ATOM   423  C CE  . LYS A 1 55  ? 13.243  -6.347  5.038   1.00 39.49 ? 55  LYS A CE  1 
ATOM   424  N NZ  . LYS A 1 55  ? 13.498  -7.651  4.261   1.00 42.16 ? 55  LYS A NZ  1 
ATOM   425  N N   . ILE A 1 56  ? 7.610   -6.709  9.284   1.00 29.55 ? 56  ILE A N   1 
ATOM   426  C CA  . ILE A 1 56  ? 6.433   -7.535  9.536   1.00 26.34 ? 56  ILE A CA  1 
ATOM   427  C C   . ILE A 1 56  ? 5.627   -7.653  8.222   1.00 25.08 ? 56  ILE A C   1 
ATOM   428  O O   . ILE A 1 56  ? 5.226   -6.668  7.559   1.00 24.19 ? 56  ILE A O   1 
ATOM   429  C CB  . ILE A 1 56  ? 5.617   -6.882  10.716  1.00 24.43 ? 56  ILE A CB  1 
ATOM   430  C CG1 . ILE A 1 56  ? 6.538   -6.694  11.966  1.00 22.51 ? 56  ILE A CG1 1 
ATOM   431  C CG2 . ILE A 1 56  ? 4.315   -7.608  11.129  1.00 22.88 ? 56  ILE A CG2 1 
ATOM   432  C CD1 . ILE A 1 56  ? 5.846   -5.910  13.121  1.00 21.24 ? 56  ILE A CD1 1 
ATOM   433  N N   . PRO A 1 57  ? 5.405   -8.901  7.800   1.00 24.09 ? 57  PRO A N   1 
ATOM   434  C CA  . PRO A 1 57  ? 4.658   -9.219  6.585   1.00 22.73 ? 57  PRO A CA  1 
ATOM   435  C C   . PRO A 1 57  ? 3.164   -9.021  6.822   1.00 20.55 ? 57  PRO A C   1 
ATOM   436  O O   . PRO A 1 57  ? 2.583   -9.619  7.738   1.00 20.14 ? 57  PRO A O   1 
ATOM   437  C CB  . PRO A 1 57  ? 4.935   -10.714 6.286   1.00 22.93 ? 57  PRO A CB  1 
ATOM   438  C CG  . PRO A 1 57  ? 5.322   -11.286 7.592   1.00 23.32 ? 57  PRO A CG  1 
ATOM   439  C CD  . PRO A 1 57  ? 5.829   -10.150 8.490   1.00 23.90 ? 57  PRO A CD  1 
ATOM   440  N N   . VAL A 1 58  ? 2.608   -8.267  5.898   1.00 18.89 ? 58  VAL A N   1 
ATOM   441  C CA  . VAL A 1 58  ? 1.169   -7.966  5.946   1.00 17.44 ? 58  VAL A CA  1 
ATOM   442  C C   . VAL A 1 58  ? 0.591   -7.907  4.550   1.00 16.95 ? 58  VAL A C   1 
ATOM   443  O O   . VAL A 1 58  ? 1.299   -7.759  3.546   1.00 17.49 ? 58  VAL A O   1 
ATOM   444  C CB  . VAL A 1 58  ? 0.959   -6.596  6.738   1.00 15.85 ? 58  VAL A CB  1 
ATOM   445  C CG1 . VAL A 1 58  ? 1.405   -6.672  8.182   1.00 14.12 ? 58  VAL A CG1 1 
ATOM   446  C CG2 . VAL A 1 58  ? 1.620   -5.443  6.016   1.00 14.06 ? 58  VAL A CG2 1 
ATOM   447  N N   . ALA A 1 59  ? -0.714  -7.977  4.488   1.00 16.81 ? 59  ALA A N   1 
ATOM   448  C CA  . ALA A 1 59  ? -1.482  -7.802  3.232   1.00 16.04 ? 59  ALA A CA  1 
ATOM   449  C C   . ALA A 1 59  ? -2.284  -6.503  3.448   1.00 15.82 ? 59  ALA A C   1 
ATOM   450  O O   . ALA A 1 59  ? -2.687  -6.192  4.588   1.00 16.36 ? 59  ALA A O   1 
ATOM   451  C CB  . ALA A 1 59  ? -2.390  -8.957  2.979   1.00 16.11 ? 59  ALA A CB  1 
ATOM   452  N N   . LEU A 1 60  ? -2.524  -5.803  2.383   1.00 16.10 ? 60  LEU A N   1 
ATOM   453  C CA  . LEU A 1 60  ? -3.326  -4.543  2.448   1.00 16.44 ? 60  LEU A CA  1 
ATOM   454  C C   . LEU A 1 60  ? -4.551  -4.645  1.584   1.00 17.26 ? 60  LEU A C   1 
ATOM   455  O O   . LEU A 1 60  ? -4.405  -4.754  0.360   1.00 17.97 ? 60  LEU A O   1 
ATOM   456  C CB  . LEU A 1 60  ? -2.373  -3.404  2.055   1.00 13.99 ? 60  LEU A CB  1 
ATOM   457  C CG  . LEU A 1 60  ? -1.180  -3.198  2.962   1.00 12.52 ? 60  LEU A CG  1 
ATOM   458  C CD1 . LEU A 1 60  ? -0.125  -2.326  2.319   1.00 12.27 ? 60  LEU A CD1 1 
ATOM   459  C CD2 . LEU A 1 60  ? -1.702  -2.614  4.256   1.00 12.61 ? 60  LEU A CD2 1 
ATOM   460  N N   . GLY A 1 61  ? -5.731  -4.597  2.142   1.00 18.20 ? 61  GLY A N   1 
ATOM   461  C CA  . GLY A 1 61  ? -6.992  -4.624  1.419   1.00 18.54 ? 61  GLY A CA  1 
ATOM   462  C C   . GLY A 1 61  ? -7.656  -3.262  1.626   1.00 19.79 ? 61  GLY A C   1 
ATOM   463  O O   . GLY A 1 61  ? -7.172  -2.365  2.344   1.00 19.09 ? 61  GLY A O   1 
ATOM   464  N N   . LEU A 1 62  ? -8.768  -3.145  0.847   1.00 20.79 ? 62  LEU A N   1 
ATOM   465  C CA  . LEU A 1 62  ? -9.612  -1.915  0.962   1.00 21.02 ? 62  LEU A CA  1 
ATOM   466  C C   . LEU A 1 62  ? -10.750 -2.341  1.933   1.00 21.36 ? 62  LEU A C   1 
ATOM   467  O O   . LEU A 1 62  ? -11.428 -3.330  1.664   1.00 22.13 ? 62  LEU A O   1 
ATOM   468  C CB  . LEU A 1 62  ? -10.172 -1.548  -0.388  1.00 20.39 ? 62  LEU A CB  1 
ATOM   469  C CG  . LEU A 1 62  ? -9.541  -0.421  -1.133  1.00 21.06 ? 62  LEU A CG  1 
ATOM   470  C CD1 . LEU A 1 62  ? -8.242  -0.765  -1.748  1.00 21.22 ? 62  LEU A CD1 1 
ATOM   471  C CD2 . LEU A 1 62  ? -10.507 0.028   -2.232  1.00 21.16 ? 62  LEU A CD2 1 
ATOM   472  N N   . LYS A 1 63  ? -10.936 -1.576  2.976   1.00 21.80 ? 63  LYS A N   1 
ATOM   473  C CA  . LYS A 1 63  ? -11.976 -1.858  3.958   1.00 22.07 ? 63  LYS A CA  1 
ATOM   474  C C   . LYS A 1 63  ? -13.316 -2.095  3.256   1.00 22.33 ? 63  LYS A C   1 
ATOM   475  O O   . LYS A 1 63  ? -13.775 -1.352  2.399   1.00 22.24 ? 63  LYS A O   1 
ATOM   476  C CB  . LYS A 1 63  ? -12.033 -0.657  4.893   1.00 22.30 ? 63  LYS A CB  1 
ATOM   477  C CG  . LYS A 1 63  ? -13.254 -0.679  5.767   1.00 24.63 ? 63  LYS A CG  1 
ATOM   478  C CD  . LYS A 1 63  ? -13.034 -0.534  7.208   1.00 28.83 ? 63  LYS A CD  1 
ATOM   479  C CE  . LYS A 1 63  ? -14.306 -0.283  8.013   1.00 31.80 ? 63  LYS A CE  1 
ATOM   480  N NZ  . LYS A 1 63  ? -14.895 0.992   7.426   1.00 35.15 ? 63  LYS A NZ  1 
ATOM   481  N N   . GLY A 1 64  ? -14.029 -3.121  3.629   1.00 22.91 ? 64  GLY A N   1 
ATOM   482  C CA  . GLY A 1 64  ? -15.339 -3.488  3.119   1.00 23.13 ? 64  GLY A CA  1 
ATOM   483  C C   . GLY A 1 64  ? -15.293 -4.055  1.728   1.00 23.58 ? 64  GLY A C   1 
ATOM   484  O O   . GLY A 1 64  ? -16.384 -4.301  1.205   1.00 24.27 ? 64  GLY A O   1 
ATOM   485  N N   . LYS A 1 65  ? -14.110 -4.329  1.186   1.00 23.35 ? 65  LYS A N   1 
ATOM   486  C CA  . LYS A 1 65  ? -14.012 -4.872  -0.170  1.00 22.97 ? 65  LYS A CA  1 
ATOM   487  C C   . LYS A 1 65  ? -13.076 -6.047  -0.377  1.00 23.04 ? 65  LYS A C   1 
ATOM   488  O O   . LYS A 1 65  ? -12.082 -6.253  0.364   1.00 24.11 ? 65  LYS A O   1 
ATOM   489  C CB  . LYS A 1 65  ? -13.492 -3.784  -1.113  1.00 21.99 ? 65  LYS A CB  1 
ATOM   490  C CG  . LYS A 1 65  ? -14.261 -2.514  -0.969  1.00 21.66 ? 65  LYS A CG  1 
ATOM   491  C CD  . LYS A 1 65  ? -13.844 -1.493  -2.053  1.00 22.51 ? 65  LYS A CD  1 
ATOM   492  C CE  . LYS A 1 65  ? -15.015 -0.531  -2.076  1.00 25.14 ? 65  LYS A CE  1 
ATOM   493  N NZ  . LYS A 1 65  ? -15.304 -0.070  -3.438  1.00 28.21 ? 65  LYS A NZ  1 
ATOM   494  N N   . ASN A 1 66  ? -13.372 -6.767  -1.432  1.00 21.79 ? 66  ASN A N   1 
ATOM   495  C CA  . ASN A 1 66  ? -12.581 -7.930  -1.872  1.00 21.23 ? 66  ASN A CA  1 
ATOM   496  C C   . ASN A 1 66  ? -11.556 -7.395  -2.890  1.00 20.64 ? 66  ASN A C   1 
ATOM   497  O O   . ASN A 1 66  ? -11.506 -7.938  -3.990  1.00 20.72 ? 66  ASN A O   1 
ATOM   498  C CB  . ASN A 1 66  ? -13.463 -9.029  -2.466  1.00 21.61 ? 66  ASN A CB  1 
ATOM   499  C CG  . ASN A 1 66  ? -14.262 -8.687  -3.722  1.00 20.16 ? 66  ASN A CG  1 
ATOM   500  O OD1 . ASN A 1 66  ? -14.849 -7.673  -3.954  1.00 19.27 ? 66  ASN A OD1 1 
ATOM   501  N ND2 . ASN A 1 66  ? -14.296 -9.671  -4.634  1.00 21.51 ? 66  ASN A ND2 1 
ATOM   502  N N   . LEU A 1 67  ? -10.885 -6.333  -2.516  1.00 20.19 ? 67  LEU A N   1 
ATOM   503  C CA  . LEU A 1 67  ? -9.866  -5.665  -3.324  1.00 19.02 ? 67  LEU A CA  1 
ATOM   504  C C   . LEU A 1 67  ? -8.590  -5.600  -2.470  1.00 19.25 ? 67  LEU A C   1 
ATOM   505  O O   . LEU A 1 67  ? -8.716  -5.013  -1.338  1.00 19.83 ? 67  LEU A O   1 
ATOM   506  C CB  . LEU A 1 67  ? -10.346 -4.281  -3.739  1.00 17.55 ? 67  LEU A CB  1 
ATOM   507  C CG  . LEU A 1 67  ? -11.376 -4.086  -4.827  1.00 18.03 ? 67  LEU A CG  1 
ATOM   508  C CD1 . LEU A 1 67  ? -11.562 -2.634  -5.268  1.00 16.70 ? 67  LEU A CD1 1 
ATOM   509  C CD2 . LEU A 1 67  ? -10.986 -4.908  -6.076  1.00 17.74 ? 67  LEU A CD2 1 
ATOM   510  N N   . TYR A 1 68  ? -7.488  -6.122  -2.976  1.00 18.43 ? 68  TYR A N   1 
ATOM   511  C CA  . TYR A 1 68  ? -6.210  -6.126  -2.298  1.00 18.26 ? 68  TYR A CA  1 
ATOM   512  C C   . TYR A 1 68  ? -5.089  -5.666  -3.258  1.00 18.28 ? 68  TYR A C   1 
ATOM   513  O O   . TYR A 1 68  ? -5.130  -6.049  -4.442  1.00 18.37 ? 68  TYR A O   1 
ATOM   514  C CB  . TYR A 1 68  ? -5.736  -7.602  -1.912  1.00 18.35 ? 68  TYR A CB  1 
ATOM   515  C CG  . TYR A 1 68  ? -6.476  -8.090  -0.727  1.00 19.63 ? 68  TYR A CG  1 
ATOM   516  C CD1 . TYR A 1 68  ? -7.759  -8.621  -0.828  1.00 21.05 ? 68  TYR A CD1 1 
ATOM   517  C CD2 . TYR A 1 68  ? -5.920  -7.952  0.561   1.00 21.14 ? 68  TYR A CD2 1 
ATOM   518  C CE1 . TYR A 1 68  ? -8.453  -9.084  0.294   1.00 22.37 ? 68  TYR A CE1 1 
ATOM   519  C CE2 . TYR A 1 68  ? -6.598  -8.366  1.720   1.00 21.94 ? 68  TYR A CE2 1 
ATOM   520  C CZ  . TYR A 1 68  ? -7.854  -8.929  1.539   1.00 24.00 ? 68  TYR A CZ  1 
ATOM   521  O OH  . TYR A 1 68  ? -8.607  -9.310  2.629   1.00 28.40 ? 68  TYR A OH  1 
ATOM   522  N N   . LEU A 1 69  ? -4.136  -4.969  -2.658  1.00 17.83 ? 69  LEU A N   1 
ATOM   523  C CA  . LEU A 1 69  ? -2.926  -4.508  -3.365  1.00 17.49 ? 69  LEU A CA  1 
ATOM   524  C C   . LEU A 1 69  ? -2.090  -5.708  -3.792  1.00 18.26 ? 69  LEU A C   1 
ATOM   525  O O   . LEU A 1 69  ? -1.840  -6.686  -3.029  1.00 18.24 ? 69  LEU A O   1 
ATOM   526  C CB  . LEU A 1 69  ? -2.215  -3.528  -2.412  1.00 16.05 ? 69  LEU A CB  1 
ATOM   527  C CG  . LEU A 1 69  ? -2.800  -2.120  -2.383  1.00 16.33 ? 69  LEU A CG  1 
ATOM   528  C CD1 . LEU A 1 69  ? -1.786  -1.082  -1.930  1.00 16.02 ? 69  LEU A CD1 1 
ATOM   529  C CD2 . LEU A 1 69  ? -3.177  -1.790  -3.880  1.00 17.80 ? 69  LEU A CD2 1 
ATOM   530  N N   . SER A 1 70  ? -1.539  -5.640  -4.980  1.00 19.24 ? 70  SER A N   1 
ATOM   531  C CA  . SER A 1 70  ? -0.736  -6.797  -5.532  1.00 19.90 ? 70  SER A CA  1 
ATOM   532  C C   . SER A 1 70  ? 0.439   -6.271  -6.332  1.00 19.76 ? 70  SER A C   1 
ATOM   533  O O   . SER A 1 70  ? 0.397   -5.153  -6.841  1.00 19.87 ? 70  SER A O   1 
ATOM   534  C CB  . SER A 1 70  ? -1.775  -7.311  -6.639  1.00 21.35 ? 70  SER A CB  1 
ATOM   535  O OG  . SER A 1 70  ? -1.917  -8.664  -6.419  1.00 23.46 ? 70  SER A OG  1 
ATOM   536  N N   . CYS A 1 71  ? 1.417   -7.067  -6.564  1.00 20.16 ? 71  CYS A N   1 
ATOM   537  C CA  . CYS A 1 71  ? 2.636   -6.733  -7.317  1.00 20.72 ? 71  CYS A CA  1 
ATOM   538  C C   . CYS A 1 71  ? 2.873   -7.921  -8.281  1.00 21.11 ? 71  CYS A C   1 
ATOM   539  O O   . CYS A 1 71  ? 2.876   -9.030  -7.787  1.00 20.16 ? 71  CYS A O   1 
ATOM   540  C CB  . CYS A 1 71  ? 3.829   -6.738  -6.344  1.00 21.12 ? 71  CYS A CB  1 
ATOM   541  S SG  . CYS A 1 71  ? 3.675   -5.563  -5.034  1.00 21.63 ? 71  CYS A SG  1 
ATOM   542  N N   . VAL A 1 72  ? 3.022   -7.526  -9.508  1.00 22.27 ? 72  VAL A N   1 
ATOM   543  C CA  . VAL A 1 72  ? 3.228   -8.496  -10.608 1.00 23.32 ? 72  VAL A CA  1 
ATOM   544  C C   . VAL A 1 72  ? 4.183   -7.837  -11.588 1.00 25.08 ? 72  VAL A C   1 
ATOM   545  O O   . VAL A 1 72  ? 4.446   -6.636  -11.427 1.00 24.89 ? 72  VAL A O   1 
ATOM   546  C CB  . VAL A 1 72  ? 1.841   -8.836  -11.186 1.00 22.36 ? 72  VAL A CB  1 
ATOM   547  C CG1 . VAL A 1 72  ? 0.914   -9.417  -10.114 1.00 22.18 ? 72  VAL A CG1 1 
ATOM   548  C CG2 . VAL A 1 72  ? 1.189   -7.649  -11.833 1.00 21.49 ? 72  VAL A CG2 1 
ATOM   549  N N   . MET A 1 73  ? 4.797   -8.679  -12.416 1.00 27.20 ? 73  MET A N   1 
ATOM   550  C CA  . MET A 1 73  ? 5.719   -8.228  -13.495 1.00 28.79 ? 73  MET A CA  1 
ATOM   551  C C   . MET A 1 73  ? 4.749   -7.890  -14.672 1.00 29.89 ? 73  MET A C   1 
ATOM   552  O O   . MET A 1 73  ? 4.096   -8.857  -15.105 1.00 30.32 ? 73  MET A O   1 
ATOM   553  C CB  . MET A 1 73  ? 6.595   -9.378  -13.974 1.00 28.86 ? 73  MET A CB  1 
ATOM   554  C CG  . MET A 1 73  ? 7.941   -9.443  -13.416 1.00 29.16 ? 73  MET A CG  1 
ATOM   555  S SD  . MET A 1 73  ? 8.919   -7.976  -13.793 1.00 31.38 ? 73  MET A SD  1 
ATOM   556  C CE  . MET A 1 73  ? 9.997   -8.577  -15.115 1.00 31.59 ? 73  MET A CE  1 
ATOM   557  N N   . LYS A 1 74  ? 4.700   -6.683  -15.089 1.00 30.62 ? 74  LYS A N   1 
ATOM   558  C CA  . LYS A 1 74  ? 3.782   -6.310  -16.216 1.00 31.86 ? 74  LYS A CA  1 
ATOM   559  C C   . LYS A 1 74  ? 4.575   -5.309  -17.067 1.00 32.37 ? 74  LYS A C   1 
ATOM   560  O O   . LYS A 1 74  ? 5.182   -4.365  -16.526 1.00 32.09 ? 74  LYS A O   1 
ATOM   561  C CB  . LYS A 1 74  ? 2.473   -5.722  -15.716 1.00 32.66 ? 74  LYS A CB  1 
ATOM   562  C CG  . LYS A 1 74  ? 1.304   -5.672  -16.642 1.00 33.95 ? 74  LYS A CG  1 
ATOM   563  C CD  . LYS A 1 74  ? -0.083  -5.727  -16.037 1.00 35.39 ? 74  LYS A CD  1 
ATOM   564  C CE  . LYS A 1 74  ? -0.503  -7.099  -15.494 1.00 36.10 ? 74  LYS A CE  1 
ATOM   565  N NZ  . LYS A 1 74  ? -1.645  -6.923  -14.498 1.00 35.15 ? 74  LYS A NZ  1 
ATOM   566  N N   . ASP A 1 75  ? 4.651   -5.599  -18.361 1.00 33.00 ? 75  ASP A N   1 
ATOM   567  C CA  . ASP A 1 75  ? 5.408   -4.717  -19.271 1.00 33.37 ? 75  ASP A CA  1 
ATOM   568  C C   . ASP A 1 75  ? 6.869   -4.703  -18.872 1.00 32.51 ? 75  ASP A C   1 
ATOM   569  O O   . ASP A 1 75  ? 7.494   -3.623  -18.884 1.00 32.83 ? 75  ASP A O   1 
ATOM   570  C CB  . ASP A 1 75  ? 4.745   -3.331  -19.320 1.00 36.52 ? 75  ASP A CB  1 
ATOM   571  C CG  . ASP A 1 75  ? 3.525   -3.361  -20.242 1.00 40.20 ? 75  ASP A CG  1 
ATOM   572  O OD1 . ASP A 1 75  ? 3.119   -4.434  -20.791 1.00 41.13 ? 75  ASP A OD1 1 
ATOM   573  O OD2 . ASP A 1 75  ? 2.965   -2.251  -20.453 1.00 41.80 ? 75  ASP A OD2 1 
ATOM   574  N N   . GLY A 1 76  ? 7.390   -5.813  -18.466 1.00 31.78 ? 76  GLY A N   1 
ATOM   575  C CA  . GLY A 1 76  ? 8.770   -5.977  -18.058 1.00 31.46 ? 76  GLY A CA  1 
ATOM   576  C C   . GLY A 1 76  ? 9.208   -5.094  -16.930 1.00 31.60 ? 76  GLY A C   1 
ATOM   577  O O   . GLY A 1 76  ? 10.386  -4.692  -16.859 1.00 31.54 ? 76  GLY A O   1 
ATOM   578  N N   . THR A 1 77  ? 8.299   -4.737  -16.034 1.00 31.49 ? 77  THR A N   1 
ATOM   579  C CA  . THR A 1 77  ? 8.568   -3.917  -14.835 1.00 30.41 ? 77  THR A CA  1 
ATOM   580  C C   . THR A 1 77  ? 7.637   -4.378  -13.710 1.00 28.79 ? 77  THR A C   1 
ATOM   581  O O   . THR A 1 77  ? 6.488   -4.748  -13.967 1.00 28.72 ? 77  THR A O   1 
ATOM   582  C CB  . THR A 1 77  ? 8.343   -2.363  -15.083 1.00 32.18 ? 77  THR A CB  1 
ATOM   583  O OG1 . THR A 1 77  ? 8.912   -1.725  -13.865 1.00 32.97 ? 77  THR A OG1 1 
ATOM   584  C CG2 . THR A 1 77  ? 6.865   -1.935  -15.157 1.00 32.34 ? 77  THR A CG2 1 
ATOM   585  N N   . PRO A 1 78  ? 8.153   -4.399  -12.536 1.00 28.25 ? 78  PRO A N   1 
ATOM   586  C CA  . PRO A 1 78  ? 7.353   -4.769  -11.294 1.00 27.33 ? 78  PRO A CA  1 
ATOM   587  C C   . PRO A 1 78  ? 6.294   -3.641  -11.147 1.00 26.36 ? 78  PRO A C   1 
ATOM   588  O O   . PRO A 1 78  ? 6.641   -2.433  -11.161 1.00 26.35 ? 78  PRO A O   1 
ATOM   589  C CB  . PRO A 1 78  ? 8.408   -4.732  -10.204 1.00 27.25 ? 78  PRO A CB  1 
ATOM   590  C CG  . PRO A 1 78  ? 9.716   -4.973  -10.929 1.00 27.34 ? 78  PRO A CG  1 
ATOM   591  C CD  . PRO A 1 78  ? 9.560   -4.051  -12.166 1.00 28.05 ? 78  PRO A CD  1 
ATOM   592  N N   . THR A 1 79  ? 5.049   -4.000  -11.058 1.00 25.01 ? 79  THR A N   1 
ATOM   593  C CA  . THR A 1 79  ? 3.904   -3.122  -11.000 1.00 24.52 ? 79  THR A CA  1 
ATOM   594  C C   . THR A 1 79  ? 2.951   -3.403  -9.837  1.00 23.54 ? 79  THR A C   1 
ATOM   595  O O   . THR A 1 79  ? 2.765   -4.579  -9.468  1.00 23.05 ? 79  THR A O   1 
ATOM   596  C CB  . THR A 1 79  ? 3.021   -3.339  -12.346 1.00 25.35 ? 79  THR A CB  1 
ATOM   597  O OG1 . THR A 1 79  ? 3.973   -3.247  -13.461 1.00 27.51 ? 79  THR A OG1 1 
ATOM   598  C CG2 . THR A 1 79  ? 1.878   -2.391  -12.511 1.00 23.90 ? 79  THR A CG2 1 
ATOM   599  N N   . LEU A 1 80  ? 2.362   -2.297  -9.343  1.00 22.53 ? 80  LEU A N   1 
ATOM   600  C CA  . LEU A 1 80  ? 1.399   -2.393  -8.229  1.00 21.68 ? 80  LEU A CA  1 
ATOM   601  C C   . LEU A 1 80  ? -0.007  -2.356  -8.863  1.00 22.11 ? 80  LEU A C   1 
ATOM   602  O O   . LEU A 1 80  ? -0.252  -1.505  -9.755  1.00 22.71 ? 80  LEU A O   1 
ATOM   603  C CB  . LEU A 1 80  ? 1.551   -1.117  -7.350  1.00 20.46 ? 80  LEU A CB  1 
ATOM   604  C CG  . LEU A 1 80  ? 0.612   -1.027  -6.154  1.00 19.70 ? 80  LEU A CG  1 
ATOM   605  C CD1 . LEU A 1 80  ? 0.889   -2.216  -5.203  1.00 19.05 ? 80  LEU A CD1 1 
ATOM   606  C CD2 . LEU A 1 80  ? 0.669   0.285   -5.425  1.00 17.85 ? 80  LEU A CD2 1 
ATOM   607  N N   . GLN A 1 81  ? -0.890  -3.177  -8.385  1.00 22.00 ? 81  GLN A N   1 
ATOM   608  C CA  . GLN A 1 81  ? -2.264  -3.227  -8.831  1.00 22.30 ? 81  GLN A CA  1 
ATOM   609  C C   . GLN A 1 81  ? -3.172  -3.510  -7.633  1.00 21.40 ? 81  GLN A C   1 
ATOM   610  O O   . GLN A 1 81  ? -2.713  -3.690  -6.508  1.00 20.86 ? 81  GLN A O   1 
ATOM   611  C CB  . GLN A 1 81  ? -2.576  -4.236  -9.924  1.00 25.66 ? 81  GLN A CB  1 
ATOM   612  C CG  . GLN A 1 81  ? -2.236  -5.651  -9.576  1.00 28.35 ? 81  GLN A CG  1 
ATOM   613  C CD  . GLN A 1 81  ? -2.239  -6.536  -10.802 1.00 31.33 ? 81  GLN A CD  1 
ATOM   614  O OE1 . GLN A 1 81  ? -2.287  -6.090  -11.956 1.00 32.98 ? 81  GLN A OE1 1 
ATOM   615  N NE2 . GLN A 1 81  ? -2.197  -7.837  -10.500 1.00 32.31 ? 81  GLN A NE2 1 
ATOM   616  N N   . LEU A 1 82  ? -4.424  -3.451  -8.026  1.00 21.14 ? 82  LEU A N   1 
ATOM   617  C CA  . LEU A 1 82  ? -5.556  -3.697  -7.094  1.00 20.61 ? 82  LEU A CA  1 
ATOM   618  C C   . LEU A 1 82  ? -6.240  -4.964  -7.661  1.00 19.76 ? 82  LEU A C   1 
ATOM   619  O O   . LEU A 1 82  ? -6.847  -4.797  -8.680  1.00 19.84 ? 82  LEU A O   1 
ATOM   620  C CB  . LEU A 1 82  ? -6.520  -2.496  -7.088  1.00 19.09 ? 82  LEU A CB  1 
ATOM   621  C CG  . LEU A 1 82  ? -6.334  -1.325  -6.137  1.00 17.67 ? 82  LEU A CG  1 
ATOM   622  C CD1 . LEU A 1 82  ? -7.548  -0.390  -6.233  1.00 17.17 ? 82  LEU A CD1 1 
ATOM   623  C CD2 . LEU A 1 82  ? -6.240  -1.812  -4.705  1.00 18.21 ? 82  LEU A CD2 1 
ATOM   624  N N   . GLU A 1 83  ? -6.177  -6.041  -7.002  1.00 19.91 ? 83  GLU A N   1 
ATOM   625  C CA  . GLU A 1 83  ? -6.735  -7.312  -7.494  1.00 20.50 ? 83  GLU A CA  1 
ATOM   626  C C   . GLU A 1 83  ? -7.960  -7.720  -6.737  1.00 20.46 ? 83  GLU A C   1 
ATOM   627  O O   . GLU A 1 83  ? -8.040  -7.579  -5.516  1.00 20.29 ? 83  GLU A O   1 
ATOM   628  C CB  . GLU A 1 83  ? -5.626  -8.379  -7.435  1.00 21.13 ? 83  GLU A CB  1 
ATOM   629  C CG  . GLU A 1 83  ? -5.819  -9.780  -7.936  1.00 23.39 ? 83  GLU A CG  1 
ATOM   630  C CD  . GLU A 1 83  ? -4.723  -10.801 -7.830  1.00 24.15 ? 83  GLU A CD  1 
ATOM   631  O OE1 . GLU A 1 83  ? -3.515  -10.560 -7.765  1.00 24.75 ? 83  GLU A OE1 1 
ATOM   632  O OE2 . GLU A 1 83  ? -5.158  -11.991 -7.898  1.00 23.53 ? 83  GLU A OE2 1 
ATOM   633  N N   . SER A 1 84  ? -8.905  -8.252  -7.452  1.00 21.13 ? 84  SER A N   1 
ATOM   634  C CA  . SER A 1 84  ? -10.176 -8.808  -6.982  1.00 21.83 ? 84  SER A CA  1 
ATOM   635  C C   . SER A 1 84  ? -9.840  -10.268 -6.553  1.00 22.25 ? 84  SER A C   1 
ATOM   636  O O   . SER A 1 84  ? -9.003  -10.894 -7.235  1.00 21.65 ? 84  SER A O   1 
ATOM   637  C CB  . SER A 1 84  ? -11.140 -9.062  -8.178  1.00 22.90 ? 84  SER A CB  1 
ATOM   638  O OG  . SER A 1 84  ? -11.789 -7.846  -8.425  1.00 25.17 ? 84  SER A OG  1 
ATOM   639  N N   . VAL A 1 85  ? -10.549 -10.658 -5.501  1.00 22.58 ? 85  VAL A N   1 
ATOM   640  C CA  . VAL A 1 85  ? -10.326 -12.048 -5.009  1.00 23.22 ? 85  VAL A CA  1 
ATOM   641  C C   . VAL A 1 85  ? -11.742 -12.498 -4.562  1.00 24.86 ? 85  VAL A C   1 
ATOM   642  O O   . VAL A 1 85  ? -12.602 -11.608 -4.367  1.00 24.58 ? 85  VAL A O   1 
ATOM   643  C CB  . VAL A 1 85  ? -9.302  -12.061 -3.853  1.00 21.24 ? 85  VAL A CB  1 
ATOM   644  C CG1 . VAL A 1 85  ? -8.028  -11.323 -4.182  1.00 19.43 ? 85  VAL A CG1 1 
ATOM   645  C CG2 . VAL A 1 85  ? -9.943  -11.554 -2.547  1.00 20.39 ? 85  VAL A CG2 1 
ATOM   646  N N   . ASP A 1 86  ? -11.845 -13.810 -4.446  1.00 25.90 ? 86  ASP A N   1 
ATOM   647  C CA  . ASP A 1 86  ? -13.084 -14.445 -3.993  1.00 27.79 ? 86  ASP A CA  1 
ATOM   648  C C   . ASP A 1 86  ? -13.311 -14.067 -2.511  1.00 29.10 ? 86  ASP A C   1 
ATOM   649  O O   . ASP A 1 86  ? -12.536 -14.521 -1.644  1.00 29.69 ? 86  ASP A O   1 
ATOM   650  C CB  . ASP A 1 86  ? -12.867 -15.928 -4.192  1.00 29.38 ? 86  ASP A CB  1 
ATOM   651  C CG  . ASP A 1 86  ? -14.011 -16.859 -3.884  1.00 30.31 ? 86  ASP A CG  1 
ATOM   652  O OD1 . ASP A 1 86  ? -15.052 -16.402 -3.395  1.00 31.27 ? 86  ASP A OD1 1 
ATOM   653  O OD2 . ASP A 1 86  ? -13.804 -18.063 -4.193  1.00 31.52 ? 86  ASP A OD2 1 
ATOM   654  N N   . PRO A 1 87  ? -14.391 -13.342 -2.244  1.00 29.86 ? 87  PRO A N   1 
ATOM   655  C CA  . PRO A 1 87  ? -14.800 -12.878 -0.959  1.00 30.84 ? 87  PRO A CA  1 
ATOM   656  C C   . PRO A 1 87  ? -15.033 -13.887 0.149   1.00 32.09 ? 87  PRO A C   1 
ATOM   657  O O   . PRO A 1 87  ? -15.103 -13.512 1.320   1.00 31.55 ? 87  PRO A O   1 
ATOM   658  C CB  . PRO A 1 87  ? -16.046 -12.014 -1.220  1.00 30.60 ? 87  PRO A CB  1 
ATOM   659  C CG  . PRO A 1 87  ? -16.599 -12.541 -2.497  1.00 30.31 ? 87  PRO A CG  1 
ATOM   660  C CD  . PRO A 1 87  ? -15.350 -12.878 -3.297  1.00 30.39 ? 87  PRO A CD  1 
ATOM   661  N N   . LYS A 1 88  ? -15.196 -15.160 -0.208  1.00 33.66 ? 88  LYS A N   1 
ATOM   662  C CA  . LYS A 1 88  ? -15.385 -16.220 0.788   1.00 35.24 ? 88  LYS A CA  1 
ATOM   663  C C   . LYS A 1 88  ? -14.045 -16.762 1.253   1.00 35.36 ? 88  LYS A C   1 
ATOM   664  O O   . LYS A 1 88  ? -14.014 -17.198 2.413   1.00 35.82 ? 88  LYS A O   1 
ATOM   665  C CB  . LYS A 1 88  ? -16.393 -17.286 0.459   1.00 37.62 ? 88  LYS A CB  1 
ATOM   666  C CG  . LYS A 1 88  ? -17.765 -17.090 1.136   1.00 39.74 ? 88  LYS A CG  1 
ATOM   667  C CD  . LYS A 1 88  ? -18.913 -17.661 0.326   1.00 41.65 ? 88  LYS A CD  1 
ATOM   668  C CE  . LYS A 1 88  ? -20.069 -18.163 1.167   1.00 42.59 ? 88  LYS A CE  1 
ATOM   669  N NZ  . LYS A 1 88  ? -20.800 -17.086 1.882   1.00 42.94 ? 88  LYS A NZ  1 
ATOM   670  N N   . GLN A 1 89  ? -12.978 -16.700 0.478   1.00 34.93 ? 89  GLN A N   1 
ATOM   671  C CA  . GLN A 1 89  ? -11.663 -17.188 0.883   1.00 34.73 ? 89  GLN A CA  1 
ATOM   672  C C   . GLN A 1 89  ? -10.708 -16.158 1.496   1.00 33.69 ? 89  GLN A C   1 
ATOM   673  O O   . GLN A 1 89  ? -9.634  -16.569 1.985   1.00 34.24 ? 89  GLN A O   1 
ATOM   674  C CB  . GLN A 1 89  ? -10.839 -17.700 -0.351  1.00 36.06 ? 89  GLN A CB  1 
ATOM   675  C CG  . GLN A 1 89  ? -11.323 -19.006 -0.934  1.00 39.03 ? 89  GLN A CG  1 
ATOM   676  C CD  . GLN A 1 89  ? -10.497 -19.325 -2.171  1.00 41.63 ? 89  GLN A CD  1 
ATOM   677  O OE1 . GLN A 1 89  ? -9.245  -19.205 -2.123  1.00 42.92 ? 89  GLN A OE1 1 
ATOM   678  N NE2 . GLN A 1 89  ? -11.183 -19.626 -3.285  1.00 41.16 ? 89  GLN A NE2 1 
ATOM   679  N N   . TYR A 1 90  ? -10.940 -14.899 1.346   1.00 32.49 ? 90  TYR A N   1 
ATOM   680  C CA  . TYR A 1 90  ? -10.086 -13.806 1.746   1.00 31.07 ? 90  TYR A CA  1 
ATOM   681  C C   . TYR A 1 90  ? -10.635 -13.002 2.883   1.00 31.41 ? 90  TYR A C   1 
ATOM   682  O O   . TYR A 1 90  ? -11.865 -12.870 2.964   1.00 31.96 ? 90  TYR A O   1 
ATOM   683  C CB  . TYR A 1 90  ? -9.669  -12.976 0.521   1.00 27.73 ? 90  TYR A CB  1 
ATOM   684  C CG  . TYR A 1 90  ? -8.634  -13.661 -0.327  1.00 25.94 ? 90  TYR A CG  1 
ATOM   685  C CD1 . TYR A 1 90  ? -9.003  -14.662 -1.247  1.00 26.10 ? 90  TYR A CD1 1 
ATOM   686  C CD2 . TYR A 1 90  ? -7.279  -13.331 -0.256  1.00 25.02 ? 90  TYR A CD2 1 
ATOM   687  C CE1 . TYR A 1 90  ? -8.056  -15.324 -2.020  1.00 25.70 ? 90  TYR A CE1 1 
ATOM   688  C CE2 . TYR A 1 90  ? -6.322  -14.002 -0.997  1.00 24.29 ? 90  TYR A CE2 1 
ATOM   689  C CZ  . TYR A 1 90  ? -6.708  -15.002 -1.866  1.00 25.51 ? 90  TYR A CZ  1 
ATOM   690  O OH  . TYR A 1 90  ? -5.792  -15.667 -2.671  1.00 26.80 ? 90  TYR A OH  1 
ATOM   691  N N   . PRO A 1 91  ? -9.791  -12.504 3.779   1.00 31.45 ? 91  PRO A N   1 
ATOM   692  C CA  . PRO A 1 91  ? -8.326  -12.674 3.747   1.00 31.57 ? 91  PRO A CA  1 
ATOM   693  C C   . PRO A 1 91  ? -8.039  -14.047 4.335   1.00 31.75 ? 91  PRO A C   1 
ATOM   694  O O   . PRO A 1 91  ? -8.970  -14.708 4.837   1.00 32.21 ? 91  PRO A O   1 
ATOM   695  C CB  . PRO A 1 91  ? -7.842  -11.525 4.629   1.00 31.72 ? 91  PRO A CB  1 
ATOM   696  C CG  . PRO A 1 91  ? -8.956  -11.292 5.630   1.00 31.36 ? 91  PRO A CG  1 
ATOM   697  C CD  . PRO A 1 91  ? -10.218 -11.766 4.963   1.00 31.39 ? 91  PRO A CD  1 
ATOM   698  N N   . LYS A 1 92  ? -6.808  -14.439 4.298   1.00 31.98 ? 92  LYS A N   1 
ATOM   699  C CA  . LYS A 1 92  ? -6.320  -15.724 4.831   1.00 31.78 ? 92  LYS A CA  1 
ATOM   700  C C   . LYS A 1 92  ? -4.974  -15.414 5.537   1.00 31.78 ? 92  LYS A C   1 
ATOM   701  O O   . LYS A 1 92  ? -4.423  -14.353 5.273   1.00 32.02 ? 92  LYS A O   1 
ATOM   702  C CB  . LYS A 1 92  ? -5.918  -16.654 3.751   1.00 32.57 ? 92  LYS A CB  1 
ATOM   703  C CG  . LYS A 1 92  ? -6.468  -16.763 2.391   1.00 33.39 ? 92  LYS A CG  1 
ATOM   704  C CD  . LYS A 1 92  ? -5.355  -17.370 1.512   1.00 33.71 ? 92  LYS A CD  1 
ATOM   705  C CE  . LYS A 1 92  ? -5.955  -17.847 0.195   1.00 34.26 ? 92  LYS A CE  1 
ATOM   706  N NZ  . LYS A 1 92  ? -4.995  -18.866 -0.362  1.00 35.01 ? 92  LYS A NZ  1 
ATOM   707  N N   . LYS A 1 93  ? -4.482  -16.361 6.288   1.00 32.13 ? 93  LYS A N   1 
ATOM   708  C CA  . LYS A 1 93  ? -3.186  -16.188 6.959   1.00 32.90 ? 93  LYS A CA  1 
ATOM   709  C C   . LYS A 1 93  ? -2.054  -16.418 6.000   1.00 33.45 ? 93  LYS A C   1 
ATOM   710  O O   . LYS A 1 93  ? -1.013  -15.693 6.041   1.00 33.93 ? 93  LYS A O   1 
ATOM   711  C CB  . LYS A 1 93  ? -3.110  -17.025 8.245   1.00 33.16 ? 93  LYS A CB  1 
ATOM   712  C CG  A LYS A 1 93  ? -3.947  -16.261 9.302   0.50 33.63 ? 93  LYS A CG  1 
ATOM   713  C CG  B LYS A 1 93  ? -4.472  -17.472 8.796   0.50 33.40 ? 93  LYS A CG  1 
ATOM   714  C CD  A LYS A 1 93  ? -4.694  -17.108 10.303  0.50 34.10 ? 93  LYS A CD  1 
ATOM   715  C CD  B LYS A 1 93  ? -4.299  -18.587 9.827   0.50 33.46 ? 93  LYS A CD  1 
ATOM   716  C CE  A LYS A 1 93  ? -5.712  -16.245 11.058  0.50 34.22 ? 93  LYS A CE  1 
ATOM   717  C CE  B LYS A 1 93  ? -5.529  -18.850 10.647  0.50 33.42 ? 93  LYS A CE  1 
ATOM   718  N NZ  A LYS A 1 93  ? -5.943  -16.752 12.422  0.50 34.79 ? 93  LYS A NZ  1 
ATOM   719  N NZ  B LYS A 1 93  ? -6.679  -19.234 9.790   0.50 33.60 ? 93  LYS A NZ  1 
ATOM   720  N N   . LYS A 1 94  ? -2.154  -17.407 5.151   1.00 33.66 ? 94  LYS A N   1 
ATOM   721  C CA  . LYS A 1 94  ? -1.158  -17.751 4.152   1.00 34.19 ? 94  LYS A CA  1 
ATOM   722  C C   . LYS A 1 94  ? -1.635  -17.148 2.821   1.00 33.72 ? 94  LYS A C   1 
ATOM   723  O O   . LYS A 1 94  ? -2.248  -17.810 1.957   1.00 34.56 ? 94  LYS A O   1 
ATOM   724  C CB  . LYS A 1 94  ? -0.931  -19.250 4.004   1.00 36.74 ? 94  LYS A CB  1 
ATOM   725  C CG  . LYS A 1 94  ? 0.062   -19.787 5.027   1.00 40.01 ? 94  LYS A CG  1 
ATOM   726  C CD  . LYS A 1 94  ? -0.622  -20.548 6.155   1.00 42.00 ? 94  LYS A CD  1 
ATOM   727  C CE  . LYS A 1 94  ? -0.653  -22.038 5.844   1.00 43.61 ? 94  LYS A CE  1 
ATOM   728  N NZ  . LYS A 1 94  ? -1.546  -22.729 6.840   1.00 45.61 ? 94  LYS A NZ  1 
ATOM   729  N N   . MET A 1 95  ? -1.311  -15.919 2.663   1.00 32.54 ? 95  MET A N   1 
ATOM   730  C CA  . MET A 1 95  ? -1.639  -15.064 1.485   1.00 31.03 ? 95  MET A CA  1 
ATOM   731  C C   . MET A 1 95  ? -0.625  -15.408 0.398   1.00 30.06 ? 95  MET A C   1 
ATOM   732  O O   . MET A 1 95  ? 0.535   -15.692 0.751   1.00 30.69 ? 95  MET A O   1 
ATOM   733  C CB  . MET A 1 95  ? -1.447  -13.674 2.027   1.00 30.20 ? 95  MET A CB  1 
ATOM   734  C CG  . MET A 1 95  ? -2.387  -12.660 2.055   1.00 30.68 ? 95  MET A CG  1 
ATOM   735  S SD  . MET A 1 95  ? -4.152  -12.905 1.853   1.00 30.24 ? 95  MET A SD  1 
ATOM   736  C CE  . MET A 1 95  ? -4.496  -11.433 0.788   1.00 28.16 ? 95  MET A CE  1 
ATOM   737  N N   . GLU A 1 96  ? -1.011  -15.418 -0.853  1.00 28.70 ? 96  GLU A N   1 
ATOM   738  C CA  . GLU A 1 96  ? -0.054  -15.691 -1.937  1.00 27.79 ? 96  GLU A CA  1 
ATOM   739  C C   . GLU A 1 96  ? 0.948   -14.523 -1.890  1.00 27.15 ? 96  GLU A C   1 
ATOM   740  O O   . GLU A 1 96  ? 0.573   -13.378 -1.596  1.00 26.39 ? 96  GLU A O   1 
ATOM   741  C CB  . GLU A 1 96  ? -0.667  -15.892 -3.261  1.00 28.08 ? 96  GLU A CB  1 
ATOM   742  C CG  . GLU A 1 96  ? -1.722  -16.990 -3.398  1.00 28.02 ? 96  GLU A CG  1 
ATOM   743  C CD  . GLU A 1 96  ? -3.033  -16.808 -2.765  1.00 28.92 ? 96  GLU A CD  1 
ATOM   744  O OE1 . GLU A 1 96  ? -3.382  -15.697 -2.303  1.00 27.93 ? 96  GLU A OE1 1 
ATOM   745  O OE2 . GLU A 1 96  ? -3.808  -17.759 -2.691  1.00 30.64 ? 96  GLU A OE2 1 
ATOM   746  N N   . LYS A 1 97  ? 2.200   -14.850 -2.161  1.00 26.49 ? 97  LYS A N   1 
ATOM   747  C CA  . LYS A 1 97  ? 3.304   -13.934 -2.096  1.00 25.18 ? 97  LYS A CA  1 
ATOM   748  C C   . LYS A 1 97  ? 3.164   -12.584 -2.723  1.00 24.08 ? 97  LYS A C   1 
ATOM   749  O O   . LYS A 1 97  ? 3.897   -11.628 -2.315  1.00 24.11 ? 97  LYS A O   1 
ATOM   750  C CB  . LYS A 1 97  ? 4.579   -14.551 -2.672  1.00 27.02 ? 97  LYS A CB  1 
ATOM   751  C CG  . LYS A 1 97  ? 5.750   -13.590 -2.585  1.00 29.13 ? 97  LYS A CG  1 
ATOM   752  C CD  . LYS A 1 97  ? 6.587   -13.891 -1.368  1.00 32.02 ? 97  LYS A CD  1 
ATOM   753  C CE  . LYS A 1 97  ? 7.540   -15.057 -1.689  1.00 34.56 ? 97  LYS A CE  1 
ATOM   754  N NZ  . LYS A 1 97  ? 8.448   -14.545 -2.819  1.00 36.29 ? 97  LYS A NZ  1 
ATOM   755  N N   . ARG A 1 98  ? 2.372   -12.433 -3.743  1.00 22.72 ? 98  ARG A N   1 
ATOM   756  C CA  . ARG A 1 98  ? 2.175   -11.221 -4.513  1.00 20.90 ? 98  ARG A CA  1 
ATOM   757  C C   . ARG A 1 98  ? 1.406   -10.171 -3.707  1.00 19.80 ? 98  ARG A C   1 
ATOM   758  O O   . ARG A 1 98  ? 1.657   -8.989  -3.953  1.00 19.55 ? 98  ARG A O   1 
ATOM   759  C CB  . ARG A 1 98  ? 1.600   -11.447 -5.886  1.00 19.15 ? 98  ARG A CB  1 
ATOM   760  C CG  . ARG A 1 98  ? 0.270   -12.176 -5.913  1.00 17.83 ? 98  ARG A CG  1 
ATOM   761  C CD  . ARG A 1 98  ? -0.383  -11.978 -7.220  1.00 18.64 ? 98  ARG A CD  1 
ATOM   762  N NE  . ARG A 1 98  ? -1.747  -12.428 -7.323  1.00 19.62 ? 98  ARG A NE  1 
ATOM   763  C CZ  . ARG A 1 98  ? -2.056  -13.719 -7.135  1.00 20.23 ? 98  ARG A CZ  1 
ATOM   764  N NH1 . ARG A 1 98  ? -1.101  -14.620 -6.820  1.00 20.08 ? 98  ARG A NH1 1 
ATOM   765  N NH2 . ARG A 1 98  ? -3.331  -14.076 -7.237  1.00 20.92 ? 98  ARG A NH2 1 
ATOM   766  N N   . PHE A 1 99  ? 0.651   -10.588 -2.733  1.00 19.10 ? 99  PHE A N   1 
ATOM   767  C CA  . PHE A 1 99  ? -0.102  -9.696  -1.880  1.00 18.28 ? 99  PHE A CA  1 
ATOM   768  C C   . PHE A 1 99  ? 0.669   -9.308  -0.607  1.00 18.33 ? 99  PHE A C   1 
ATOM   769  O O   . PHE A 1 99  ? 0.129   -8.481  0.201   1.00 18.85 ? 99  PHE A O   1 
ATOM   770  C CB  . PHE A 1 99  ? -1.446  -10.269 -1.475  1.00 17.44 ? 99  PHE A CB  1 
ATOM   771  C CG  . PHE A 1 99  ? -2.404  -10.746 -2.494  1.00 15.95 ? 99  PHE A CG  1 
ATOM   772  C CD1 . PHE A 1 99  ? -3.250  -9.889  -3.165  1.00 15.04 ? 99  PHE A CD1 1 
ATOM   773  C CD2 . PHE A 1 99  ? -2.463  -12.151 -2.759  1.00 15.47 ? 99  PHE A CD2 1 
ATOM   774  C CE1 . PHE A 1 99  ? -4.232  -10.350 -4.071  1.00 14.30 ? 99  PHE A CE1 1 
ATOM   775  C CE2 . PHE A 1 99  ? -3.386  -12.631 -3.649  1.00 15.15 ? 99  PHE A CE2 1 
ATOM   776  C CZ  . PHE A 1 99  ? -4.288  -11.718 -4.269  1.00 15.35 ? 99  PHE A CZ  1 
ATOM   777  N N   . VAL A 1 100 ? 1.841   -9.791  -0.442  1.00 17.96 ? 100 VAL A N   1 
ATOM   778  C CA  . VAL A 1 100 ? 2.693   -9.598  0.718   1.00 17.22 ? 100 VAL A CA  1 
ATOM   779  C C   . VAL A 1 100 ? 3.657   -8.417  0.636   1.00 16.89 ? 100 VAL A C   1 
ATOM   780  O O   . VAL A 1 100 ? 4.466   -8.233  -0.266  1.00 16.91 ? 100 VAL A O   1 
ATOM   781  C CB  . VAL A 1 100 ? 3.360   -10.946 1.139   1.00 15.23 ? 100 VAL A CB  1 
ATOM   782  C CG1 . VAL A 1 100 ? 4.024   -10.771 2.502   1.00 15.29 ? 100 VAL A CG1 1 
ATOM   783  C CG2 . VAL A 1 100 ? 2.350   -12.082 1.236   1.00 12.46 ? 100 VAL A CG2 1 
ATOM   784  N N   . PHE A 1 101 ? 3.514   -7.594  1.684   1.00 16.16 ? 101 PHE A N   1 
ATOM   785  C CA  . PHE A 1 101 ? 4.314   -6.404  1.860   1.00 16.30 ? 101 PHE A CA  1 
ATOM   786  C C   . PHE A 1 101 ? 5.051   -6.505  3.226   1.00 16.59 ? 101 PHE A C   1 
ATOM   787  O O   . PHE A 1 101 ? 4.403   -6.942  4.209   1.00 16.59 ? 101 PHE A O   1 
ATOM   788  C CB  . PHE A 1 101 ? 3.514   -5.081  1.721   1.00 14.09 ? 101 PHE A CB  1 
ATOM   789  C CG  . PHE A 1 101 ? 3.026   -4.769  0.342   1.00 13.42 ? 101 PHE A CG  1 
ATOM   790  C CD1 . PHE A 1 101 ? 1.767   -5.214  -0.090  1.00 13.17 ? 101 PHE A CD1 1 
ATOM   791  C CD2 . PHE A 1 101 ? 3.798   -4.015  -0.535  1.00 13.52 ? 101 PHE A CD2 1 
ATOM   792  C CE1 . PHE A 1 101 ? 1.299   -4.949  -1.369  1.00 14.20 ? 101 PHE A CE1 1 
ATOM   793  C CE2 . PHE A 1 101 ? 3.318   -3.630  -1.803  1.00 13.83 ? 101 PHE A CE2 1 
ATOM   794  C CZ  . PHE A 1 101 ? 2.050   -4.110  -2.231  1.00 14.49 ? 101 PHE A CZ  1 
ATOM   795  N N   . ASN A 1 102 ? 6.310   -6.125  3.205   1.00 16.47 ? 102 ASN A N   1 
ATOM   796  C CA  . ASN A 1 102 ? 7.104   -6.113  4.415   1.00 17.73 ? 102 ASN A CA  1 
ATOM   797  C C   . ASN A 1 102 ? 6.962   -4.670  4.984   1.00 18.24 ? 102 ASN A C   1 
ATOM   798  O O   . ASN A 1 102 ? 7.504   -3.740  4.359   1.00 18.19 ? 102 ASN A O   1 
ATOM   799  C CB  . ASN A 1 102 ? 8.570   -6.468  4.270   1.00 19.23 ? 102 ASN A CB  1 
ATOM   800  C CG  . ASN A 1 102 ? 8.876   -7.856  3.796   1.00 21.19 ? 102 ASN A CG  1 
ATOM   801  O OD1 . ASN A 1 102 ? 8.342   -8.851  4.300   1.00 23.49 ? 102 ASN A OD1 1 
ATOM   802  N ND2 . ASN A 1 102 ? 9.705   -7.945  2.745   1.00 22.07 ? 102 ASN A ND2 1 
ATOM   803  N N   . LYS A 1 103 ? 6.256   -4.601  6.086   1.00 18.90 ? 103 LYS A N   1 
ATOM   804  C CA  . LYS A 1 103 ? 6.066   -3.329  6.780   1.00 20.15 ? 103 LYS A CA  1 
ATOM   805  C C   . LYS A 1 103 ? 7.349   -2.976  7.566   1.00 21.83 ? 103 LYS A C   1 
ATOM   806  O O   . LYS A 1 103 ? 7.842   -3.810  8.401   1.00 22.66 ? 103 LYS A O   1 
ATOM   807  C CB  . LYS A 1 103 ? 4.930   -3.428  7.796   1.00 18.86 ? 103 LYS A CB  1 
ATOM   808  C CG  . LYS A 1 103 ? 4.659   -2.058  8.411   1.00 18.64 ? 103 LYS A CG  1 
ATOM   809  C CD  . LYS A 1 103 ? 3.354   -2.004  9.116   1.00 20.20 ? 103 LYS A CD  1 
ATOM   810  C CE  . LYS A 1 103 ? 3.274   -3.009  10.259  1.00 21.12 ? 103 LYS A CE  1 
ATOM   811  N NZ  . LYS A 1 103 ? 4.391   -2.630  11.179  1.00 24.46 ? 103 LYS A NZ  1 
ATOM   812  N N   . ILE A 1 104 ? 7.887   -1.799  7.279   1.00 22.22 ? 104 ILE A N   1 
ATOM   813  C CA  . ILE A 1 104 ? 9.090   -1.324  7.952   1.00 23.85 ? 104 ILE A CA  1 
ATOM   814  C C   . ILE A 1 104 ? 8.849   0.043   8.642   1.00 25.70 ? 104 ILE A C   1 
ATOM   815  O O   . ILE A 1 104 ? 8.349   0.954   7.986   1.00 25.61 ? 104 ILE A O   1 
ATOM   816  C CB  . ILE A 1 104 ? 10.285  -1.177  7.012   1.00 23.23 ? 104 ILE A CB  1 
ATOM   817  C CG1 . ILE A 1 104 ? 10.555  -2.478  6.234   1.00 22.96 ? 104 ILE A CG1 1 
ATOM   818  C CG2 . ILE A 1 104 ? 11.593  -0.802  7.823   1.00 24.23 ? 104 ILE A CG2 1 
ATOM   819  C CD1 . ILE A 1 104 ? 11.236  -2.131  4.861   1.00 22.64 ? 104 ILE A CD1 1 
ATOM   820  N N   . GLU A 1 105 ? 9.187   0.115   9.906   1.00 27.58 ? 105 GLU A N   1 
ATOM   821  C CA  . GLU A 1 105 ? 9.077   1.317   10.694  1.00 30.64 ? 105 GLU A CA  1 
ATOM   822  C C   . GLU A 1 105 ? 10.425  2.011   10.774  1.00 32.16 ? 105 GLU A C   1 
ATOM   823  O O   . GLU A 1 105 ? 11.446  1.429   11.186  1.00 32.15 ? 105 GLU A O   1 
ATOM   824  C CB  . GLU A 1 105 ? 8.464   1.189   12.048  1.00 33.61 ? 105 GLU A CB  1 
ATOM   825  C CG  . GLU A 1 105 ? 7.059   0.471   12.031  1.00 36.83 ? 105 GLU A CG  1 
ATOM   826  C CD  . GLU A 1 105 ? 6.464   0.542   13.431  1.00 39.27 ? 105 GLU A CD  1 
ATOM   827  O OE1 . GLU A 1 105 ? 7.149   0.191   14.409  1.00 39.09 ? 105 GLU A OE1 1 
ATOM   828  O OE2 . GLU A 1 105 ? 5.294   1.040   13.393  1.00 40.07 ? 105 GLU A OE2 1 
ATOM   829  N N   . VAL A 1 106 ? 10.403  3.239   10.285  1.00 33.77 ? 106 VAL A N   1 
ATOM   830  C CA  . VAL A 1 106 ? 11.627  4.075   10.290  1.00 35.87 ? 106 VAL A CA  1 
ATOM   831  C C   . VAL A 1 106 ? 11.300  5.438   10.863  1.00 36.97 ? 106 VAL A C   1 
ATOM   832  O O   . VAL A 1 106 ? 10.655  6.310   10.215  1.00 37.26 ? 106 VAL A O   1 
ATOM   833  C CB  . VAL A 1 106 ? 12.379  3.973   8.985   1.00 37.52 ? 106 VAL A CB  1 
ATOM   834  C CG1 . VAL A 1 106 ? 13.818  4.526   9.086   1.00 38.35 ? 106 VAL A CG1 1 
ATOM   835  C CG2 . VAL A 1 106 ? 12.468  2.511   8.539   1.00 37.86 ? 106 VAL A CG2 1 
ATOM   836  N N   . LYS A 1 107 ? 11.661  5.545   12.149  1.00 37.54 ? 107 LYS A N   1 
ATOM   837  C CA  . LYS A 1 107 ? 11.479  6.793   12.905  1.00 38.05 ? 107 LYS A CA  1 
ATOM   838  C C   . LYS A 1 107 ? 10.041  7.266   12.875  1.00 37.69 ? 107 LYS A C   1 
ATOM   839  O O   . LYS A 1 107 ? 9.896   8.434   12.394  1.00 38.24 ? 107 LYS A O   1 
ATOM   840  C CB  . LYS A 1 107 ? 12.327  7.886   12.177  1.00 39.93 ? 107 LYS A CB  1 
ATOM   841  C CG  . LYS A 1 107 ? 13.784  8.036   12.653  1.00 42.56 ? 107 LYS A CG  1 
ATOM   842  C CD  . LYS A 1 107 ? 14.238  6.890   13.519  1.00 44.78 ? 107 LYS A CD  1 
ATOM   843  C CE  . LYS A 1 107 ? 15.624  7.009   14.139  1.00 45.93 ? 107 LYS A CE  1 
ATOM   844  N NZ  . LYS A 1 107 ? 15.803  8.393   14.660  1.00 47.14 ? 107 LYS A NZ  1 
ATOM   845  N N   . SER A 1 108 ? 9.044   6.508   13.308  1.00 36.44 ? 108 SER A N   1 
ATOM   846  C CA  . SER A 1 108 ? 7.691   7.113   13.236  1.00 35.82 ? 108 SER A CA  1 
ATOM   847  C C   . SER A 1 108 ? 7.026   7.090   11.874  1.00 34.23 ? 108 SER A C   1 
ATOM   848  O O   . SER A 1 108 ? 5.800   7.288   11.806  1.00 33.79 ? 108 SER A O   1 
ATOM   849  C CB  . SER A 1 108 ? 7.812   8.568   13.728  1.00 38.64 ? 108 SER A CB  1 
ATOM   850  O OG  . SER A 1 108 ? 8.269   8.488   15.126  1.00 41.01 ? 108 SER A OG  1 
ATOM   851  N N   . LYS A 1 109 ? 7.739   6.835   10.815  1.00 33.10 ? 109 LYS A N   1 
ATOM   852  C CA  . LYS A 1 109 ? 7.263   6.704   9.443   1.00 30.72 ? 109 LYS A CA  1 
ATOM   853  C C   . LYS A 1 109 ? 7.300   5.178   9.154   1.00 28.57 ? 109 LYS A C   1 
ATOM   854  O O   . LYS A 1 109 ? 8.028   4.427   9.815   1.00 27.77 ? 109 LYS A O   1 
ATOM   855  C CB  . LYS A 1 109 ? 8.126   7.422   8.420   1.00 31.63 ? 109 LYS A CB  1 
ATOM   856  C CG  . LYS A 1 109 ? 8.264   8.904   8.613   1.00 34.30 ? 109 LYS A CG  1 
ATOM   857  C CD  . LYS A 1 109 ? 9.343   9.590   7.772   1.00 36.74 ? 109 LYS A CD  1 
ATOM   858  C CE  . LYS A 1 109 ? 10.792  9.315   8.130   1.00 37.64 ? 109 LYS A CE  1 
ATOM   859  N NZ  . LYS A 1 109 ? 11.275  7.912   7.871   1.00 36.27 ? 109 LYS A NZ  1 
ATOM   860  N N   . VAL A 1 110 ? 6.525   4.802   8.161   1.00 26.89 ? 110 VAL A N   1 
ATOM   861  C CA  . VAL A 1 110 ? 6.385   3.396   7.706   1.00 25.12 ? 110 VAL A CA  1 
ATOM   862  C C   . VAL A 1 110 ? 6.751   3.226   6.242   1.00 23.68 ? 110 VAL A C   1 
ATOM   863  O O   . VAL A 1 110 ? 6.532   4.116   5.421   1.00 23.48 ? 110 VAL A O   1 
ATOM   864  C CB  . VAL A 1 110 ? 4.888   3.046   7.965   1.00 24.97 ? 110 VAL A CB  1 
ATOM   865  C CG1 A VAL A 1 110 ? 3.996   3.675   6.903   0.50 24.41 ? 110 VAL A CG1 1 
ATOM   866  C CG1 B VAL A 1 110 ? 4.320   2.058   6.988   0.50 24.64 ? 110 VAL A CG1 1 
ATOM   867  C CG2 A VAL A 1 110 ? 4.671   1.555   8.073   0.50 25.06 ? 110 VAL A CG2 1 
ATOM   868  C CG2 B VAL A 1 110 ? 4.700   2.614   9.422   0.50 24.44 ? 110 VAL A CG2 1 
ATOM   869  N N   . GLU A 1 111 ? 7.328   2.083   5.890   1.00 22.43 ? 111 GLU A N   1 
ATOM   870  C CA  . GLU A 1 111 ? 7.688   1.787   4.475   1.00 20.41 ? 111 GLU A CA  1 
ATOM   871  C C   . GLU A 1 111 ? 7.110   0.429   4.146   1.00 19.00 ? 111 GLU A C   1 
ATOM   872  O O   . GLU A 1 111 ? 6.984   -0.359  5.058   1.00 18.19 ? 111 GLU A O   1 
ATOM   873  C CB  . GLU A 1 111 ? 9.156   1.942   4.220   1.00 19.59 ? 111 GLU A CB  1 
ATOM   874  C CG  . GLU A 1 111 ? 9.724   3.321   4.465   1.00 21.48 ? 111 GLU A CG  1 
ATOM   875  C CD  . GLU A 1 111 ? 11.214  3.447   4.354   1.00 23.57 ? 111 GLU A CD  1 
ATOM   876  O OE1 . GLU A 1 111 ? 11.945  2.454   4.268   1.00 24.57 ? 111 GLU A OE1 1 
ATOM   877  O OE2 . GLU A 1 111 ? 11.607  4.640   4.357   1.00 23.79 ? 111 GLU A OE2 1 
ATOM   878  N N   . PHE A 1 112 ? 6.666   0.222   2.888   1.00 18.57 ? 112 PHE A N   1 
ATOM   879  C CA  . PHE A 1 112 ? 6.046   -1.045  2.461   1.00 17.16 ? 112 PHE A CA  1 
ATOM   880  C C   . PHE A 1 112 ? 6.782   -1.625  1.247   1.00 17.81 ? 112 PHE A C   1 
ATOM   881  O O   . PHE A 1 112 ? 6.575   -1.240  0.055   1.00 18.01 ? 112 PHE A O   1 
ATOM   882  C CB  . PHE A 1 112 ? 4.589   -0.939  2.237   1.00 14.71 ? 112 PHE A CB  1 
ATOM   883  C CG  . PHE A 1 112 ? 3.721   -0.633  3.389   1.00 14.05 ? 112 PHE A CG  1 
ATOM   884  C CD1 . PHE A 1 112 ? 3.313   -1.637  4.267   1.00 13.85 ? 112 PHE A CD1 1 
ATOM   885  C CD2 . PHE A 1 112 ? 3.350   0.731   3.604   1.00 13.84 ? 112 PHE A CD2 1 
ATOM   886  C CE1 . PHE A 1 112 ? 2.457   -1.280  5.376   1.00 14.72 ? 112 PHE A CE1 1 
ATOM   887  C CE2 . PHE A 1 112 ? 2.565   1.075   4.716   1.00 14.19 ? 112 PHE A CE2 1 
ATOM   888  C CZ  . PHE A 1 112 ? 2.094   0.061   5.575   1.00 14.12 ? 112 PHE A CZ  1 
ATOM   889  N N   . GLU A 1 113 ? 7.667   -2.564  1.589   1.00 17.59 ? 113 GLU A N   1 
ATOM   890  C CA  . GLU A 1 113 ? 8.491   -3.221  0.564   1.00 18.09 ? 113 GLU A CA  1 
ATOM   891  C C   . GLU A 1 113 ? 7.763   -4.453  0.022   1.00 17.80 ? 113 GLU A C   1 
ATOM   892  O O   . GLU A 1 113 ? 7.214   -5.201  0.814   1.00 17.32 ? 113 GLU A O   1 
ATOM   893  C CB  . GLU A 1 113 ? 9.810   -3.711  1.174   1.00 19.38 ? 113 GLU A CB  1 
ATOM   894  C CG  . GLU A 1 113 ? 10.961  -3.870  0.210   1.00 21.59 ? 113 GLU A CG  1 
ATOM   895  C CD  . GLU A 1 113 ? 12.069  -4.770  0.564   1.00 23.91 ? 113 GLU A CD  1 
ATOM   896  O OE1 . GLU A 1 113 ? 11.844  -5.560  1.534   1.00 25.14 ? 113 GLU A OE1 1 
ATOM   897  O OE2 . GLU A 1 113 ? 13.123  -4.800  -0.056  1.00 25.55 ? 113 GLU A OE2 1 
ATOM   898  N N   . SER A 1 114 ? 7.763   -4.608  -1.271  1.00 18.49 ? 114 SER A N   1 
ATOM   899  C CA  . SER A 1 114 ? 7.089   -5.824  -1.863  1.00 19.88 ? 114 SER A CA  1 
ATOM   900  C C   . SER A 1 114 ? 7.874   -7.074  -1.497  1.00 20.45 ? 114 SER A C   1 
ATOM   901  O O   . SER A 1 114 ? 9.146   -7.062  -1.649  1.00 21.00 ? 114 SER A O   1 
ATOM   902  C CB  . SER A 1 114 ? 7.085   -5.554  -3.382  1.00 20.21 ? 114 SER A CB  1 
ATOM   903  O OG  . SER A 1 114 ? 6.744   -6.746  -4.043  1.00 21.79 ? 114 SER A OG  1 
ATOM   904  N N   . ALA A 1 115 ? 7.245   -8.120  -0.967  1.00 20.50 ? 115 ALA A N   1 
ATOM   905  C CA  . ALA A 1 115 ? 7.928   -9.374  -0.637  1.00 21.46 ? 115 ALA A CA  1 
ATOM   906  C C   . ALA A 1 115 ? 8.314   -10.122 -1.919  1.00 22.80 ? 115 ALA A C   1 
ATOM   907  O O   . ALA A 1 115 ? 9.333   -10.852 -1.982  1.00 24.12 ? 115 ALA A O   1 
ATOM   908  C CB  . ALA A 1 115 ? 7.277   -10.294 0.358   1.00 20.68 ? 115 ALA A CB  1 
ATOM   909  N N   . GLU A 1 116 ? 7.559   -9.912  -2.972  1.00 23.05 ? 116 GLU A N   1 
ATOM   910  C CA  . GLU A 1 116 ? 7.830   -10.508 -4.284  1.00 23.79 ? 116 GLU A CA  1 
ATOM   911  C C   . GLU A 1 116 ? 8.964   -9.784  -4.975  1.00 23.77 ? 116 GLU A C   1 
ATOM   912  O O   . GLU A 1 116 ? 9.686   -10.406 -5.789  1.00 23.98 ? 116 GLU A O   1 
ATOM   913  C CB  . GLU A 1 116 ? 6.594   -10.467 -5.169  1.00 26.11 ? 116 GLU A CB  1 
ATOM   914  C CG  . GLU A 1 116 ? 6.570   -11.378 -6.363  1.00 30.42 ? 116 GLU A CG  1 
ATOM   915  C CD  . GLU A 1 116 ? 6.379   -12.843 -6.090  1.00 33.72 ? 116 GLU A CD  1 
ATOM   916  O OE1 . GLU A 1 116 ? 7.001   -13.493 -5.251  1.00 35.19 ? 116 GLU A OE1 1 
ATOM   917  O OE2 . GLU A 1 116 ? 5.474   -13.321 -6.819  1.00 35.44 ? 116 GLU A OE2 1 
ATOM   918  N N   . PHE A 1 117 ? 9.129   -8.475  -4.761  1.00 23.43 ? 117 PHE A N   1 
ATOM   919  C CA  . PHE A 1 117 ? 10.200  -7.694  -5.411  1.00 23.02 ? 117 PHE A CA  1 
ATOM   920  C C   . PHE A 1 117 ? 10.979  -6.863  -4.383  1.00 23.01 ? 117 PHE A C   1 
ATOM   921  O O   . PHE A 1 117 ? 10.673  -5.673  -4.273  1.00 22.61 ? 117 PHE A O   1 
ATOM   922  C CB  . PHE A 1 117 ? 9.628   -6.729  -6.444  1.00 24.07 ? 117 PHE A CB  1 
ATOM   923  C CG  . PHE A 1 117 ? 8.828   -7.389  -7.517  1.00 24.32 ? 117 PHE A CG  1 
ATOM   924  C CD1 . PHE A 1 117 ? 9.481   -8.095  -8.534  1.00 24.33 ? 117 PHE A CD1 1 
ATOM   925  C CD2 . PHE A 1 117 ? 7.437   -7.350  -7.448  1.00 25.69 ? 117 PHE A CD2 1 
ATOM   926  C CE1 . PHE A 1 117 ? 8.732   -8.772  -9.479  1.00 25.11 ? 117 PHE A CE1 1 
ATOM   927  C CE2 . PHE A 1 117 ? 6.660   -8.048  -8.388  1.00 26.00 ? 117 PHE A CE2 1 
ATOM   928  C CZ  . PHE A 1 117 ? 7.327   -8.745  -9.394  1.00 25.24 ? 117 PHE A CZ  1 
ATOM   929  N N   . PRO A 1 118 ? 11.920  -7.520  -3.743  1.00 22.99 ? 118 PRO A N   1 
ATOM   930  C CA  . PRO A 1 118 ? 12.740  -6.874  -2.698  1.00 23.14 ? 118 PRO A CA  1 
ATOM   931  C C   . PRO A 1 118 ? 13.303  -5.597  -3.241  1.00 23.91 ? 118 PRO A C   1 
ATOM   932  O O   . PRO A 1 118 ? 13.598  -5.578  -4.480  1.00 24.33 ? 118 PRO A O   1 
ATOM   933  C CB  . PRO A 1 118 ? 13.743  -7.925  -2.292  1.00 22.73 ? 118 PRO A CB  1 
ATOM   934  C CG  . PRO A 1 118 ? 13.070  -9.242  -2.616  1.00 22.49 ? 118 PRO A CG  1 
ATOM   935  C CD  . PRO A 1 118 ? 12.236  -8.963  -3.878  1.00 22.70 ? 118 PRO A CD  1 
ATOM   936  N N   . ASN A 1 119 ? 13.335  -4.545  -2.431  1.00 23.91 ? 119 ASN A N   1 
ATOM   937  C CA  . ASN A 1 119 ? 13.849  -3.247  -2.801  1.00 24.12 ? 119 ASN A CA  1 
ATOM   938  C C   . ASN A 1 119 ? 12.920  -2.403  -3.630  1.00 23.62 ? 119 ASN A C   1 
ATOM   939  O O   . ASN A 1 119 ? 13.329  -1.366  -4.233  1.00 23.70 ? 119 ASN A O   1 
ATOM   940  C CB  . ASN A 1 119 ? 15.254  -3.415  -3.449  1.00 26.62 ? 119 ASN A CB  1 
ATOM   941  C CG  . ASN A 1 119 ? 16.151  -4.122  -2.440  1.00 28.41 ? 119 ASN A CG  1 
ATOM   942  O OD1 . ASN A 1 119 ? 16.639  -5.238  -2.738  1.00 31.45 ? 119 ASN A OD1 1 
ATOM   943  N ND2 . ASN A 1 119 ? 16.341  -3.546  -1.277  1.00 28.49 ? 119 ASN A ND2 1 
ATOM   944  N N   . TRP A 1 120 ? 11.708  -2.899  -3.729  1.00 23.05 ? 120 TRP A N   1 
ATOM   945  C CA  . TRP A 1 120 ? 10.615  -2.220  -4.485  1.00 22.09 ? 120 TRP A CA  1 
ATOM   946  C C   . TRP A 1 120 ? 9.574   -1.897  -3.421  1.00 20.86 ? 120 TRP A C   1 
ATOM   947  O O   . TRP A 1 120 ? 9.142   -2.793  -2.680  1.00 19.86 ? 120 TRP A O   1 
ATOM   948  C CB  . TRP A 1 120 ? 10.086  -3.016  -5.680  1.00 23.55 ? 120 TRP A CB  1 
ATOM   949  C CG  . TRP A 1 120 ? 11.077  -3.035  -6.806  1.00 25.15 ? 120 TRP A CG  1 
ATOM   950  C CD1 . TRP A 1 120 ? 12.239  -3.780  -6.809  1.00 25.93 ? 120 TRP A CD1 1 
ATOM   951  C CD2 . TRP A 1 120 ? 11.058  -2.312  -8.028  1.00 25.33 ? 120 TRP A CD2 1 
ATOM   952  N NE1 . TRP A 1 120 ? 12.948  -3.502  -7.956  1.00 26.03 ? 120 TRP A NE1 1 
ATOM   953  C CE2 . TRP A 1 120 ? 12.240  -2.637  -8.723  1.00 26.01 ? 120 TRP A CE2 1 
ATOM   954  C CE3 . TRP A 1 120 ? 10.170  -1.412  -8.598  1.00 25.80 ? 120 TRP A CE3 1 
ATOM   955  C CZ2 . TRP A 1 120 ? 12.562  -2.107  -9.994  1.00 26.61 ? 120 TRP A CZ2 1 
ATOM   956  C CZ3 . TRP A 1 120 ? 10.490  -0.864  -9.842  1.00 26.19 ? 120 TRP A CZ3 1 
ATOM   957  C CH2 . TRP A 1 120 ? 11.665  -1.212  -10.538 1.00 26.13 ? 120 TRP A CH2 1 
ATOM   958  N N   . TYR A 1 121 ? 9.265   -0.598  -3.363  1.00 21.10 ? 121 TYR A N   1 
ATOM   959  C CA  . TYR A 1 121 ? 8.290   -0.084  -2.398  1.00 20.07 ? 121 TYR A CA  1 
ATOM   960  C C   . TYR A 1 121 ? 7.093   0.603   -3.006  1.00 19.83 ? 121 TYR A C   1 
ATOM   961  O O   . TYR A 1 121 ? 7.034   1.135   -4.116  1.00 19.52 ? 121 TYR A O   1 
ATOM   962  C CB  . TYR A 1 121 ? 9.062   0.935   -1.544  1.00 20.36 ? 121 TYR A CB  1 
ATOM   963  C CG  . TYR A 1 121 ? 10.284  0.466   -0.848  1.00 21.34 ? 121 TYR A CG  1 
ATOM   964  C CD1 . TYR A 1 121 ? 11.543  0.408   -1.500  1.00 22.04 ? 121 TYR A CD1 1 
ATOM   965  C CD2 . TYR A 1 121 ? 10.251  0.056   0.494   1.00 21.37 ? 121 TYR A CD2 1 
ATOM   966  C CE1 . TYR A 1 121 ? 12.694  0.019   -0.822  1.00 21.43 ? 121 TYR A CE1 1 
ATOM   967  C CE2 . TYR A 1 121 ? 11.376  -0.362  1.174   1.00 20.69 ? 121 TYR A CE2 1 
ATOM   968  C CZ  . TYR A 1 121 ? 12.577  -0.355  0.501   1.00 21.98 ? 121 TYR A CZ  1 
ATOM   969  O OH  . TYR A 1 121 ? 13.689  -0.748  1.229   1.00 25.73 ? 121 TYR A OH  1 
ATOM   970  N N   . ILE A 1 122 ? 6.071   0.647   -2.137  1.00 20.08 ? 122 ILE A N   1 
ATOM   971  C CA  . ILE A 1 122 ? 4.799   1.362   -2.452  1.00 19.74 ? 122 ILE A CA  1 
ATOM   972  C C   . ILE A 1 122 ? 5.274   2.845   -2.459  1.00 20.27 ? 122 ILE A C   1 
ATOM   973  O O   . ILE A 1 122 ? 5.910   3.268   -1.480  1.00 19.87 ? 122 ILE A O   1 
ATOM   974  C CB  . ILE A 1 122 ? 3.701   1.074   -1.428  1.00 18.71 ? 122 ILE A CB  1 
ATOM   975  C CG1 . ILE A 1 122 ? 3.192   -0.379  -1.606  1.00 18.70 ? 122 ILE A CG1 1 
ATOM   976  C CG2 . ILE A 1 122 ? 2.490   2.054   -1.452  1.00 19.48 ? 122 ILE A CG2 1 
ATOM   977  C CD1 . ILE A 1 122 ? 1.971   -0.774  -0.750  1.00 18.45 ? 122 ILE A CD1 1 
ATOM   978  N N   . SER A 1 123 ? 4.991   3.511   -3.596  1.00 20.44 ? 123 SER A N   1 
ATOM   979  C CA  . SER A 1 123 ? 5.390   4.863   -3.837  1.00 20.03 ? 123 SER A CA  1 
ATOM   980  C C   . SER A 1 123 ? 4.332   5.855   -4.315  1.00 19.61 ? 123 SER A C   1 
ATOM   981  O O   . SER A 1 123 ? 3.330   5.517   -4.953  1.00 19.11 ? 123 SER A O   1 
ATOM   982  C CB  . SER A 1 123 ? 6.466   4.897   -4.963  1.00 19.85 ? 123 SER A CB  1 
ATOM   983  O OG  . SER A 1 123 ? 7.546   4.097   -4.614  1.00 22.58 ? 123 SER A OG  1 
ATOM   984  N N   . THR A 1 124 ? 4.714   7.103   -4.029  1.00 19.75 ? 124 THR A N   1 
ATOM   985  C CA  . THR A 1 124 ? 3.990   8.285   -4.456  1.00 20.91 ? 124 THR A CA  1 
ATOM   986  C C   . THR A 1 124 ? 5.020   9.248   -5.128  1.00 22.05 ? 124 THR A C   1 
ATOM   987  O O   . THR A 1 124 ? 6.223   9.290   -4.813  1.00 21.54 ? 124 THR A O   1 
ATOM   988  C CB  . THR A 1 124 ? 3.083   9.042   -3.442  1.00 20.49 ? 124 THR A CB  1 
ATOM   989  O OG1 . THR A 1 124 ? 3.990   9.786   -2.535  1.00 20.99 ? 124 THR A OG1 1 
ATOM   990  C CG2 . THR A 1 124 ? 2.003   8.249   -2.732  1.00 18.63 ? 124 THR A CG2 1 
ATOM   991  N N   . SER A 1 125 ? 4.453   9.999   -6.067  1.00 23.57 ? 125 SER A N   1 
ATOM   992  C CA  . SER A 1 125 ? 5.223   11.047  -6.784  1.00 25.01 ? 125 SER A CA  1 
ATOM   993  C C   . SER A 1 125 ? 5.163   12.369  -5.996  1.00 25.98 ? 125 SER A C   1 
ATOM   994  O O   . SER A 1 125 ? 4.415   12.584  -5.018  1.00 25.37 ? 125 SER A O   1 
ATOM   995  C CB  . SER A 1 125 ? 4.581   11.305  -8.168  1.00 25.58 ? 125 SER A CB  1 
ATOM   996  O OG  . SER A 1 125 ? 4.867   10.103  -8.953  1.00 27.48 ? 125 SER A OG  1 
ATOM   997  N N   . GLN A 1 126 ? 5.924   13.319  -6.548  1.00 27.38 ? 126 GLN A N   1 
ATOM   998  C CA  . GLN A 1 126 ? 5.961   14.684  -5.930  1.00 28.25 ? 126 GLN A CA  1 
ATOM   999  C C   . GLN A 1 126 ? 4.760   15.452  -6.448  1.00 28.28 ? 126 GLN A C   1 
ATOM   1000 O O   . GLN A 1 126 ? 4.169   16.208  -5.649  1.00 28.96 ? 126 GLN A O   1 
ATOM   1001 C CB  . GLN A 1 126 ? 7.290   15.390  -6.062  1.00 29.52 ? 126 GLN A CB  1 
ATOM   1002 C CG  . GLN A 1 126 ? 8.427   14.458  -5.616  1.00 32.42 ? 126 GLN A CG  1 
ATOM   1003 C CD  . GLN A 1 126 ? 8.977   14.720  -4.271  1.00 34.21 ? 126 GLN A CD  1 
ATOM   1004 O OE1 . GLN A 1 126 ? 8.591   15.754  -3.695  1.00 36.29 ? 126 GLN A OE1 1 
ATOM   1005 N NE2 . GLN A 1 126 ? 9.916   13.927  -3.752  1.00 34.47 ? 126 GLN A NE2 1 
ATOM   1006 N N   . ALA A 1 127 ? 4.422   15.282  -7.711  1.00 27.85 ? 127 ALA A N   1 
ATOM   1007 C CA  . ALA A 1 127 ? 3.267   15.993  -8.310  1.00 27.47 ? 127 ALA A CA  1 
ATOM   1008 C C   . ALA A 1 127 ? 2.011   15.391  -7.666  1.00 27.95 ? 127 ALA A C   1 
ATOM   1009 O O   . ALA A 1 127 ? 2.069   14.319  -7.064  1.00 27.96 ? 127 ALA A O   1 
ATOM   1010 C CB  . ALA A 1 127 ? 3.155   15.852  -9.796  1.00 25.20 ? 127 ALA A CB  1 
ATOM   1011 N N   . GLU A 1 128 ? 0.936   16.113  -7.838  1.00 28.62 ? 128 GLU A N   1 
ATOM   1012 C CA  . GLU A 1 128 ? -0.358  15.701  -7.234  1.00 28.62 ? 128 GLU A CA  1 
ATOM   1013 C C   . GLU A 1 128 ? -1.096  14.999  -8.328  1.00 29.09 ? 128 GLU A C   1 
ATOM   1014 O O   . GLU A 1 128 ? -0.562  15.095  -9.469  1.00 29.81 ? 128 GLU A O   1 
ATOM   1015 C CB  . GLU A 1 128 ? -1.059  16.893  -6.725  1.00 29.62 ? 128 GLU A CB  1 
ATOM   1016 C CG  . GLU A 1 128 ? -2.513  16.847  -6.236  1.00 30.60 ? 128 GLU A CG  1 
ATOM   1017 C CD  . GLU A 1 128 ? -2.755  18.098  -5.378  1.00 29.82 ? 128 GLU A CD  1 
ATOM   1018 O OE1 . GLU A 1 128 ? -1.941  18.997  -5.460  1.00 30.02 ? 128 GLU A OE1 1 
ATOM   1019 O OE2 . GLU A 1 128 ? -3.742  17.974  -4.653  1.00 28.98 ? 128 GLU A OE2 1 
ATOM   1020 N N   . HIS A 1 129 ? -2.143  14.299  -8.023  1.00 29.02 ? 129 HIS A N   1 
ATOM   1021 C CA  . HIS A 1 129 ? -2.957  13.576  -8.968  1.00 29.16 ? 129 HIS A CA  1 
ATOM   1022 C C   . HIS A 1 129 ? -2.237  12.457  -9.655  1.00 29.36 ? 129 HIS A C   1 
ATOM   1023 O O   . HIS A 1 129 ? -2.768  11.930  -10.663 1.00 30.16 ? 129 HIS A O   1 
ATOM   1024 C CB  . HIS A 1 129 ? -3.623  14.525  -10.044 1.00 30.28 ? 129 HIS A CB  1 
ATOM   1025 C CG  . HIS A 1 129 ? -4.398  15.591  -9.343  1.00 31.14 ? 129 HIS A CG  1 
ATOM   1026 N ND1 . HIS A 1 129 ? -5.550  15.317  -8.644  1.00 32.04 ? 129 HIS A ND1 1 
ATOM   1027 C CD2 . HIS A 1 129 ? -4.130  16.901  -9.167  1.00 31.80 ? 129 HIS A CD2 1 
ATOM   1028 C CE1 . HIS A 1 129 ? -5.986  16.456  -8.080  1.00 32.41 ? 129 HIS A CE1 1 
ATOM   1029 N NE2 . HIS A 1 129 ? -5.134  17.415  -8.368  1.00 32.20 ? 129 HIS A NE2 1 
ATOM   1030 N N   . LYS A 1 130 ? -1.068  12.059  -9.208  1.00 29.33 ? 130 LYS A N   1 
ATOM   1031 C CA  . LYS A 1 130 ? -0.423  10.896  -9.946  1.00 29.48 ? 130 LYS A CA  1 
ATOM   1032 C C   . LYS A 1 130 ? -0.834  9.645   -9.176  1.00 28.36 ? 130 LYS A C   1 
ATOM   1033 O O   . LYS A 1 130 ? -1.240  9.734   -7.995  1.00 28.02 ? 130 LYS A O   1 
ATOM   1034 C CB  . LYS A 1 130 ? 1.021   11.097  -10.174 1.00 32.01 ? 130 LYS A CB  1 
ATOM   1035 C CG  . LYS A 1 130 ? 1.434   12.356  -10.959 1.00 33.60 ? 130 LYS A CG  1 
ATOM   1036 C CD  . LYS A 1 130 ? 1.305   12.056  -12.435 1.00 36.65 ? 130 LYS A CD  1 
ATOM   1037 C CE  . LYS A 1 130 ? 2.167   12.980  -13.311 1.00 38.70 ? 130 LYS A CE  1 
ATOM   1038 N NZ  . LYS A 1 130 ? 1.659   14.407  -13.144 1.00 39.94 ? 130 LYS A NZ  1 
ATOM   1039 N N   . PRO A 1 131 ? -0.783  8.508   -9.851  1.00 27.51 ? 131 PRO A N   1 
ATOM   1040 C CA  . PRO A 1 131 ? -1.137  7.222   -9.251  1.00 26.99 ? 131 PRO A CA  1 
ATOM   1041 C C   . PRO A 1 131 ? -0.005  6.754   -8.342  1.00 26.64 ? 131 PRO A C   1 
ATOM   1042 O O   . PRO A 1 131 ? 1.141   7.172   -8.530  1.00 27.32 ? 131 PRO A O   1 
ATOM   1043 C CB  . PRO A 1 131 ? -1.219  6.243   -10.442 1.00 27.12 ? 131 PRO A CB  1 
ATOM   1044 C CG  . PRO A 1 131 ? -0.335  6.829   -11.475 1.00 27.11 ? 131 PRO A CG  1 
ATOM   1045 C CD  . PRO A 1 131 ? -0.311  8.339   -11.226 1.00 27.37 ? 131 PRO A CD  1 
ATOM   1046 N N   . VAL A 1 132 ? -0.402  5.899   -7.421  1.00 25.62 ? 132 VAL A N   1 
ATOM   1047 C CA  . VAL A 1 132 ? 0.539   5.269   -6.475  1.00 24.30 ? 132 VAL A CA  1 
ATOM   1048 C C   . VAL A 1 132 ? 1.096   4.085   -7.307  1.00 23.90 ? 132 VAL A C   1 
ATOM   1049 O O   . VAL A 1 132 ? 0.257   3.449   -7.987  1.00 24.54 ? 132 VAL A O   1 
ATOM   1050 C CB  . VAL A 1 132 ? -0.247  4.843   -5.236  1.00 23.45 ? 132 VAL A CB  1 
ATOM   1051 C CG1 . VAL A 1 132 ? 0.716   4.130   -4.271  1.00 22.90 ? 132 VAL A CG1 1 
ATOM   1052 C CG2 . VAL A 1 132 ? -0.976  6.017   -4.570  1.00 23.10 ? 132 VAL A CG2 1 
ATOM   1053 N N   . PHE A 1 133 ? 2.365   3.825   -7.220  1.00 22.82 ? 133 PHE A N   1 
ATOM   1054 C CA  . PHE A 1 133 ? 3.036   2.785   -8.009  1.00 22.13 ? 133 PHE A CA  1 
ATOM   1055 C C   . PHE A 1 133 ? 4.070   2.004   -7.198  1.00 22.25 ? 133 PHE A C   1 
ATOM   1056 O O   . PHE A 1 133 ? 4.229   2.233   -5.997  1.00 21.64 ? 133 PHE A O   1 
ATOM   1057 C CB  . PHE A 1 133 ? 3.772   3.518   -9.196  1.00 19.78 ? 133 PHE A CB  1 
ATOM   1058 C CG  . PHE A 1 133 ? 4.763   4.556   -8.766  1.00 19.11 ? 133 PHE A CG  1 
ATOM   1059 C CD1 . PHE A 1 133 ? 4.340   5.767   -8.148  1.00 19.05 ? 133 PHE A CD1 1 
ATOM   1060 C CD2 . PHE A 1 133 ? 6.121   4.395   -8.964  1.00 19.28 ? 133 PHE A CD2 1 
ATOM   1061 C CE1 . PHE A 1 133 ? 5.240   6.746   -7.764  1.00 17.76 ? 133 PHE A CE1 1 
ATOM   1062 C CE2 . PHE A 1 133 ? 7.046   5.368   -8.610  1.00 19.34 ? 133 PHE A CE2 1 
ATOM   1063 C CZ  . PHE A 1 133 ? 6.597   6.564   -8.005  1.00 18.10 ? 133 PHE A CZ  1 
ATOM   1064 N N   . LEU A 1 134 ? 4.716   1.072   -7.914  1.00 22.76 ? 134 LEU A N   1 
ATOM   1065 C CA  . LEU A 1 134 ? 5.804   0.267   -7.299  1.00 23.69 ? 134 LEU A CA  1 
ATOM   1066 C C   . LEU A 1 134 ? 7.089   0.921   -7.820  1.00 24.53 ? 134 LEU A C   1 
ATOM   1067 O O   . LEU A 1 134 ? 7.251   0.993   -9.050  1.00 24.47 ? 134 LEU A O   1 
ATOM   1068 C CB  . LEU A 1 134 ? 5.649   -1.159  -7.711  1.00 24.25 ? 134 LEU A CB  1 
ATOM   1069 C CG  . LEU A 1 134 ? 5.683   -2.295  -6.731  1.00 25.38 ? 134 LEU A CG  1 
ATOM   1070 C CD1 . LEU A 1 134 ? 6.675   -3.367  -7.197  1.00 25.77 ? 134 LEU A CD1 1 
ATOM   1071 C CD2 . LEU A 1 134 ? 5.949   -1.823  -5.310  1.00 24.26 ? 134 LEU A CD2 1 
ATOM   1072 N N   . GLY A 1 135 ? 7.898   1.425   -6.923  1.00 25.68 ? 135 GLY A N   1 
ATOM   1073 C CA  . GLY A 1 135 ? 9.128   2.116   -7.239  1.00 27.76 ? 135 GLY A CA  1 
ATOM   1074 C C   . GLY A 1 135 ? 10.327  1.531   -6.560  1.00 30.01 ? 135 GLY A C   1 
ATOM   1075 O O   . GLY A 1 135 ? 10.232  0.756   -5.561  1.00 30.04 ? 135 GLY A O   1 
ATOM   1076 N N   . ASN A 1 136 ? 11.492  1.896   -7.070  1.00 32.32 ? 136 ASN A N   1 
ATOM   1077 C CA  . ASN A 1 136 ? 12.738  1.359   -6.439  1.00 34.95 ? 136 ASN A CA  1 
ATOM   1078 C C   . ASN A 1 136 ? 13.357  2.479   -5.633  1.00 36.20 ? 136 ASN A C   1 
ATOM   1079 O O   . ASN A 1 136 ? 14.589  2.535   -5.507  1.00 36.36 ? 136 ASN A O   1 
ATOM   1080 C CB  . ASN A 1 136 ? 13.588  0.584   -7.363  1.00 37.98 ? 136 ASN A CB  1 
ATOM   1081 C CG  . ASN A 1 136 ? 14.223  1.208   -8.539  1.00 40.57 ? 136 ASN A CG  1 
ATOM   1082 O OD1 . ASN A 1 136 ? 15.143  0.637   -9.182  1.00 42.20 ? 136 ASN A OD1 1 
ATOM   1083 N ND2 . ASN A 1 136 ? 13.720  2.368   -8.945  1.00 43.16 ? 136 ASN A ND2 1 
ATOM   1084 N N   . ASN A 1 137 ? 12.459  3.340   -5.115  1.00 36.96 ? 137 ASN A N   1 
ATOM   1085 C CA  . ASN A 1 137 ? 13.059  4.474   -4.315  1.00 38.37 ? 137 ASN A CA  1 
ATOM   1086 C C   . ASN A 1 137 ? 14.054  5.236   -5.210  1.00 39.17 ? 137 ASN A C   1 
ATOM   1087 O O   . ASN A 1 137 ? 15.239  5.381   -4.918  1.00 38.93 ? 137 ASN A O   1 
ATOM   1088 C CB  . ASN A 1 137 ? 13.732  3.774   -3.131  1.00 39.28 ? 137 ASN A CB  1 
ATOM   1089 C CG  . ASN A 1 137 ? 14.223  4.820   -2.111  1.00 40.41 ? 137 ASN A CG  1 
ATOM   1090 O OD1 . ASN A 1 137 ? 13.824  6.001   -2.270  1.00 40.74 ? 137 ASN A OD1 1 
ATOM   1091 N ND2 . ASN A 1 137 ? 14.993  4.344   -1.152  1.00 39.65 ? 137 ASN A ND2 1 
ATOM   1092 N N   . SER A 1 138 ? 13.544  5.718   -6.352  1.00 39.97 ? 138 SER A N   1 
ATOM   1093 C CA  . SER A 1 138 ? 14.364  6.503   -7.321  1.00 41.00 ? 138 SER A CA  1 
ATOM   1094 C C   . SER A 1 138 ? 13.870  7.958   -7.013  1.00 41.37 ? 138 SER A C   1 
ATOM   1095 O O   . SER A 1 138 ? 12.742  8.150   -6.593  1.00 40.62 ? 138 SER A O   1 
ATOM   1096 C CB  . SER A 1 138 ? 14.075  6.260   -8.782  1.00 41.81 ? 138 SER A CB  1 
ATOM   1097 O OG  . SER A 1 138 ? 12.860  7.047   -9.091  1.00 42.78 ? 138 SER A OG  1 
ATOM   1098 N N   . GLY A 1 139 ? 14.797  8.850   -7.205  1.00 42.13 ? 139 GLY A N   1 
ATOM   1099 C CA  . GLY A 1 139 ? 14.701  10.264  -6.926  1.00 41.82 ? 139 GLY A CA  1 
ATOM   1100 C C   . GLY A 1 139 ? 13.288  10.791  -7.010  1.00 41.86 ? 139 GLY A C   1 
ATOM   1101 O O   . GLY A 1 139 ? 12.512  10.496  -7.959  1.00 41.88 ? 139 GLY A O   1 
ATOM   1102 N N   . GLN A 1 140 ? 13.013  11.641  -6.023  1.00 41.20 ? 141 GLN A N   1 
ATOM   1103 C CA  . GLN A 1 140 ? 11.687  12.299  -5.973  1.00 40.10 ? 141 GLN A CA  1 
ATOM   1104 C C   . GLN A 1 140 ? 10.701  11.285  -5.415  1.00 38.14 ? 141 GLN A C   1 
ATOM   1105 O O   . GLN A 1 140 ? 9.829   11.785  -4.696  1.00 37.86 ? 141 GLN A O   1 
ATOM   1106 C CB  . GLN A 1 140 ? 11.147  12.769  -7.309  1.00 42.74 ? 141 GLN A CB  1 
ATOM   1107 C CG  . GLN A 1 140 ? 12.172  13.583  -8.112  1.00 45.53 ? 141 GLN A CG  1 
ATOM   1108 C CD  . GLN A 1 140 ? 11.421  14.664  -8.889  1.00 47.71 ? 141 GLN A CD  1 
ATOM   1109 O OE1 . GLN A 1 140 ? 10.196  14.579  -9.087  1.00 47.99 ? 141 GLN A OE1 1 
ATOM   1110 N NE2 . GLN A 1 140 ? 12.211  15.674  -9.282  1.00 48.76 ? 141 GLN A NE2 1 
ATOM   1111 N N   . ASP A 1 141 ? 10.878  10.025  -5.768  1.00 36.19 ? 142 ASP A N   1 
ATOM   1112 C CA  . ASP A 1 141 ? 9.919   9.034   -5.246  1.00 33.59 ? 142 ASP A CA  1 
ATOM   1113 C C   . ASP A 1 141 ? 9.839   9.270   -3.703  1.00 30.47 ? 142 ASP A C   1 
ATOM   1114 O O   . ASP A 1 141 ? 10.865  9.617   -3.119  1.00 30.75 ? 142 ASP A O   1 
ATOM   1115 C CB  . ASP A 1 141 ? 10.324  7.578   -5.520  1.00 36.09 ? 142 ASP A CB  1 
ATOM   1116 C CG  . ASP A 1 141 ? 10.356  7.187   -6.991  1.00 37.65 ? 142 ASP A CG  1 
ATOM   1117 O OD1 . ASP A 1 141 ? 9.926   8.084   -7.757  1.00 38.51 ? 142 ASP A OD1 1 
ATOM   1118 O OD2 . ASP A 1 141 ? 10.851  6.086   -7.361  1.00 37.95 ? 142 ASP A OD2 1 
ATOM   1119 N N   . ILE A 1 142 ? 8.669   9.061   -3.177  1.00 26.91 ? 143 ILE A N   1 
ATOM   1120 C CA  . ILE A 1 142 ? 8.331   9.104   -1.778  1.00 23.45 ? 143 ILE A CA  1 
ATOM   1121 C C   . ILE A 1 142 ? 7.926   7.696   -1.360  1.00 22.20 ? 143 ILE A C   1 
ATOM   1122 O O   . ILE A 1 142 ? 7.037   7.066   -1.947  1.00 22.09 ? 143 ILE A O   1 
ATOM   1123 C CB  . ILE A 1 142 ? 7.242   10.171  -1.435  1.00 21.16 ? 143 ILE A CB  1 
ATOM   1124 C CG1 . ILE A 1 142 ? 7.873   11.570  -1.785  1.00 20.48 ? 143 ILE A CG1 1 
ATOM   1125 C CG2 . ILE A 1 142 ? 6.666   10.104  -0.029  1.00 18.90 ? 143 ILE A CG2 1 
ATOM   1126 C CD1 . ILE A 1 142 ? 6.769   12.617  -2.167  1.00 20.49 ? 143 ILE A CD1 1 
ATOM   1127 N N   . ILE A 1 143 ? 8.570   7.166   -0.362  1.00 21.66 ? 144 ILE A N   1 
ATOM   1128 C CA  . ILE A 1 143 ? 8.306   5.810   0.118   1.00 21.16 ? 144 ILE A CA  1 
ATOM   1129 C C   . ILE A 1 143 ? 7.965   5.754   1.588   1.00 20.92 ? 144 ILE A C   1 
ATOM   1130 O O   . ILE A 1 143 ? 7.844   4.617   2.012   1.00 20.59 ? 144 ILE A O   1 
ATOM   1131 C CB  . ILE A 1 143 ? 9.540   4.848   -0.152  1.00 20.84 ? 144 ILE A CB  1 
ATOM   1132 C CG1 . ILE A 1 143 ? 10.687  5.140   0.839   1.00 19.28 ? 144 ILE A CG1 1 
ATOM   1133 C CG2 . ILE A 1 143 ? 9.981   4.864   -1.638  1.00 20.49 ? 144 ILE A CG2 1 
ATOM   1134 C CD1 . ILE A 1 143 ? 11.977  4.291   0.595   1.00 17.74 ? 144 ILE A CD1 1 
ATOM   1135 N N   . ASP A 1 144 ? 7.874   6.894   2.234   1.00 21.15 ? 145 ASP A N   1 
ATOM   1136 C CA  . ASP A 1 144 ? 7.589   6.932   3.680   1.00 21.14 ? 145 ASP A CA  1 
ATOM   1137 C C   . ASP A 1 144 ? 6.164   7.472   3.852   1.00 20.60 ? 145 ASP A C   1 
ATOM   1138 O O   . ASP A 1 144 ? 5.764   8.405   3.158   1.00 20.14 ? 145 ASP A O   1 
ATOM   1139 C CB  . ASP A 1 144 ? 8.636   7.762   4.457   1.00 22.83 ? 145 ASP A CB  1 
ATOM   1140 C CG  . ASP A 1 144 ? 10.001  7.123   4.466   1.00 23.11 ? 145 ASP A CG  1 
ATOM   1141 O OD1 . ASP A 1 144 ? 10.242  6.156   5.145   1.00 24.13 ? 145 ASP A OD1 1 
ATOM   1142 O OD2 . ASP A 1 144 ? 10.856  7.523   3.653   1.00 24.63 ? 145 ASP A OD2 1 
ATOM   1143 N N   . PHE A 1 145 ? 5.502   6.836   4.790   1.00 20.37 ? 146 PHE A N   1 
ATOM   1144 C CA  . PHE A 1 145 ? 4.113   7.109   5.109   1.00 20.26 ? 146 PHE A CA  1 
ATOM   1145 C C   . PHE A 1 145 ? 3.960   7.122   6.640   1.00 20.98 ? 146 PHE A C   1 
ATOM   1146 O O   . PHE A 1 145 ? 4.749   6.592   7.372   1.00 21.17 ? 146 PHE A O   1 
ATOM   1147 C CB  . PHE A 1 145 ? 3.170   6.098   4.434   1.00 17.48 ? 146 PHE A CB  1 
ATOM   1148 C CG  . PHE A 1 145 ? 3.180   6.038   2.951   1.00 16.41 ? 146 PHE A CG  1 
ATOM   1149 C CD1 . PHE A 1 145 ? 4.084   5.174   2.281   1.00 15.77 ? 146 PHE A CD1 1 
ATOM   1150 C CD2 . PHE A 1 145 ? 2.221   6.704   2.187   1.00 14.93 ? 146 PHE A CD2 1 
ATOM   1151 C CE1 . PHE A 1 145 ? 4.125   5.075   0.890   1.00 13.85 ? 146 PHE A CE1 1 
ATOM   1152 C CE2 . PHE A 1 145 ? 2.217   6.570   0.785   1.00 14.93 ? 146 PHE A CE2 1 
ATOM   1153 C CZ  . PHE A 1 145 ? 3.169   5.743   0.132   1.00 14.23 ? 146 PHE A CZ  1 
ATOM   1154 N N   . THR A 1 146 ? 2.850   7.720   7.031   1.00 21.63 ? 147 THR A N   1 
ATOM   1155 C CA  . THR A 1 146 ? 2.377   7.893   8.417   1.00 22.11 ? 147 THR A CA  1 
ATOM   1156 C C   . THR A 1 146 ? 1.148   7.024   8.471   1.00 22.33 ? 147 THR A C   1 
ATOM   1157 O O   . THR A 1 146 ? 0.477   6.990   7.430   1.00 21.37 ? 147 THR A O   1 
ATOM   1158 C CB  . THR A 1 146 ? 2.098   9.456   8.596   1.00 23.30 ? 147 THR A CB  1 
ATOM   1159 O OG1 . THR A 1 146 ? 3.201   9.911   9.479   1.00 26.07 ? 147 THR A OG1 1 
ATOM   1160 C CG2 . THR A 1 146 ? 0.815   10.012  8.996   1.00 23.42 ? 147 THR A CG2 1 
ATOM   1161 N N   . MET A 1 147 ? 0.912   6.281   9.534   1.00 23.85 ? 148 MET A N   1 
ATOM   1162 C CA  . MET A 1 147 ? -0.354  5.439   9.513   1.00 25.16 ? 148 MET A CA  1 
ATOM   1163 C C   . MET A 1 147 ? -1.265  6.016   10.611  1.00 25.84 ? 148 MET A C   1 
ATOM   1164 O O   . MET A 1 147 ? -0.727  6.197   11.720  1.00 26.34 ? 148 MET A O   1 
ATOM   1165 C CB  . MET A 1 147 ? 0.024   4.016   9.795   1.00 25.83 ? 148 MET A CB  1 
ATOM   1166 C CG  . MET A 1 147 ? 0.810   3.304   8.769   1.00 26.66 ? 148 MET A CG  1 
ATOM   1167 S SD  . MET A 1 147 ? 0.631   1.492   9.160   1.00 28.19 ? 148 MET A SD  1 
ATOM   1168 C CE  . MET A 1 147 ? 0.930   1.556   10.905  1.00 27.24 ? 148 MET A CE  1 
ATOM   1169 N N   . GLU A 1 148 ? -2.502  6.205   10.376  1.00 26.44 ? 149 GLU A N   1 
ATOM   1170 C CA  . GLU A 1 148 ? -3.502  6.736   11.334  1.00 27.49 ? 149 GLU A CA  1 
ATOM   1171 C C   . GLU A 1 148 ? -4.578  5.701   11.543  1.00 27.49 ? 149 GLU A C   1 
ATOM   1172 O O   . GLU A 1 148 ? -5.273  5.399   10.551  1.00 27.35 ? 149 GLU A O   1 
ATOM   1173 C CB  . GLU A 1 148 ? -4.216  7.937   10.675  1.00 30.52 ? 149 GLU A CB  1 
ATOM   1174 C CG  . GLU A 1 148 ? -5.565  8.414   11.178  1.00 33.90 ? 149 GLU A CG  1 
ATOM   1175 C CD  . GLU A 1 148 ? -6.206  9.541   10.413  1.00 35.61 ? 149 GLU A CD  1 
ATOM   1176 O OE1 . GLU A 1 148 ? -5.386  10.469  10.168  1.00 35.34 ? 149 GLU A OE1 1 
ATOM   1177 O OE2 . GLU A 1 148 ? -7.370  9.578   10.009  1.00 36.80 ? 149 GLU A OE2 1 
ATOM   1178 N N   . SER A 1 149 ? -4.764  5.195   12.706  1.00 28.39 ? 150 SER A N   1 
ATOM   1179 C CA  . SER A 1 149 ? -5.784  4.200   13.051  1.00 29.37 ? 150 SER A CA  1 
ATOM   1180 C C   . SER A 1 149 ? -7.202  4.735   12.866  1.00 29.89 ? 150 SER A C   1 
ATOM   1181 O O   . SER A 1 149 ? -7.464  5.944   13.177  1.00 31.06 ? 150 SER A O   1 
ATOM   1182 C CB  . SER A 1 149 ? -5.665  3.802   14.530  1.00 30.70 ? 150 SER A CB  1 
ATOM   1183 O OG  . SER A 1 149 ? -4.454  3.044   14.590  1.00 33.57 ? 150 SER A OG  1 
ATOM   1184 N N   . VAL A 1 150 ? -8.080  3.885   12.430  1.00 28.93 ? 151 VAL A N   1 
ATOM   1185 C CA  . VAL A 1 150 ? -9.471  4.209   12.203  1.00 29.18 ? 151 VAL A CA  1 
ATOM   1186 C C   . VAL A 1 150 ? -10.283 3.316   13.169  1.00 30.07 ? 151 VAL A C   1 
ATOM   1187 O O   . VAL A 1 150 ? -10.019 2.067   13.165  1.00 30.79 ? 151 VAL A O   1 
ATOM   1188 C CB  . VAL A 1 150 ? -9.856  3.958   10.734  1.00 28.84 ? 151 VAL A CB  1 
ATOM   1189 C CG1 . VAL A 1 150 ? -11.338 4.183   10.540  1.00 28.40 ? 151 VAL A CG1 1 
ATOM   1190 C CG2 . VAL A 1 150 ? -9.107  4.824   9.757   1.00 29.11 ? 151 VAL A CG2 1 
HETATM 1191 O O   . HOH B 2 .   ? -5.364  6.127   3.114   1.00 25.02 ? 201 HOH A O   1 
HETATM 1192 O O   . HOH B 2 .   ? 6.803   2.315   1.129   1.00 18.39 ? 202 HOH A O   1 
HETATM 1193 O O   . HOH B 2 .   ? 3.360   0.267   -10.287 1.00 23.38 ? 203 HOH A O   1 
HETATM 1194 O O   . HOH B 2 .   ? -1.896  -7.220  0.156   1.00 16.53 ? 204 HOH A O   1 
HETATM 1195 O O   . HOH B 2 .   ? 4.707   -8.168  -3.106  1.00 20.05 ? 205 HOH A O   1 
HETATM 1196 O O   . HOH B 2 .   ? 0.047   12.244  -6.633  1.00 27.80 ? 206 HOH A O   1 
HETATM 1197 O O   . HOH B 2 .   ? -3.529  15.504  2.358   1.00 20.73 ? 207 HOH A O   1 
HETATM 1198 O O   . HOH B 2 .   ? 1.531   9.578   -6.749  1.00 26.56 ? 208 HOH A O   1 
HETATM 1199 O O   . HOH B 2 .   ? -5.728  -7.525  4.867   1.00 23.76 ? 211 HOH A O   1 
HETATM 1200 O O   . HOH B 2 .   ? -2.309  2.682   -7.863  1.00 28.87 ? 212 HOH A O   1 
HETATM 1201 O O   . HOH B 2 .   ? 4.216   16.134  -2.951  1.00 27.44 ? 213 HOH A O   1 
HETATM 1202 O O   . HOH B 2 .   ? 2.815   11.912  6.845   0.80 24.63 ? 215 HOH A O   1 
HETATM 1203 O O   . HOH B 2 .   ? 10.419  4.730   -5.387  1.00 35.01 ? 216 HOH A O   1 
HETATM 1204 O O   . HOH B 2 .   ? 3.007   6.285   11.050  1.00 28.50 ? 217 HOH A O   1 
HETATM 1205 O O   . HOH B 2 .   ? -11.004 -5.826  2.719   1.00 28.18 ? 218 HOH A O   1 
HETATM 1206 O O   . HOH B 2 .   ? 6.662   -3.010  11.203  0.80 24.78 ? 219 HOH A O   1 
HETATM 1207 O O   . HOH B 2 .   ? -14.057 7.742   4.498   0.60 35.54 ? 221 HOH A O   1 
HETATM 1208 O O   . HOH B 2 .   ? -11.168 7.013   -2.140  1.00 31.86 ? 223 HOH A O   1 
HETATM 1209 O O   . HOH B 2 .   ? -4.747  -1.707  -10.407 0.80 29.33 ? 224 HOH A O   1 
HETATM 1210 O O   . HOH B 2 .   ? 5.939   0.445   -11.077 0.60 24.18 ? 226 HOH A O   1 
HETATM 1211 O O   . HOH B 2 .   ? -1.535  13.001  8.516   1.00 28.77 ? 227 HOH A O   1 
HETATM 1212 O O   . HOH B 2 .   ? 1.463   19.002  -8.897  0.80 37.77 ? 228 HOH A O   1 
HETATM 1213 O O   . HOH B 2 .   ? -8.138  -8.190  -10.311 0.60 23.48 ? 229 HOH A O   1 
HETATM 1214 O O   . HOH B 2 .   ? 2.561   7.155   -11.112 0.60 31.91 ? 232 HOH A O   1 
HETATM 1215 O O   . HOH B 2 .   ? 1.217   1.932   -10.582 0.80 26.60 ? 233 HOH A O   1 
HETATM 1216 O O   . HOH B 2 .   ? 15.517  0.011   -3.494  0.60 30.21 ? 234 HOH A O   1 
HETATM 1217 O O   . HOH B 2 .   ? -7.152  -12.826 -7.683  0.60 25.15 ? 235 HOH A O   1 
HETATM 1218 O O   . HOH B 2 .   ? -13.918 -14.770 4.063   0.80 33.12 ? 240 HOH A O   1 
HETATM 1219 O O   . HOH B 2 .   ? -9.212  -15.649 -5.617  1.00 27.54 ? 242 HOH A O   1 
HETATM 1220 O O   . HOH B 2 .   ? 10.176  9.202   1.474   1.00 25.50 ? 248 HOH A O   1 
HETATM 1221 O O   . HOH B 2 .   ? 1.601   -14.761 -5.987  0.80 19.33 ? 249 HOH A O   1 
HETATM 1222 O O   . HOH B 2 .   ? 3.418   3.635   12.975  0.80 34.29 ? 250 HOH A O   1 
HETATM 1223 O O   . HOH B 2 .   ? -11.883 2.557   1.682   0.60 24.40 ? 257 HOH A O   1 
HETATM 1224 O O   . HOH B 2 .   ? -6.433  -15.015 -5.569  0.60 29.55 ? 259 HOH A O   1 
HETATM 1225 O O   . HOH B 2 .   ? 3.053   -17.464 -3.610  0.80 30.10 ? 260 HOH A O   1 
HETATM 1226 O O   . HOH B 2 .   ? 10.845  -13.182 -3.690  1.00 36.81 ? 263 HOH A O   1 
HETATM 1227 O O   . HOH B 2 .   ? 15.279  -4.426  -8.320  0.40 26.38 ? 266 HOH A O   1 
HETATM 1228 O O   . HOH B 2 .   ? -11.800 8.114   5.313   1.00 33.78 ? 270 HOH A O   1 
HETATM 1229 O O   . HOH B 2 .   ? 7.285   -2.500  13.556  0.40 32.39 ? 301 HOH A O   1 
HETATM 1230 O O   . HOH B 2 .   ? 12.980  1.611   -13.544 1.00 47.07 ? 302 HOH A O   1 
HETATM 1231 O O   . HOH B 2 .   ? 13.813  1.511   -11.174 1.00 45.09 ? 303 HOH A O   1 
HETATM 1232 O O   . HOH B 2 .   ? -3.453  -12.296 6.283   1.00 25.75 ? 305 HOH A O   1 
HETATM 1233 O O   . HOH B 2 .   ? 8.284   -12.050 3.326   1.00 38.79 ? 308 HOH A O   1 
HETATM 1234 O O   . HOH B 2 .   ? 3.473   -8.127  -18.670 0.60 33.90 ? 311 HOH A O   1 
HETATM 1235 O O   . HOH B 2 .   ? 2.738   4.658   -12.474 0.80 35.38 ? 314 HOH A O   1 
HETATM 1236 O O   . HOH B 2 .   ? -12.001 -4.956  6.000   0.60 27.56 ? 319 HOH A O   1 
HETATM 1237 O O   . HOH B 2 .   ? 11.593  11.572  -2.009  0.60 33.16 ? 324 HOH A O   1 
HETATM 1238 O O   . HOH B 2 .   ? 5.352   -14.559 3.412   1.00 42.16 ? 325 HOH A O   1 
HETATM 1239 O O   . HOH B 2 .   ? 5.740   -15.378 -8.959  0.80 37.47 ? 326 HOH A O   1 
HETATM 1240 O O   . HOH B 2 .   ? -3.905  7.219   -14.675 1.00 38.78 ? 328 HOH A O   1 
HETATM 1241 O O   . HOH B 2 .   ? -13.638 7.418   -4.210  1.00 37.34 ? 331 HOH A O   1 
HETATM 1242 O O   . HOH B 2 .   ? 14.001  0.761   4.021   0.60 25.44 ? 334 HOH A O   1 
HETATM 1243 O O   . HOH B 2 .   ? -1.003  -17.573 10.576  1.00 40.56 ? 343 HOH A O   1 
HETATM 1244 O O   . HOH B 2 .   ? -15.114 3.512   7.984   1.00 42.50 ? 352 HOH A O   1 
HETATM 1245 O O   . HOH B 2 .   ? 13.284  8.126   0.115   0.80 36.56 ? 355 HOH A O   1 
HETATM 1246 O O   . HOH B 2 .   ? -2.871  0.331   -8.955  0.80 26.85 ? 357 HOH A O   1 
HETATM 1247 O O   . HOH B 2 .   ? -12.742 5.548   -1.161  0.60 34.08 ? 359 HOH A O   1 
HETATM 1248 O O   . HOH B 2 .   ? 3.517   -16.105 1.265   0.60 35.24 ? 363 HOH A O   1 
HETATM 1249 O O   . HOH B 2 .   ? 15.415  2.885   0.120   0.60 44.19 ? 365 HOH A O   1 
HETATM 1250 O O   . HOH B 2 .   ? 13.478  6.572   3.158   0.40 27.45 ? 366 HOH A O   1 
HETATM 1251 O O   . HOH B 2 .   ? -13.529 -1.419  -10.371 0.60 32.63 ? 372 HOH A O   1 
HETATM 1252 O O   . HOH B 2 .   ? -13.761 -10.912 4.668   0.80 34.61 ? 373 HOH A O   1 
HETATM 1253 O O   . HOH B 2 .   ? -14.975 2.957   4.228   0.60 48.49 ? 374 HOH A O   1 
HETATM 1254 O O   . HOH B 2 .   ? -2.689  2.253   16.282  0.80 37.89 ? 378 HOH A O   1 
HETATM 1255 O O   . HOH B 2 .   ? -2.522  9.895   15.285  0.60 36.84 ? 379 HOH A O   1 
HETATM 1256 O O   . HOH B 2 .   ? -5.560  10.168  14.203  0.40 36.11 ? 381 HOH A O   1 
HETATM 1257 O O   . HOH B 2 .   ? -3.149  -0.882  6.703   0.40 21.59 ? 400 HOH A O   1 
HETATM 1258 O O   . HOH B 2 .   ? -6.758  23.787  5.089   0.80 30.12 ? 401 HOH A O   1 
HETATM 1259 O O   . HOH B 2 .   ? -12.564 -10.461 1.106   0.60 30.74 ? 402 HOH A O   1 
HETATM 1260 O O   . HOH B 2 .   ? 8.059   2.791   -11.727 0.60 25.72 ? 406 HOH A O   1 
HETATM 1261 O O   . HOH B 2 .   ? -3.194  9.678   7.837   0.80 31.06 ? 436 HOH A O   1 
HETATM 1262 O O   . HOH B 2 .   ? -6.294  -8.634  -11.836 0.40 25.09 ? 438 HOH A O   1 
HETATM 1263 O O   . HOH B 2 .   ? -12.308 -15.683 5.521   0.80 37.29 ? 440 HOH A O   1 
HETATM 1264 O O   . HOH B 2 .   ? 7.077   10.118  -10.124 0.60 26.51 ? 441 HOH A O   1 
HETATM 1265 O O   . HOH B 2 .   ? -3.912  -20.778 6.987   0.80 46.74 ? 451 HOH A O   1 
HETATM 1266 O O   . HOH B 2 .   ? 14.718  -2.705  1.786   0.60 28.13 ? 453 HOH A O   1 
HETATM 1267 O O   . HOH B 2 .   ? -2.441  -11.265 -10.832 0.60 29.96 ? 466 HOH A O   1 
HETATM 1268 O O   . HOH B 2 .   ? -1.501  -9.417  -13.906 0.80 36.82 ? 467 HOH A O   1 
HETATM 1269 O O   . HOH B 2 .   ? -3.528  6.782   15.097  0.80 33.40 ? 474 HOH A O   1 
HETATM 1270 O O   . HOH B 2 .   ? 7.418   7.453   16.910  0.80 41.96 ? 503 HOH A O   1 
HETATM 1271 O O   . HOH B 2 .   ? 5.368   -18.904 -9.129  0.80 45.91 ? 506 HOH A O   1 
HETATM 1272 O O   . HOH B 2 .   ? 5.845   -16.113 -6.001  0.80 36.24 ? 511 HOH A O   1 
HETATM 1273 O O   . HOH B 2 .   ? -8.505  -0.640  13.707  0.60 28.43 ? 514 HOH A O   1 
HETATM 1274 O O   . HOH B 2 .   ? -4.855  0.422   -13.562 1.00 45.48 ? 526 HOH A O   1 
HETATM 1275 O O   . HOH B 2 .   ? 13.486  -9.592  1.401   0.80 43.36 ? 527 HOH A O   1 
HETATM 1276 O O   . HOH B 2 .   ? -2.109  -1.877  -13.467 0.80 45.93 ? 550 HOH A O   1 
# 
